data_3PW3
#
_entry.id   3PW3
#
_cell.length_a   104.592
_cell.length_b   137.810
_cell.length_c   223.165
_cell.angle_alpha   90.000
_cell.angle_beta   90.000
_cell.angle_gamma   90.000
#
_symmetry.space_group_name_H-M   'P 21 21 21'
#
loop_
_entity.id
_entity.type
_entity.pdbx_description
1 polymer 'Aminopeptidase C'
2 non-polymer 'ZINC ION'
3 non-polymer 'POTASSIUM ION'
4 non-polymer 'CHLORIDE ION'
5 non-polymer 1,2-ETHANEDIOL
6 non-polymer 'ACETATE ION'
7 water water
#
_entity_poly.entity_id   1
_entity_poly.type   'polypeptide(L)'
_entity_poly.pdbx_seq_one_letter_code
;GDTEKKVSEEGFVFTTVKENPITSVKNQNRAGTCWCYSSYSFLESELLR(MSE)GKGEYDLSE(MSE)FTVYNTYLDRAD
AAVRTHGDVSFSQGGSFYDALYG(MSE)ETFGLVPEEE(MSE)RPG(MSE)(MSE)YADTLSNHTELSALTDA(MSE)VA
AIAKGKLRKLQSDENNA(MSE)LWKKAVAAVHQIYLGVPPEKFTYKGKEYTPKSFFESTGLKASDYVSLTSYTHHPFYTQ
FPLEIQDNWRHG(MSE)SYNLPLDEF(MSE)EVFDNAINTGYTIAWGSDVSESGFTRDGVAV(MSE)PDDEKVQELSGSD
(MSE)AHWLKLKPEEKKLNTKPQPQKWCTQAERQLAYDNYETTDDHG(MSE)QIYGIAKDQEGNEYY(MSE)VKNSWGTN
SKYNGIWYASKAFVRYKT(MSE)NIVVHKDALPKAIKAKLGIK
;
_entity_poly.pdbx_strand_id   A,B,C,D,E,F
#
# COMPACT_ATOMS: atom_id res chain seq x y z
N GLU A 10 3.87 48.81 -19.40
CA GLU A 10 2.50 48.57 -18.85
C GLU A 10 2.56 47.55 -17.70
N GLY A 11 2.70 48.04 -16.45
CA GLY A 11 2.60 47.21 -15.24
C GLY A 11 1.60 47.79 -14.24
N PHE A 12 1.82 47.56 -12.95
CA PHE A 12 1.00 48.15 -11.90
C PHE A 12 1.76 49.29 -11.22
N VAL A 13 1.09 50.40 -10.96
CA VAL A 13 1.64 51.42 -10.07
C VAL A 13 0.60 51.67 -8.97
N PHE A 14 0.99 51.45 -7.72
CA PHE A 14 0.08 51.55 -6.59
C PHE A 14 0.27 52.81 -5.78
N THR A 15 -0.86 53.39 -5.33
CA THR A 15 -0.87 54.51 -4.40
C THR A 15 -1.66 54.14 -3.16
N THR A 16 -1.04 54.25 -1.99
CA THR A 16 -1.71 54.00 -0.72
C THR A 16 -2.83 55.02 -0.51
N VAL A 17 -4.01 54.53 -0.20
CA VAL A 17 -5.11 55.39 0.17
C VAL A 17 -5.08 55.52 1.67
N LYS A 18 -5.02 54.39 2.35
CA LYS A 18 -4.85 54.40 3.80
C LYS A 18 -4.19 53.10 4.27
N GLU A 19 -3.28 53.22 5.23
CA GLU A 19 -2.64 52.06 5.83
C GLU A 19 -2.39 52.29 7.31
N ASN A 20 -2.51 51.22 8.07
CA ASN A 20 -2.37 51.28 9.49
C ASN A 20 -1.03 50.64 9.90
N PRO A 21 -0.49 51.03 11.07
CA PRO A 21 0.84 50.57 11.46
C PRO A 21 1.02 49.06 11.62
N ILE A 22 2.10 48.55 11.04
CA ILE A 22 2.44 47.14 11.09
C ILE A 22 3.88 47.00 11.57
N THR A 23 4.24 45.82 12.04
CA THR A 23 5.64 45.54 12.40
C THR A 23 6.33 45.02 11.13
N SER A 24 7.60 44.71 11.28
CA SER A 24 8.43 44.26 10.17
C SER A 24 7.96 42.95 9.58
N VAL A 25 8.27 42.77 8.30
CA VAL A 25 7.93 41.55 7.58
C VAL A 25 8.80 40.38 8.07
N LYS A 26 8.15 39.28 8.40
CA LYS A 26 8.82 38.10 8.92
C LYS A 26 8.89 37.04 7.83
N ASN A 27 9.62 35.97 8.10
CA ASN A 27 9.80 34.89 7.12
C ASN A 27 9.59 33.52 7.78
N GLN A 28 8.46 32.87 7.45
CA GLN A 28 8.14 31.55 8.02
C GLN A 28 9.04 30.44 7.43
N ASN A 29 9.67 30.77 6.30
CA ASN A 29 10.55 29.84 5.58
C ASN A 29 9.90 28.47 5.34
N ARG A 30 10.58 27.39 5.72
CA ARG A 30 10.16 26.04 5.31
C ARG A 30 9.30 25.34 6.36
N ALA A 31 8.12 25.90 6.59
CA ALA A 31 7.15 25.35 7.51
C ALA A 31 5.80 26.00 7.19
N GLY A 32 4.70 25.27 7.40
CA GLY A 32 3.36 25.80 7.11
C GLY A 32 2.75 26.57 8.27
N THR A 33 3.53 27.48 8.84
CA THR A 33 3.18 28.14 10.10
C THR A 33 2.63 29.57 9.89
N CYS A 34 2.14 29.85 8.69
CA CYS A 34 1.60 31.14 8.35
C CYS A 34 0.44 31.55 9.23
N TRP A 35 -0.33 30.57 9.71
CA TRP A 35 -1.42 30.86 10.63
C TRP A 35 -0.92 31.59 11.89
N CYS A 36 0.28 31.25 12.34
CA CYS A 36 0.84 31.88 13.55
C CYS A 36 1.56 33.17 13.25
N TYR A 37 2.32 33.21 12.16
CA TYR A 37 2.98 34.45 11.74
C TYR A 37 1.97 35.56 11.46
N SER A 38 0.93 35.25 10.69
CA SER A 38 -0.10 36.23 10.39
C SER A 38 -0.87 36.63 11.62
N SER A 39 -1.15 35.67 12.51
CA SER A 39 -1.85 35.99 13.76
C SER A 39 -1.03 36.97 14.57
N TYR A 40 0.27 36.78 14.58
CA TYR A 40 1.13 37.63 15.37
C TYR A 40 1.42 38.96 14.72
N SER A 41 1.45 39.02 13.40
CA SER A 41 1.48 40.34 12.73
C SER A 41 0.24 41.13 13.11
N PHE A 42 -0.91 40.45 13.11
CA PHE A 42 -2.19 41.05 13.49
C PHE A 42 -2.17 41.51 14.95
N LEU A 43 -1.79 40.63 15.86
CA LEU A 43 -1.78 40.99 17.26
C LEU A 43 -0.76 42.08 17.57
N GLU A 44 0.39 42.07 16.88
CA GLU A 44 1.37 43.16 17.04
C GLU A 44 0.84 44.51 16.54
N SER A 45 0.08 44.51 15.46
CA SER A 45 -0.64 45.72 15.04
C SER A 45 -1.69 46.17 16.05
N GLU A 46 -2.39 45.22 16.65
CA GLU A 46 -3.33 45.53 17.70
C GLU A 46 -2.64 46.19 18.88
N LEU A 47 -1.49 45.66 19.28
CA LEU A 47 -0.74 46.24 20.38
C LEU A 47 -0.29 47.68 20.06
N LEU A 48 0.12 47.93 18.82
CA LEU A 48 0.47 49.29 18.41
C LEU A 48 -0.74 50.20 18.49
N ARG A 49 -1.88 49.70 17.99
CA ARG A 49 -3.14 50.46 17.99
C ARG A 49 -3.59 50.79 19.42
N GLY A 51 -1.73 51.32 21.97
CA GLY A 51 -0.77 52.15 22.72
C GLY A 51 0.20 51.40 23.57
N LYS A 52 0.45 50.14 23.24
CA LYS A 52 1.36 49.30 24.02
C LYS A 52 2.75 49.22 23.39
N GLY A 53 2.92 49.81 22.22
CA GLY A 53 4.23 49.79 21.57
C GLY A 53 4.49 48.54 20.72
N GLU A 54 5.75 48.39 20.32
CA GLU A 54 6.17 47.41 19.34
C GLU A 54 6.66 46.13 20.03
N TYR A 55 6.07 45.01 19.64
CA TYR A 55 6.43 43.72 20.17
C TYR A 55 6.85 42.80 19.05
N ASP A 56 7.71 41.84 19.39
CA ASP A 56 8.04 40.76 18.47
C ASP A 56 7.79 39.45 19.24
N LEU A 57 6.66 38.83 18.98
CA LEU A 57 6.22 37.68 19.76
C LEU A 57 6.79 36.40 19.13
N SER A 58 7.03 35.38 19.95
CA SER A 58 7.59 34.12 19.45
C SER A 58 6.54 33.19 18.85
N GLU A 59 6.56 33.08 17.52
CA GLU A 59 5.74 32.09 16.83
C GLU A 59 6.08 30.70 17.26
N PHE A 61 7.02 29.40 20.06
CA PHE A 61 6.44 29.00 21.33
C PHE A 61 5.02 28.49 21.12
N THR A 62 4.24 29.24 20.34
CA THR A 62 2.85 28.91 20.10
C THR A 62 2.68 27.75 19.14
N VAL A 63 3.55 27.67 18.14
CA VAL A 63 3.55 26.50 17.24
C VAL A 63 3.80 25.22 18.03
N TYR A 64 4.80 25.26 18.92
CA TYR A 64 5.11 24.15 19.78
C TYR A 64 3.88 23.68 20.55
N ASN A 65 3.27 24.56 21.32
CA ASN A 65 2.14 24.16 22.15
C ASN A 65 0.92 23.73 21.34
N THR A 66 0.68 24.39 20.21
CA THR A 66 -0.45 24.03 19.39
C THR A 66 -0.28 22.62 18.83
N TYR A 67 0.94 22.28 18.38
CA TYR A 67 1.16 20.96 17.84
C TYR A 67 0.93 19.87 18.88
N LEU A 68 1.25 20.13 20.14
CA LEU A 68 1.02 19.14 21.16
C LEU A 68 -0.49 18.91 21.33
N ASP A 69 -1.29 19.98 21.28
CA ASP A 69 -2.75 19.84 21.34
C ASP A 69 -3.27 19.14 20.08
N ARG A 70 -2.71 19.46 18.93
CA ARG A 70 -3.18 18.85 17.68
C ARG A 70 -2.89 17.35 17.68
N ALA A 71 -1.75 16.96 18.23
CA ALA A 71 -1.42 15.52 18.38
C ALA A 71 -2.43 14.84 19.28
N ASP A 72 -2.76 15.49 20.38
CA ASP A 72 -3.78 14.96 21.31
C ASP A 72 -5.13 14.80 20.61
N ALA A 73 -5.55 15.78 19.83
CA ALA A 73 -6.78 15.69 19.09
C ALA A 73 -6.75 14.53 18.07
N ALA A 74 -5.61 14.35 17.42
CA ALA A 74 -5.45 13.22 16.48
C ALA A 74 -5.61 11.91 17.20
N VAL A 75 -4.97 11.79 18.35
CA VAL A 75 -5.04 10.54 19.09
C VAL A 75 -6.44 10.28 19.63
N ARG A 76 -7.07 11.29 20.19
CA ARG A 76 -8.43 11.08 20.73
C ARG A 76 -9.43 10.67 19.65
N THR A 77 -9.26 11.18 18.44
CA THR A 77 -10.15 10.83 17.34
C THR A 77 -9.64 9.69 16.46
N HIS A 78 -8.67 8.94 16.95
CA HIS A 78 -8.11 7.81 16.21
C HIS A 78 -7.77 8.17 14.78
N GLY A 79 -7.19 9.35 14.61
CA GLY A 79 -6.65 9.76 13.33
C GLY A 79 -7.53 10.64 12.46
N ASP A 80 -8.79 10.84 12.86
CA ASP A 80 -9.66 11.69 12.07
C ASP A 80 -9.09 13.11 12.00
N VAL A 81 -8.76 13.72 13.15
CA VAL A 81 -8.08 15.00 13.10
C VAL A 81 -6.72 14.76 12.50
N SER A 82 -6.47 15.34 11.34
CA SER A 82 -5.17 15.19 10.68
C SER A 82 -4.11 15.92 11.50
N PHE A 83 -2.89 15.41 11.46
CA PHE A 83 -1.77 16.00 12.15
C PHE A 83 -0.84 16.57 11.09
N SER A 84 -0.73 17.89 11.06
CA SER A 84 0.05 18.57 10.04
C SER A 84 0.45 19.94 10.60
N GLN A 85 1.13 20.72 9.77
CA GLN A 85 1.78 21.92 10.23
C GLN A 85 0.85 23.14 10.35
N GLY A 86 -0.30 23.09 9.70
CA GLY A 86 -1.20 24.22 9.64
C GLY A 86 -1.94 24.50 10.93
N GLY A 87 -2.82 25.47 10.88
CA GLY A 87 -3.60 25.89 12.04
C GLY A 87 -4.51 27.07 11.66
N SER A 88 -5.01 27.76 12.66
CA SER A 88 -5.97 28.80 12.48
C SER A 88 -5.66 30.00 13.33
N PHE A 89 -6.34 31.10 13.06
CA PHE A 89 -6.28 32.26 13.91
C PHE A 89 -6.72 31.94 15.31
N TYR A 90 -7.74 31.10 15.42
CA TYR A 90 -8.24 30.71 16.73
C TYR A 90 -7.16 29.95 17.54
N ASP A 91 -6.31 29.15 16.88
CA ASP A 91 -5.20 28.50 17.58
C ASP A 91 -4.34 29.54 18.33
N ALA A 92 -4.07 30.66 17.68
CA ALA A 92 -3.26 31.73 18.30
C ALA A 92 -3.99 32.41 19.46
N LEU A 93 -5.28 32.67 19.28
CA LEU A 93 -6.07 33.33 20.32
C LEU A 93 -6.32 32.40 21.51
N TYR A 94 -6.63 31.14 21.24
CA TYR A 94 -6.73 30.14 22.28
C TYR A 94 -5.39 30.03 22.98
N GLY A 95 -4.33 30.00 22.19
CA GLY A 95 -2.99 29.78 22.71
C GLY A 95 -2.55 30.84 23.69
N GLU A 97 -4.21 32.77 25.64
CA GLU A 97 -4.98 32.64 26.86
C GLU A 97 -4.63 31.36 27.65
N THR A 98 -4.18 30.31 26.96
CA THR A 98 -3.97 29.01 27.58
C THR A 98 -2.50 28.77 27.92
N PHE A 99 -1.61 29.04 26.97
CA PHE A 99 -0.16 28.85 27.17
C PHE A 99 0.60 30.11 27.54
N GLY A 100 0.06 31.27 27.17
CA GLY A 100 0.77 32.54 27.34
C GLY A 100 1.48 33.00 26.09
N LEU A 101 2.37 33.97 26.25
CA LEU A 101 3.16 34.54 25.13
C LEU A 101 4.58 34.69 25.59
N VAL A 102 5.53 34.60 24.66
CA VAL A 102 6.91 34.89 24.97
C VAL A 102 7.54 35.69 23.84
N PRO A 103 8.54 36.52 24.17
CA PRO A 103 9.23 37.32 23.17
C PRO A 103 10.04 36.44 22.23
N GLU A 104 10.18 36.89 21.00
CA GLU A 104 10.90 36.17 19.95
C GLU A 104 12.21 35.60 20.44
N GLU A 105 13.00 36.41 21.12
CA GLU A 105 14.35 36.03 21.49
C GLU A 105 14.40 34.85 22.47
N GLU A 106 13.31 34.57 23.16
CA GLU A 106 13.27 33.43 24.06
C GLU A 106 13.07 32.08 23.34
N ARG A 108 13.61 31.18 19.19
CA ARG A 108 13.78 31.63 17.83
C ARG A 108 13.72 30.45 16.86
N PRO A 109 13.26 30.70 15.63
CA PRO A 109 13.29 29.66 14.60
C PRO A 109 14.71 29.24 14.25
N GLY A 110 14.90 27.95 14.01
CA GLY A 110 16.19 27.46 13.49
C GLY A 110 17.31 27.16 14.45
N TYR A 113 19.05 23.65 15.00
CA TYR A 113 19.79 23.07 13.89
C TYR A 113 20.66 24.11 13.17
N ALA A 114 21.18 25.06 13.95
CA ALA A 114 22.23 25.98 13.51
C ALA A 114 21.78 26.88 12.36
N ASP A 115 20.51 27.23 12.34
CA ASP A 115 19.95 28.16 11.35
C ASP A 115 19.26 29.32 12.10
N THR A 116 18.79 30.31 11.35
CA THR A 116 17.99 31.41 11.92
C THR A 116 16.58 31.46 11.31
N LEU A 117 16.25 30.53 10.43
CA LEU A 117 14.91 30.40 9.87
C LEU A 117 14.42 28.96 10.02
N SER A 118 13.11 28.78 10.09
CA SER A 118 12.53 27.45 10.25
C SER A 118 12.77 26.52 9.06
N ASN A 119 13.03 25.26 9.38
CA ASN A 119 12.85 24.14 8.45
C ASN A 119 12.32 22.94 9.20
N HIS A 120 11.04 22.66 9.04
CA HIS A 120 10.37 21.68 9.89
C HIS A 120 10.09 20.37 9.20
N THR A 121 10.77 20.11 8.08
CA THR A 121 10.50 18.90 7.30
C THR A 121 10.83 17.65 8.09
N GLU A 122 11.96 17.66 8.77
CA GLU A 122 12.41 16.48 9.50
C GLU A 122 11.56 16.30 10.75
N LEU A 123 11.32 17.39 11.47
CA LEU A 123 10.41 17.36 12.61
C LEU A 123 9.04 16.74 12.25
N SER A 124 8.47 17.18 11.14
CA SER A 124 7.21 16.60 10.68
C SER A 124 7.34 15.13 10.30
N ALA A 125 8.42 14.77 9.61
CA ALA A 125 8.60 13.37 9.20
C ALA A 125 8.59 12.48 10.46
N LEU A 126 9.26 12.91 11.53
CA LEU A 126 9.26 12.15 12.78
C LEU A 126 7.93 12.21 13.52
N THR A 127 7.38 13.41 13.71
CA THR A 127 6.20 13.56 14.55
C THR A 127 4.94 13.03 13.88
N ASP A 128 4.83 13.19 12.56
CA ASP A 128 3.71 12.58 11.83
C ASP A 128 3.73 11.07 12.00
N ALA A 129 4.88 10.47 11.87
CA ALA A 129 4.99 9.03 11.99
C ALA A 129 4.66 8.58 13.42
N VAL A 131 2.71 10.20 15.74
CA VAL A 131 1.31 10.39 16.00
C VAL A 131 0.48 9.30 15.29
N ALA A 132 0.83 8.97 14.05
CA ALA A 132 0.12 7.94 13.30
C ALA A 132 0.29 6.56 13.96
N ALA A 133 1.46 6.29 14.52
CA ALA A 133 1.68 4.99 15.16
C ALA A 133 0.77 4.82 16.40
N ILE A 134 0.42 5.92 17.06
CA ILE A 134 -0.53 5.87 18.17
C ILE A 134 -1.97 5.95 17.66
N ALA A 135 -2.28 6.97 16.88
CA ALA A 135 -3.65 7.29 16.46
C ALA A 135 -4.26 6.27 15.52
N LYS A 136 -3.44 5.71 14.64
CA LYS A 136 -3.95 4.84 13.58
C LYS A 136 -3.40 3.43 13.67
N GLY A 137 -2.66 3.13 14.74
CA GLY A 137 -2.10 1.81 14.88
C GLY A 137 -3.01 0.84 15.62
N LYS A 138 -2.40 -0.21 16.14
CA LYS A 138 -3.13 -1.30 16.76
C LYS A 138 -2.97 -1.35 18.30
N LEU A 139 -2.40 -0.32 18.90
CA LEU A 139 -2.26 -0.30 20.36
C LEU A 139 -3.66 -0.23 21.02
N ARG A 140 -3.91 -1.13 21.96
CA ARG A 140 -5.22 -1.24 22.58
C ARG A 140 -5.27 -0.51 23.92
N LYS A 141 -4.10 -0.26 24.51
CA LYS A 141 -3.99 0.43 25.79
C LYS A 141 -2.72 1.25 25.85
N LEU A 142 -2.82 2.57 25.83
CA LEU A 142 -1.65 3.42 25.82
C LEU A 142 -1.05 3.48 27.22
N GLN A 143 0.27 3.58 27.30
CA GLN A 143 0.95 3.48 28.60
C GLN A 143 0.94 4.81 29.34
N SER A 144 0.91 4.72 30.66
CA SER A 144 0.92 5.90 31.53
C SER A 144 1.79 5.69 32.74
N ASP A 145 2.22 6.78 33.36
CA ASP A 145 3.03 6.69 34.60
C ASP A 145 2.14 6.66 35.82
N GLU A 146 2.74 6.76 37.00
CA GLU A 146 2.03 6.54 38.26
C GLU A 146 1.06 7.71 38.53
N ASN A 147 1.28 8.86 37.89
CA ASN A 147 0.35 9.99 37.98
C ASN A 147 -0.65 10.05 36.82
N ASN A 148 -0.83 8.95 36.09
CA ASN A 148 -1.69 8.91 34.91
C ASN A 148 -1.32 9.85 33.77
N ALA A 149 -0.07 10.31 33.72
CA ALA A 149 0.41 11.09 32.58
C ALA A 149 0.82 10.11 31.47
N LEU A 151 2.69 8.43 28.39
CA LEU A 151 4.07 8.40 27.90
C LEU A 151 4.19 8.90 26.47
N TRP A 152 3.20 8.62 25.62
CA TRP A 152 3.33 9.03 24.22
C TRP A 152 3.37 10.55 24.14
N LYS A 153 2.63 11.23 25.03
CA LYS A 153 2.64 12.70 25.03
C LYS A 153 4.00 13.23 25.42
N LYS A 154 4.66 12.58 26.38
CA LYS A 154 6.00 12.99 26.79
C LYS A 154 6.95 12.84 25.60
N ALA A 155 6.78 11.77 24.84
CA ALA A 155 7.62 11.48 23.68
C ALA A 155 7.48 12.55 22.63
N VAL A 156 6.25 12.88 22.29
CA VAL A 156 6.01 13.88 21.25
C VAL A 156 6.49 15.24 21.72
N ALA A 157 6.29 15.57 22.98
CA ALA A 157 6.78 16.86 23.52
C ALA A 157 8.30 16.90 23.43
N ALA A 158 8.97 15.83 23.88
CA ALA A 158 10.44 15.81 23.85
C ALA A 158 10.99 16.01 22.46
N VAL A 159 10.39 15.35 21.47
CA VAL A 159 10.87 15.45 20.09
C VAL A 159 10.64 16.87 19.57
N HIS A 160 9.49 17.46 19.84
CA HIS A 160 9.26 18.83 19.43
C HIS A 160 10.28 19.78 20.08
N GLN A 161 10.64 19.57 21.34
CA GLN A 161 11.65 20.42 21.98
C GLN A 161 13.03 20.31 21.32
N ILE A 162 13.38 19.12 20.86
CA ILE A 162 14.65 18.90 20.20
C ILE A 162 14.76 19.69 18.93
N TYR A 163 13.67 19.85 18.20
CA TYR A 163 13.70 20.61 16.94
C TYR A 163 13.31 22.08 17.08
N LEU A 164 12.47 22.42 18.04
CA LEU A 164 11.92 23.79 18.15
C LEU A 164 12.51 24.60 19.30
N GLY A 165 13.02 23.92 20.34
CA GLY A 165 13.58 24.56 21.52
C GLY A 165 12.79 24.26 22.79
N VAL A 166 13.37 24.57 23.94
CA VAL A 166 12.75 24.37 25.24
C VAL A 166 11.95 25.61 25.57
N PRO A 167 10.63 25.50 25.78
CA PRO A 167 9.89 26.70 26.13
C PRO A 167 10.25 27.16 27.53
N PRO A 168 10.46 28.47 27.72
CA PRO A 168 10.92 28.95 29.01
C PRO A 168 9.81 28.97 30.04
N GLU A 169 10.14 28.68 31.27
CA GLU A 169 9.20 28.83 32.37
C GLU A 169 9.23 30.23 32.93
N LYS A 170 10.42 30.85 32.92
CA LYS A 170 10.63 32.21 33.38
C LYS A 170 11.62 32.86 32.43
N PHE A 171 11.52 34.17 32.27
CA PHE A 171 12.49 34.90 31.50
C PHE A 171 12.45 36.36 31.85
N THR A 172 13.49 37.08 31.43
CA THR A 172 13.59 38.50 31.69
C THR A 172 13.43 39.24 30.40
N TYR A 173 12.58 40.26 30.41
CA TYR A 173 12.37 41.08 29.24
C TYR A 173 12.28 42.53 29.67
N LYS A 174 13.19 43.34 29.14
CA LYS A 174 13.27 44.77 29.45
C LYS A 174 13.26 45.03 30.94
N GLY A 175 14.13 44.30 31.64
CA GLY A 175 14.34 44.50 33.07
C GLY A 175 13.38 43.82 34.03
N LYS A 176 12.37 43.13 33.50
CA LYS A 176 11.36 42.52 34.35
C LYS A 176 11.28 41.02 34.12
N GLU A 177 11.04 40.28 35.19
CA GLU A 177 10.88 38.84 35.10
C GLU A 177 9.41 38.46 34.82
N TYR A 178 9.20 37.55 33.88
CA TYR A 178 7.87 37.09 33.53
C TYR A 178 7.81 35.59 33.45
N THR A 179 6.58 35.05 33.55
CA THR A 179 6.26 33.75 32.99
C THR A 179 5.56 34.02 31.67
N PRO A 180 5.35 32.98 30.84
CA PRO A 180 4.57 33.23 29.64
C PRO A 180 3.18 33.75 29.93
N LYS A 181 2.57 33.26 31.00
CA LYS A 181 1.26 33.75 31.40
C LYS A 181 1.33 35.23 31.82
N SER A 182 2.28 35.59 32.66
CA SER A 182 2.34 36.99 33.14
C SER A 182 2.77 37.94 32.02
N PHE A 183 3.56 37.46 31.08
CA PHE A 183 3.88 38.26 29.90
C PHE A 183 2.62 38.52 29.06
N PHE A 184 1.80 37.49 28.88
CA PHE A 184 0.54 37.67 28.16
C PHE A 184 -0.34 38.67 28.88
N GLU A 185 -0.43 38.53 30.18
CA GLU A 185 -1.24 39.46 30.99
C GLU A 185 -0.76 40.88 30.83
N SER A 186 0.56 41.09 30.72
CA SER A 186 1.11 42.45 30.59
C SER A 186 0.73 43.10 29.27
N THR A 187 0.38 42.33 28.25
CA THR A 187 0.00 42.90 26.95
C THR A 187 -1.40 43.52 26.94
N GLY A 188 -2.28 43.06 27.84
CA GLY A 188 -3.68 43.51 27.87
C GLY A 188 -4.56 42.90 26.79
N LEU A 189 -4.02 42.01 25.96
CA LEU A 189 -4.82 41.37 24.93
C LEU A 189 -5.85 40.43 25.55
N LYS A 190 -7.01 40.33 24.92
CA LYS A 190 -8.05 39.38 25.32
C LYS A 190 -8.62 38.67 24.10
N ALA A 191 -8.69 37.34 24.15
CA ALA A 191 -9.31 36.58 23.06
C ALA A 191 -10.73 37.03 22.81
N SER A 192 -11.45 37.36 23.87
CA SER A 192 -12.87 37.75 23.73
C SER A 192 -13.09 39.08 23.00
N ASP A 193 -12.04 39.86 22.79
CA ASP A 193 -12.13 41.07 21.98
C ASP A 193 -12.26 40.78 20.49
N TYR A 194 -11.97 39.55 20.08
CA TYR A 194 -11.80 39.24 18.63
C TYR A 194 -12.89 38.31 18.13
N VAL A 195 -13.32 38.53 16.88
CA VAL A 195 -14.34 37.68 16.26
C VAL A 195 -13.89 37.22 14.91
N SER A 196 -14.26 35.99 14.59
CA SER A 196 -14.04 35.41 13.29
C SER A 196 -15.31 35.57 12.46
N LEU A 197 -15.15 35.99 11.20
CA LEU A 197 -16.25 36.19 10.29
C LEU A 197 -16.04 35.44 8.99
N THR A 198 -17.13 34.98 8.39
CA THR A 198 -17.08 34.38 7.08
C THR A 198 -18.36 34.73 6.30
N SER A 199 -18.50 34.18 5.10
CA SER A 199 -19.69 34.41 4.28
C SER A 199 -19.99 33.22 3.39
N TYR A 200 -20.92 32.39 3.83
CA TYR A 200 -21.32 31.19 3.06
C TYR A 200 -22.80 30.92 3.25
N THR A 201 -23.39 30.15 2.33
CA THR A 201 -24.85 29.95 2.32
C THR A 201 -25.25 28.55 2.78
N HIS A 202 -24.31 27.69 3.16
CA HIS A 202 -24.69 26.37 3.67
C HIS A 202 -25.07 26.39 5.16
N HIS A 203 -24.99 27.57 5.78
CA HIS A 203 -25.57 27.83 7.07
C HIS A 203 -26.31 29.17 6.98
N PRO A 204 -27.29 29.41 7.87
CA PRO A 204 -27.98 30.67 7.78
C PRO A 204 -27.10 31.86 8.09
N PHE A 205 -27.42 33.01 7.49
CA PHE A 205 -26.73 34.23 7.81
C PHE A 205 -27.03 34.66 9.23
N TYR A 206 -26.07 35.37 9.83
CA TYR A 206 -26.17 35.94 11.16
C TYR A 206 -26.14 34.91 12.28
N THR A 207 -25.66 33.70 11.97
CA THR A 207 -25.46 32.68 12.96
C THR A 207 -23.97 32.33 13.00
N GLN A 208 -23.59 31.53 13.97
CA GLN A 208 -22.24 31.05 14.10
C GLN A 208 -22.13 29.58 13.72
N PHE A 209 -21.04 29.21 13.07
CA PHE A 209 -20.72 27.82 12.85
C PHE A 209 -19.21 27.63 12.71
N PRO A 210 -18.74 26.39 12.88
CA PRO A 210 -17.33 26.16 12.70
C PRO A 210 -17.02 25.79 11.28
N LEU A 211 -16.19 26.56 10.62
CA LEU A 211 -15.76 26.24 9.26
C LEU A 211 -15.20 24.81 9.15
N GLU A 212 -15.67 24.08 8.15
CA GLU A 212 -15.39 22.67 7.98
C GLU A 212 -14.09 22.46 7.21
N ILE A 213 -12.98 22.83 7.81
CA ILE A 213 -11.67 22.70 7.18
C ILE A 213 -10.71 22.02 8.16
N GLN A 214 -9.72 21.35 7.61
CA GLN A 214 -8.86 20.50 8.39
C GLN A 214 -8.14 21.25 9.49
N ASP A 215 -7.75 22.48 9.23
CA ASP A 215 -6.95 23.21 10.21
C ASP A 215 -7.78 23.85 11.31
N ASN A 216 -9.12 23.78 11.20
CA ASN A 216 -9.98 24.19 12.27
C ASN A 216 -10.40 22.99 13.15
N TRP A 217 -9.43 22.19 13.56
CA TRP A 217 -9.67 20.99 14.34
C TRP A 217 -10.12 21.33 15.76
N ARG A 218 -9.88 22.56 16.22
CA ARG A 218 -10.47 23.01 17.49
C ARG A 218 -11.95 23.34 17.34
N HIS A 219 -12.46 23.34 16.13
CA HIS A 219 -13.88 23.68 15.88
C HIS A 219 -14.23 25.06 16.41
N GLY A 220 -13.35 26.03 16.15
CA GLY A 220 -13.67 27.42 16.46
C GLY A 220 -14.78 27.94 15.57
N SER A 222 -17.21 30.81 13.57
CA SER A 222 -17.21 32.05 12.81
C SER A 222 -18.64 32.56 12.71
N TYR A 223 -18.79 33.87 12.69
CA TYR A 223 -20.08 34.48 12.40
C TYR A 223 -20.24 34.59 10.90
N ASN A 224 -21.43 34.30 10.41
CA ASN A 224 -21.73 34.23 9.00
C ASN A 224 -22.47 35.49 8.53
N LEU A 225 -21.93 36.17 7.52
CA LEU A 225 -22.50 37.40 7.00
C LEU A 225 -22.76 37.26 5.50
N PRO A 226 -23.81 37.91 4.99
CA PRO A 226 -23.95 38.03 3.52
C PRO A 226 -22.76 38.80 2.91
N LEU A 227 -22.44 38.45 1.68
CA LEU A 227 -21.18 38.81 1.09
C LEU A 227 -20.91 40.31 1.11
N ASP A 228 -21.89 41.11 0.75
CA ASP A 228 -21.71 42.56 0.74
C ASP A 228 -21.45 43.15 2.15
N GLU A 229 -22.15 42.67 3.16
CA GLU A 229 -21.89 43.11 4.53
C GLU A 229 -20.52 42.63 5.02
N PHE A 230 -20.13 41.43 4.58
CA PHE A 230 -18.80 40.89 4.87
C PHE A 230 -17.73 41.84 4.35
N GLU A 232 -18.06 44.97 3.64
CA GLU A 232 -18.18 46.24 4.38
C GLU A 232 -17.29 46.24 5.61
N VAL A 233 -17.19 45.09 6.28
CA VAL A 233 -16.35 44.99 7.46
C VAL A 233 -14.88 45.29 7.13
N PHE A 234 -14.39 44.79 6.00
CA PHE A 234 -13.00 45.00 5.64
C PHE A 234 -12.69 46.50 5.57
N ASP A 235 -13.50 47.22 4.82
CA ASP A 235 -13.29 48.66 4.64
C ASP A 235 -13.44 49.46 5.93
N ASN A 236 -14.45 49.11 6.72
CA ASN A 236 -14.66 49.81 7.95
C ASN A 236 -13.46 49.61 8.92
N ALA A 237 -12.93 48.39 8.96
CA ALA A 237 -11.80 48.06 9.79
C ALA A 237 -10.62 48.95 9.43
N ILE A 238 -10.22 48.93 8.16
CA ILE A 238 -9.07 49.70 7.73
C ILE A 238 -9.29 51.19 7.94
N ASN A 239 -10.47 51.69 7.55
CA ASN A 239 -10.74 53.14 7.64
C ASN A 239 -10.87 53.64 9.06
N THR A 240 -11.14 52.77 10.03
CA THR A 240 -11.18 53.24 11.43
C THR A 240 -9.93 52.84 12.23
N GLY A 241 -8.88 52.38 11.55
CA GLY A 241 -7.58 52.20 12.17
C GLY A 241 -7.22 50.78 12.59
N TYR A 242 -8.03 49.80 12.20
CA TYR A 242 -7.82 48.41 12.54
C TYR A 242 -7.21 47.63 11.38
N THR A 243 -6.59 46.50 11.70
CA THR A 243 -6.10 45.58 10.68
C THR A 243 -6.90 44.30 10.76
N ILE A 244 -6.66 43.40 9.82
CA ILE A 244 -7.48 42.22 9.63
C ILE A 244 -6.57 41.00 9.47
N ALA A 245 -6.85 39.95 10.24
CA ALA A 245 -6.22 38.66 10.02
C ALA A 245 -7.03 37.99 8.91
N TRP A 246 -6.36 37.67 7.81
CA TRP A 246 -7.03 37.31 6.57
C TRP A 246 -6.64 35.94 6.14
N GLY A 247 -7.62 35.04 6.16
CA GLY A 247 -7.44 33.68 5.71
C GLY A 247 -8.05 33.49 4.33
N SER A 248 -7.21 33.09 3.38
CA SER A 248 -7.59 33.04 2.02
C SER A 248 -7.00 31.86 1.29
N ASP A 249 -7.67 31.45 0.22
CA ASP A 249 -7.07 30.57 -0.74
C ASP A 249 -6.16 31.40 -1.61
N VAL A 250 -4.93 30.94 -1.85
CA VAL A 250 -3.99 31.65 -2.73
C VAL A 250 -3.54 30.76 -3.90
N SER A 251 -4.21 29.63 -4.08
CA SER A 251 -3.90 28.72 -5.16
C SER A 251 -4.73 29.09 -6.38
N GLU A 252 -4.33 30.18 -7.02
CA GLU A 252 -5.01 30.71 -8.18
C GLU A 252 -3.94 31.32 -9.07
N SER A 253 -4.15 31.24 -10.37
CA SER A 253 -3.20 31.81 -11.34
C SER A 253 -3.05 33.31 -11.08
N GLY A 254 -4.12 33.91 -10.56
CA GLY A 254 -4.12 35.30 -10.19
C GLY A 254 -3.23 35.69 -9.00
N PHE A 255 -2.96 34.75 -8.10
CA PHE A 255 -2.08 35.04 -6.98
C PHE A 255 -0.66 34.79 -7.49
N THR A 256 0.16 35.85 -7.56
CA THR A 256 1.46 35.74 -8.22
C THR A 256 2.65 35.94 -7.28
N ARG A 257 3.82 35.51 -7.76
CA ARG A 257 5.07 35.72 -7.06
C ARG A 257 5.51 37.19 -7.09
N ASP A 258 4.98 37.95 -8.06
CA ASP A 258 5.29 39.39 -8.21
C ASP A 258 4.39 40.34 -7.41
N GLY A 259 3.75 39.82 -6.37
CA GLY A 259 3.17 40.66 -5.35
C GLY A 259 1.78 41.18 -5.58
N VAL A 260 1.04 40.61 -6.51
CA VAL A 260 -0.36 41.00 -6.71
C VAL A 260 -1.22 39.75 -6.66
N ALA A 261 -2.44 39.90 -6.18
CA ALA A 261 -3.49 38.87 -6.29
C ALA A 261 -4.70 39.48 -7.00
N VAL A 262 -4.92 39.06 -8.23
CA VAL A 262 -6.00 39.61 -9.04
C VAL A 262 -6.96 38.51 -9.51
N PRO A 264 -8.90 38.52 -12.73
CA PRO A 264 -9.29 39.05 -14.01
C PRO A 264 -10.40 38.25 -14.70
N ASP A 265 -11.22 38.95 -15.47
CA ASP A 265 -12.27 38.32 -16.25
C ASP A 265 -11.68 37.93 -17.61
N ASP A 266 -11.39 36.64 -17.77
CA ASP A 266 -10.71 36.16 -18.98
C ASP A 266 -11.49 36.55 -20.25
N GLU A 267 -12.81 36.36 -20.22
CA GLU A 267 -13.65 36.66 -21.38
C GLU A 267 -13.60 38.14 -21.78
N LYS A 268 -13.72 39.02 -20.78
CA LYS A 268 -13.63 40.47 -21.04
C LYS A 268 -12.25 40.92 -21.52
N VAL A 269 -11.17 40.38 -20.94
CA VAL A 269 -9.80 40.77 -21.35
C VAL A 269 -9.52 40.47 -22.84
N GLN A 270 -10.03 39.34 -23.31
CA GLN A 270 -9.98 38.97 -24.76
C GLN A 270 -10.67 40.00 -25.69
N GLU A 271 -11.89 40.40 -25.33
CA GLU A 271 -12.68 41.34 -26.14
C GLU A 271 -12.12 42.76 -26.16
N LEU A 272 -11.20 43.06 -25.25
CA LEU A 272 -10.54 44.37 -25.24
C LEU A 272 -9.19 44.29 -25.94
N SER A 273 -8.65 43.09 -26.09
CA SER A 273 -7.37 42.90 -26.77
C SER A 273 -7.53 43.06 -28.29
N GLY A 274 -6.42 42.98 -29.01
CA GLY A 274 -6.47 42.95 -30.49
C GLY A 274 -6.90 41.59 -31.02
N SER A 275 -6.71 40.53 -30.23
CA SER A 275 -7.03 39.16 -30.66
C SER A 275 -8.54 38.90 -30.74
N ASP A 276 -8.96 38.23 -31.81
CA ASP A 276 -10.26 37.55 -31.89
C ASP A 276 -10.24 36.32 -30.95
N ALA A 278 -10.43 33.14 -31.50
CA ALA A 278 -9.52 32.11 -32.03
C ALA A 278 -8.05 32.52 -31.89
N HIS A 279 -7.76 33.73 -32.36
CA HIS A 279 -6.41 34.30 -32.25
C HIS A 279 -5.92 34.34 -30.79
N TRP A 280 -6.82 34.50 -29.82
CA TRP A 280 -6.45 34.53 -28.39
C TRP A 280 -6.05 33.17 -27.77
N LEU A 281 -6.97 32.21 -27.75
CA LEU A 281 -6.77 30.95 -27.03
C LEU A 281 -5.41 30.33 -27.37
N LYS A 282 -4.93 30.59 -28.60
CA LYS A 282 -3.61 30.15 -29.07
C LYS A 282 -2.43 31.03 -28.64
N LEU A 283 -2.68 32.18 -28.02
CA LEU A 283 -1.59 33.12 -27.61
C LEU A 283 -0.89 32.63 -26.35
N LYS A 284 0.40 32.95 -26.21
CA LYS A 284 1.19 32.51 -25.05
C LYS A 284 0.86 33.32 -23.76
N PRO A 285 0.65 32.65 -22.61
CA PRO A 285 0.35 33.34 -21.34
C PRO A 285 1.09 34.67 -21.10
N GLU A 286 2.39 34.73 -21.43
CA GLU A 286 3.17 35.96 -21.31
C GLU A 286 2.61 37.16 -22.10
N GLU A 287 1.83 36.90 -23.16
CA GLU A 287 1.29 37.98 -24.04
C GLU A 287 -0.23 38.27 -23.82
N LYS A 288 -0.94 37.37 -23.13
CA LYS A 288 -2.32 37.64 -22.65
C LYS A 288 -2.35 38.84 -21.69
N LYS A 289 -1.36 38.92 -20.81
CA LYS A 289 -1.22 40.03 -19.86
C LYS A 289 -2.32 40.03 -18.77
N LEU A 290 -2.79 38.84 -18.41
CA LEU A 290 -3.93 38.70 -17.47
C LEU A 290 -3.59 39.16 -16.05
N ASN A 291 -2.38 38.87 -15.58
CA ASN A 291 -1.97 39.14 -14.21
C ASN A 291 -0.88 40.21 -14.03
N THR A 292 -0.50 40.87 -15.12
CA THR A 292 0.68 41.75 -15.13
C THR A 292 0.35 43.25 -15.26
N LYS A 293 -0.91 43.57 -15.54
CA LYS A 293 -1.38 44.97 -15.61
C LYS A 293 -2.83 45.04 -15.13
N PRO A 294 -3.34 46.25 -14.87
CA PRO A 294 -4.75 46.36 -14.50
C PRO A 294 -5.73 45.83 -15.56
N GLN A 295 -6.67 44.99 -15.12
CA GLN A 295 -7.67 44.36 -15.99
C GLN A 295 -9.03 44.38 -15.30
N PRO A 296 -10.12 44.31 -16.10
CA PRO A 296 -11.45 44.22 -15.52
C PRO A 296 -11.63 42.90 -14.77
N GLN A 297 -12.19 43.00 -13.57
CA GLN A 297 -12.22 41.88 -12.65
C GLN A 297 -13.55 41.13 -12.80
N LYS A 298 -13.53 39.84 -12.52
CA LYS A 298 -14.74 39.07 -12.28
C LYS A 298 -15.21 39.32 -10.84
N TRP A 299 -16.42 39.83 -10.71
CA TRP A 299 -17.02 40.11 -9.40
C TRP A 299 -18.02 39.02 -9.10
N CYS A 300 -17.69 38.16 -8.17
CA CYS A 300 -18.51 37.01 -7.94
C CYS A 300 -19.83 37.31 -7.20
N THR A 301 -20.84 36.51 -7.48
CA THR A 301 -22.06 36.50 -6.68
C THR A 301 -21.86 35.58 -5.46
N GLN A 302 -22.79 35.64 -4.52
CA GLN A 302 -22.76 34.78 -3.36
C GLN A 302 -22.75 33.30 -3.82
N ALA A 303 -23.56 32.97 -4.81
CA ALA A 303 -23.68 31.61 -5.29
C ALA A 303 -22.38 31.11 -5.96
N GLU A 304 -21.70 31.96 -6.72
CA GLU A 304 -20.41 31.60 -7.30
C GLU A 304 -19.33 31.37 -6.25
N ARG A 305 -19.31 32.22 -5.23
CA ARG A 305 -18.39 32.08 -4.14
C ARG A 305 -18.67 30.74 -3.42
N GLN A 306 -19.94 30.41 -3.24
CA GLN A 306 -20.34 29.15 -2.59
C GLN A 306 -19.92 27.95 -3.40
N LEU A 307 -20.09 28.01 -4.71
CA LEU A 307 -19.73 26.89 -5.56
C LEU A 307 -18.25 26.57 -5.41
N ALA A 308 -17.41 27.61 -5.41
CA ALA A 308 -15.97 27.41 -5.33
C ALA A 308 -15.54 26.79 -3.98
N TYR A 309 -16.27 27.08 -2.91
CA TYR A 309 -16.02 26.42 -1.63
C TYR A 309 -16.52 24.98 -1.65
N ASP A 310 -17.68 24.76 -2.26
CA ASP A 310 -18.23 23.41 -2.33
C ASP A 310 -17.41 22.50 -3.25
N ASN A 311 -16.78 23.06 -4.28
CA ASN A 311 -16.18 22.23 -5.35
C ASN A 311 -14.68 22.10 -5.32
N TYR A 312 -14.07 22.59 -4.24
CA TYR A 312 -12.62 22.51 -4.00
C TYR A 312 -11.77 23.57 -4.69
N GLU A 313 -12.39 24.51 -5.40
CA GLU A 313 -11.62 25.59 -6.00
C GLU A 313 -11.17 26.62 -4.98
N THR A 314 -11.90 26.79 -3.89
CA THR A 314 -11.46 27.62 -2.78
C THR A 314 -11.26 26.76 -1.52
N THR A 315 -10.03 26.34 -1.25
N THR A 315 -10.01 26.55 -1.17
CA THR A 315 -9.78 25.32 -0.19
CA THR A 315 -9.62 25.91 0.02
C THR A 315 -8.68 25.65 0.77
C THR A 315 -8.92 26.88 0.98
N ASP A 316 -7.48 25.91 0.27
N ASP A 316 -8.82 26.44 2.22
CA ASP A 316 -6.34 25.92 1.18
CA ASP A 316 -8.24 27.25 3.27
C ASP A 316 -6.00 27.24 1.86
C ASP A 316 -6.75 27.21 3.16
N ASP A 317 -6.46 27.32 3.09
N ASP A 317 -6.20 27.89 2.17
CA ASP A 317 -6.34 28.54 3.85
CA ASP A 317 -4.78 27.77 1.93
C ASP A 317 -4.82 28.87 4.11
C ASP A 317 -3.90 28.53 2.94
N HIS A 318 -4.23 29.80 3.32
CA HIS A 318 -3.08 30.57 3.83
C HIS A 318 -3.47 31.85 4.63
N GLY A 319 -2.79 32.09 5.75
CA GLY A 319 -3.08 33.24 6.60
C GLY A 319 -2.12 34.39 6.33
N GLN A 321 -2.05 39.18 6.72
CA GLN A 321 -2.65 40.34 7.40
C GLN A 321 -2.96 41.41 6.39
N ILE A 322 -4.19 41.90 6.36
CA ILE A 322 -4.54 43.06 5.56
C ILE A 322 -4.42 44.27 6.47
N TYR A 323 -3.68 45.27 6.04
CA TYR A 323 -3.44 46.45 6.89
C TYR A 323 -3.72 47.78 6.19
N GLY A 324 -4.16 47.74 4.95
CA GLY A 324 -4.41 48.96 4.23
C GLY A 324 -5.16 48.77 2.92
N ILE A 325 -5.40 49.90 2.26
CA ILE A 325 -6.13 49.98 1.01
C ILE A 325 -5.29 50.83 0.05
N ALA A 326 -5.17 50.38 -1.18
CA ALA A 326 -4.42 51.08 -2.18
C ALA A 326 -5.21 51.12 -3.48
N LYS A 327 -4.78 51.98 -4.38
CA LYS A 327 -5.32 52.09 -5.73
C LYS A 327 -4.23 51.89 -6.78
N ASP A 328 -4.58 51.27 -7.89
CA ASP A 328 -3.67 51.26 -9.04
C ASP A 328 -3.87 52.54 -9.85
N GLN A 329 -3.11 52.68 -10.93
CA GLN A 329 -3.16 53.89 -11.78
C GLN A 329 -4.51 54.08 -12.48
N GLU A 330 -5.29 53.02 -12.64
CA GLU A 330 -6.63 53.13 -13.24
C GLU A 330 -7.73 53.34 -12.20
N GLY A 331 -7.36 53.50 -10.93
CA GLY A 331 -8.35 53.70 -9.84
C GLY A 331 -9.00 52.44 -9.26
N ASN A 332 -8.62 51.27 -9.73
CA ASN A 332 -9.07 50.02 -9.10
C ASN A 332 -8.52 49.88 -7.70
N GLU A 333 -9.30 49.23 -6.84
CA GLU A 333 -8.99 49.14 -5.43
C GLU A 333 -8.39 47.79 -5.03
N TYR A 334 -7.46 47.86 -4.11
CA TYR A 334 -6.72 46.69 -3.62
C TYR A 334 -6.59 46.79 -2.12
N TYR A 335 -6.56 45.64 -1.45
CA TYR A 335 -6.14 45.58 -0.07
C TYR A 335 -4.63 45.33 -0.02
N VAL A 337 -1.45 43.80 1.79
CA VAL A 337 -1.31 42.55 2.53
C VAL A 337 0.10 42.34 3.00
N LYS A 338 0.27 42.14 4.30
CA LYS A 338 1.56 41.76 4.85
C LYS A 338 1.63 40.24 4.83
N ASN A 339 2.56 39.72 4.03
CA ASN A 339 2.82 38.31 3.94
C ASN A 339 3.99 37.93 4.87
N SER A 340 4.25 36.63 5.01
CA SER A 340 5.28 36.12 5.90
C SER A 340 6.30 35.29 5.13
N TRP A 341 6.67 35.73 3.93
CA TRP A 341 7.66 35.05 3.10
C TRP A 341 8.94 35.87 2.98
N GLY A 342 9.20 36.70 3.96
CA GLY A 342 10.38 37.55 3.95
C GLY A 342 10.24 38.69 2.95
N THR A 343 11.32 39.43 2.78
CA THR A 343 11.28 40.70 2.04
C THR A 343 11.88 40.64 0.62
N ASN A 344 12.30 39.47 0.17
CA ASN A 344 12.89 39.34 -1.17
C ASN A 344 11.82 39.17 -2.26
N SER A 345 11.10 40.25 -2.53
CA SER A 345 10.03 40.24 -3.53
C SER A 345 9.77 41.68 -3.96
N LYS A 346 8.96 41.85 -5.00
CA LYS A 346 8.83 43.16 -5.65
C LYS A 346 8.52 44.30 -4.67
N TYR A 347 7.59 44.07 -3.74
CA TYR A 347 7.20 45.10 -2.78
C TYR A 347 7.65 44.81 -1.35
N ASN A 348 8.81 44.15 -1.25
CA ASN A 348 9.44 43.83 0.02
C ASN A 348 8.56 43.05 1.00
N GLY A 349 7.87 42.04 0.48
CA GLY A 349 7.09 41.12 1.32
C GLY A 349 5.63 41.47 1.45
N ILE A 350 5.24 42.56 0.78
CA ILE A 350 3.89 43.07 0.76
C ILE A 350 3.22 42.67 -0.54
N TRP A 351 1.93 42.30 -0.46
CA TRP A 351 1.14 41.97 -1.63
C TRP A 351 -0.02 42.95 -1.75
N TYR A 352 -0.51 43.13 -2.97
CA TYR A 352 -1.70 43.90 -3.25
C TYR A 352 -2.77 42.97 -3.80
N ALA A 353 -3.88 42.84 -3.09
CA ALA A 353 -4.96 41.89 -3.48
C ALA A 353 -6.16 42.70 -3.88
N SER A 354 -6.65 42.48 -5.11
CA SER A 354 -7.79 43.25 -5.58
C SER A 354 -8.99 42.93 -4.75
N LYS A 355 -9.88 43.90 -4.63
CA LYS A 355 -11.09 43.67 -3.88
C LYS A 355 -11.87 42.48 -4.44
N ALA A 356 -11.82 42.30 -5.76
CA ALA A 356 -12.53 41.17 -6.40
C ALA A 356 -11.93 39.85 -5.95
N PHE A 357 -10.60 39.79 -5.87
CA PHE A 357 -9.94 38.59 -5.41
C PHE A 357 -10.36 38.27 -3.98
N VAL A 358 -10.32 39.27 -3.13
CA VAL A 358 -10.62 39.07 -1.72
C VAL A 358 -12.06 38.60 -1.51
N ARG A 359 -12.98 39.19 -2.26
CA ARG A 359 -14.40 38.82 -2.20
C ARG A 359 -14.66 37.34 -2.56
N TYR A 360 -13.93 36.85 -3.54
CA TYR A 360 -14.14 35.50 -4.03
C TYR A 360 -13.38 34.45 -3.23
N LYS A 361 -12.17 34.77 -2.80
CA LYS A 361 -11.25 33.79 -2.28
C LYS A 361 -11.07 33.76 -0.76
N THR A 362 -11.63 34.74 -0.05
CA THR A 362 -11.48 34.78 1.39
C THR A 362 -12.27 33.63 2.00
N ASN A 364 -12.00 33.22 5.75
CA ASN A 364 -12.42 33.81 7.01
C ASN A 364 -11.49 34.93 7.39
N ILE A 365 -11.99 35.82 8.24
CA ILE A 365 -11.17 36.87 8.81
C ILE A 365 -11.36 36.95 10.31
N VAL A 366 -10.38 37.53 10.99
CA VAL A 366 -10.54 37.89 12.38
C VAL A 366 -10.24 39.38 12.50
N VAL A 367 -11.10 40.08 13.25
CA VAL A 367 -10.90 41.49 13.56
C VAL A 367 -11.31 41.70 14.99
N HIS A 368 -10.88 42.82 15.54
CA HIS A 368 -11.37 43.27 16.83
C HIS A 368 -12.85 43.61 16.68
N LYS A 369 -13.65 43.30 17.69
CA LYS A 369 -15.09 43.60 17.67
C LYS A 369 -15.41 45.06 17.31
N ASP A 370 -14.58 45.99 17.76
CA ASP A 370 -14.83 47.42 17.50
C ASP A 370 -14.54 47.85 16.06
N ALA A 371 -13.96 46.95 15.26
CA ALA A 371 -13.78 47.18 13.84
C ALA A 371 -15.08 46.99 13.07
N LEU A 372 -16.08 46.34 13.68
CA LEU A 372 -17.36 46.07 13.00
C LEU A 372 -18.25 47.30 12.95
N PRO A 373 -18.88 47.58 11.80
CA PRO A 373 -19.88 48.65 11.77
C PRO A 373 -21.02 48.34 12.73
N LYS A 374 -21.52 49.38 13.36
CA LYS A 374 -22.52 49.25 14.39
C LYS A 374 -23.72 48.39 13.98
N ALA A 375 -24.24 48.61 12.77
CA ALA A 375 -25.45 47.89 12.33
C ALA A 375 -25.17 46.38 12.16
N ILE A 376 -23.97 46.05 11.68
CA ILE A 376 -23.58 44.65 11.52
C ILE A 376 -23.39 43.99 12.89
N LYS A 377 -22.70 44.68 13.78
CA LYS A 377 -22.58 44.23 15.18
CA LYS A 377 -22.58 44.23 15.18
C LYS A 377 -23.95 43.86 15.77
N ALA A 378 -24.93 44.72 15.56
CA ALA A 378 -26.27 44.50 16.12
C ALA A 378 -26.95 43.29 15.45
N LYS A 379 -26.82 43.13 14.14
CA LYS A 379 -27.38 41.96 13.45
C LYS A 379 -26.77 40.64 13.94
N LEU A 380 -25.49 40.67 14.37
CA LEU A 380 -24.83 39.48 14.88
C LEU A 380 -25.06 39.25 16.38
N GLY A 381 -25.66 40.22 17.06
CA GLY A 381 -25.91 40.11 18.50
C GLY A 381 -24.65 40.29 19.34
N ILE A 382 -23.67 41.01 18.82
CA ILE A 382 -22.43 41.22 19.53
C ILE A 382 -22.60 42.52 20.32
N LYS A 383 -22.65 42.40 21.64
CA LYS A 383 -22.85 43.55 22.52
C LYS A 383 -21.51 44.30 22.51
N GLU B 10 3.30 -41.51 33.40
CA GLU B 10 4.28 -41.72 32.31
C GLU B 10 4.74 -40.38 31.72
N GLY B 11 5.70 -39.74 32.41
CA GLY B 11 6.29 -38.44 31.98
C GLY B 11 7.82 -38.44 32.00
N PHE B 12 8.42 -37.28 32.26
CA PHE B 12 9.89 -37.18 32.38
C PHE B 12 10.30 -37.05 33.83
N VAL B 13 11.32 -37.79 34.25
CA VAL B 13 11.92 -37.55 35.56
C VAL B 13 13.42 -37.33 35.36
N PHE B 14 13.90 -36.17 35.79
CA PHE B 14 15.28 -35.78 35.52
C PHE B 14 16.19 -35.88 36.76
N THR B 15 17.43 -36.34 36.55
CA THR B 15 18.47 -36.34 37.57
C THR B 15 19.68 -35.55 37.09
N THR B 16 20.09 -34.57 37.86
CA THR B 16 21.25 -33.75 37.55
C THR B 16 22.51 -34.60 37.60
N VAL B 17 23.30 -34.58 36.54
CA VAL B 17 24.59 -35.21 36.53
C VAL B 17 25.60 -34.19 36.99
N LYS B 18 25.56 -33.00 36.41
CA LYS B 18 26.39 -31.90 36.87
C LYS B 18 25.75 -30.56 36.51
N GLU B 19 25.83 -29.61 37.43
CA GLU B 19 25.37 -28.26 37.16
C GLU B 19 26.24 -27.24 37.85
N ASN B 20 26.40 -26.11 37.19
CA ASN B 20 27.26 -25.03 37.67
C ASN B 20 26.42 -23.86 38.19
N PRO B 21 26.99 -23.06 39.11
CA PRO B 21 26.18 -22.02 39.75
C PRO B 21 25.60 -20.98 38.81
N ILE B 22 24.34 -20.65 39.03
CA ILE B 22 23.63 -19.63 38.27
C ILE B 22 22.96 -18.67 39.25
N THR B 23 22.58 -17.50 38.76
CA THR B 23 21.80 -16.55 39.55
C THR B 23 20.34 -16.87 39.34
N SER B 24 19.49 -16.11 39.99
CA SER B 24 18.03 -16.33 39.94
C SER B 24 17.45 -16.16 38.53
N VAL B 25 16.32 -16.82 38.30
CA VAL B 25 15.61 -16.76 37.04
C VAL B 25 14.91 -15.42 36.89
N LYS B 26 15.14 -14.77 35.75
CA LYS B 26 14.61 -13.45 35.48
C LYS B 26 13.44 -13.57 34.52
N ASN B 27 12.75 -12.46 34.29
CA ASN B 27 11.60 -12.45 33.39
C ASN B 27 11.61 -11.27 32.44
N GLN B 28 11.87 -11.54 31.17
CA GLN B 28 11.95 -10.49 30.13
C GLN B 28 10.57 -9.94 29.77
N ASN B 29 9.54 -10.70 30.13
CA ASN B 29 8.15 -10.37 29.87
C ASN B 29 7.87 -9.99 28.40
N ARG B 30 7.26 -8.84 28.15
CA ARG B 30 6.78 -8.51 26.80
C ARG B 30 7.76 -7.66 26.00
N ALA B 31 8.89 -8.28 25.67
CA ALA B 31 9.93 -7.65 24.89
C ALA B 31 10.83 -8.75 24.39
N GLY B 32 11.43 -8.58 23.22
CA GLY B 32 12.34 -9.59 22.63
C GLY B 32 13.77 -9.43 23.07
N THR B 33 13.98 -9.27 24.38
CA THR B 33 15.28 -8.89 24.93
C THR B 33 16.05 -10.09 25.53
N CYS B 34 15.68 -11.30 25.11
CA CYS B 34 16.32 -12.52 25.61
C CYS B 34 17.80 -12.56 25.34
N TRP B 35 18.24 -11.90 24.28
CA TRP B 35 19.67 -11.79 24.01
C TRP B 35 20.43 -11.15 25.19
N CYS B 36 19.82 -10.17 25.83
CA CYS B 36 20.48 -9.48 26.92
C CYS B 36 20.33 -10.21 28.25
N TYR B 37 19.12 -10.73 28.53
CA TYR B 37 18.89 -11.49 29.76
C TYR B 37 19.78 -12.73 29.82
N SER B 38 19.88 -13.46 28.70
CA SER B 38 20.71 -14.64 28.66
C SER B 38 22.19 -14.28 28.75
N SER B 39 22.60 -13.19 28.09
CA SER B 39 23.98 -12.73 28.18
C SER B 39 24.35 -12.43 29.60
N TYR B 40 23.43 -11.84 30.33
CA TYR B 40 23.70 -11.46 31.69
C TYR B 40 23.60 -12.63 32.66
N SER B 41 22.75 -13.60 32.39
CA SER B 41 22.76 -14.83 33.18
C SER B 41 24.13 -15.51 33.04
N PHE B 42 24.63 -15.51 31.81
CA PHE B 42 25.93 -16.06 31.50
C PHE B 42 27.03 -15.28 32.20
N LEU B 43 27.05 -13.97 32.04
CA LEU B 43 28.09 -13.17 32.68
C LEU B 43 28.03 -13.22 34.20
N GLU B 44 26.83 -13.29 34.77
CA GLU B 44 26.71 -13.44 36.22
C GLU B 44 27.23 -14.79 36.71
N SER B 45 27.04 -15.84 35.94
CA SER B 45 27.66 -17.13 36.24
C SER B 45 29.18 -17.05 36.13
N GLU B 46 29.68 -16.31 35.13
CA GLU B 46 31.12 -16.10 35.00
C GLU B 46 31.68 -15.38 36.22
N LEU B 47 30.98 -14.37 36.70
CA LEU B 47 31.45 -13.64 37.86
C LEU B 47 31.49 -14.55 39.10
N LEU B 48 30.49 -15.42 39.25
CA LEU B 48 30.49 -16.37 40.34
C LEU B 48 31.69 -17.31 40.21
N ARG B 49 31.92 -17.80 39.00
CA ARG B 49 33.02 -18.72 38.72
C ARG B 49 34.37 -18.07 39.01
N GLY B 51 35.08 -15.87 41.23
CA GLY B 51 35.22 -15.46 42.62
C GLY B 51 34.82 -14.03 42.94
N LYS B 52 33.98 -13.43 42.11
CA LYS B 52 33.58 -12.05 42.30
CA LYS B 52 33.58 -12.05 42.30
C LYS B 52 32.23 -11.93 43.00
N GLY B 53 31.55 -13.05 43.21
CA GLY B 53 30.28 -13.01 43.92
C GLY B 53 29.08 -12.80 43.01
N GLU B 54 27.94 -12.51 43.62
CA GLU B 54 26.66 -12.47 42.96
C GLU B 54 26.34 -11.04 42.52
N TYR B 55 26.04 -10.88 41.23
CA TYR B 55 25.65 -9.60 40.67
C TYR B 55 24.28 -9.72 40.02
N ASP B 56 23.57 -8.61 39.97
CA ASP B 56 22.33 -8.49 39.18
C ASP B 56 22.49 -7.26 38.27
N LEU B 57 22.84 -7.52 37.02
CA LEU B 57 23.23 -6.46 36.09
C LEU B 57 21.99 -5.95 35.36
N SER B 58 21.97 -4.65 35.01
CA SER B 58 20.79 -4.04 34.38
C SER B 58 20.72 -4.32 32.89
N GLU B 59 19.81 -5.22 32.50
CA GLU B 59 19.54 -5.43 31.10
C GLU B 59 19.08 -4.14 30.44
N PHE B 61 19.77 -1.03 30.84
CA PHE B 61 20.84 -0.10 30.49
C PHE B 61 21.47 -0.49 29.14
N THR B 62 21.73 -1.77 28.98
CA THR B 62 22.38 -2.26 27.78
C THR B 62 21.42 -2.32 26.59
N VAL B 63 20.17 -2.68 26.84
CA VAL B 63 19.13 -2.64 25.80
C VAL B 63 18.99 -1.22 25.24
N TYR B 64 18.91 -0.25 26.14
CA TYR B 64 18.85 1.15 25.76
C TYR B 64 20.00 1.53 24.83
N ASN B 65 21.24 1.32 25.26
CA ASN B 65 22.39 1.73 24.44
C ASN B 65 22.50 0.96 23.14
N THR B 66 22.18 -0.32 23.17
CA THR B 66 22.20 -1.13 21.97
C THR B 66 21.18 -0.64 20.92
N TYR B 67 19.97 -0.30 21.35
CA TYR B 67 18.97 0.17 20.40
C TYR B 67 19.38 1.48 19.75
N LEU B 68 20.09 2.35 20.46
CA LEU B 68 20.54 3.57 19.84
C LEU B 68 21.56 3.27 18.74
N ASP B 69 22.45 2.30 18.98
CA ASP B 69 23.41 1.91 17.96
C ASP B 69 22.68 1.20 16.80
N ARG B 70 21.68 0.40 17.11
CA ARG B 70 20.93 -0.29 16.06
C ARG B 70 20.18 0.71 15.16
N ALA B 71 19.62 1.76 15.75
CA ALA B 71 18.97 2.81 14.97
C ALA B 71 20.01 3.46 14.05
N ASP B 72 21.20 3.73 14.57
CA ASP B 72 22.27 4.34 13.76
C ASP B 72 22.65 3.44 12.59
N ALA B 73 22.76 2.14 12.83
CA ALA B 73 23.05 1.19 11.75
C ALA B 73 21.92 1.18 10.69
N ALA B 74 20.66 1.24 11.14
CA ALA B 74 19.51 1.30 10.23
C ALA B 74 19.61 2.55 9.37
N VAL B 75 19.90 3.68 9.99
CA VAL B 75 20.00 4.93 9.24
C VAL B 75 21.19 4.98 8.28
N ARG B 76 22.35 4.53 8.73
CA ARG B 76 23.51 4.53 7.83
C ARG B 76 23.30 3.62 6.61
N THR B 77 22.58 2.51 6.78
CA THR B 77 22.34 1.60 5.68
C THR B 77 20.99 1.84 4.96
N HIS B 78 20.39 2.99 5.19
CA HIS B 78 19.15 3.33 4.56
C HIS B 78 18.13 2.22 4.67
N GLY B 79 18.08 1.58 5.83
CA GLY B 79 17.00 0.67 6.16
C GLY B 79 17.32 -0.78 5.97
N ASP B 80 18.48 -1.09 5.41
CA ASP B 80 18.87 -2.49 5.26
C ASP B 80 18.96 -3.16 6.62
N VAL B 81 19.73 -2.59 7.55
CA VAL B 81 19.71 -3.14 8.91
C VAL B 81 18.33 -2.90 9.52
N SER B 82 17.63 -3.98 9.83
CA SER B 82 16.29 -3.86 10.37
C SER B 82 16.40 -3.31 11.79
N PHE B 83 15.37 -2.57 12.20
CA PHE B 83 15.32 -2.02 13.53
C PHE B 83 14.23 -2.76 14.29
N SER B 84 14.64 -3.54 15.29
CA SER B 84 13.72 -4.38 16.03
C SER B 84 14.33 -4.67 17.41
N GLN B 85 13.63 -5.46 18.21
CA GLN B 85 13.93 -5.62 19.64
C GLN B 85 15.06 -6.58 19.94
N GLY B 86 15.36 -7.44 18.99
CA GLY B 86 16.36 -8.48 19.20
C GLY B 86 17.81 -7.99 19.19
N GLY B 87 18.72 -8.93 19.26
CA GLY B 87 20.15 -8.66 19.36
C GLY B 87 20.94 -9.95 19.53
N SER B 88 22.19 -9.81 19.96
CA SER B 88 23.11 -10.94 20.04
C SER B 88 23.91 -10.90 21.33
N PHE B 89 24.56 -12.01 21.61
CA PHE B 89 25.54 -12.07 22.68
C PHE B 89 26.62 -11.02 22.49
N TYR B 90 27.03 -10.81 21.25
CA TYR B 90 28.07 -9.83 20.99
C TYR B 90 27.61 -8.42 21.35
N ASP B 91 26.32 -8.11 21.18
CA ASP B 91 25.81 -6.83 21.61
C ASP B 91 26.12 -6.58 23.11
N ALA B 92 25.96 -7.60 23.93
CA ALA B 92 26.23 -7.48 25.38
C ALA B 92 27.74 -7.33 25.66
N LEU B 93 28.56 -8.07 24.93
CA LEU B 93 30.01 -8.02 25.13
C LEU B 93 30.59 -6.72 24.62
N TYR B 94 30.14 -6.28 23.44
CA TYR B 94 30.54 -4.99 22.91
C TYR B 94 30.07 -3.94 23.90
N GLY B 95 28.85 -4.08 24.35
CA GLY B 95 28.24 -3.07 25.22
C GLY B 95 28.97 -2.83 26.52
N GLU B 97 32.07 -3.23 27.28
CA GLU B 97 33.32 -2.55 27.00
C GLU B 97 33.14 -1.12 26.51
N THR B 98 32.00 -0.82 25.89
CA THR B 98 31.81 0.48 25.27
C THR B 98 31.00 1.40 26.18
N PHE B 99 29.89 0.89 26.72
CA PHE B 99 29.00 1.70 27.52
C PHE B 99 29.19 1.50 29.02
N GLY B 100 29.69 0.35 29.41
CA GLY B 100 29.82 0.00 30.79
C GLY B 100 28.71 -0.92 31.28
N LEU B 101 28.59 -1.04 32.59
CA LEU B 101 27.58 -1.88 33.22
C LEU B 101 27.00 -1.11 34.38
N VAL B 102 25.74 -1.37 34.70
CA VAL B 102 25.14 -0.79 35.88
C VAL B 102 24.33 -1.86 36.60
N PRO B 103 24.19 -1.74 37.91
CA PRO B 103 23.35 -2.64 38.67
C PRO B 103 21.88 -2.50 38.34
N GLU B 104 21.16 -3.60 38.44
CA GLU B 104 19.73 -3.67 38.12
C GLU B 104 18.94 -2.49 38.71
N GLU B 105 19.18 -2.19 39.97
CA GLU B 105 18.38 -1.18 40.67
C GLU B 105 18.54 0.23 40.09
N GLU B 106 19.61 0.48 39.35
CA GLU B 106 19.80 1.78 38.72
C GLU B 106 18.98 1.98 37.45
N ARG B 108 15.53 -0.24 36.09
CA ARG B 108 14.71 -1.42 36.20
C ARG B 108 13.68 -1.46 35.06
N PRO B 109 13.29 -2.64 34.64
CA PRO B 109 12.19 -2.75 33.69
C PRO B 109 10.88 -2.21 34.24
N GLY B 110 10.10 -1.55 33.38
CA GLY B 110 8.73 -1.18 33.72
C GLY B 110 8.52 0.12 34.49
N TYR B 113 6.37 3.20 33.28
CA TYR B 113 4.95 3.03 33.09
C TYR B 113 4.28 2.26 34.22
N ALA B 114 4.81 2.45 35.43
CA ALA B 114 4.21 1.97 36.67
C ALA B 114 4.11 0.44 36.76
N ASP B 115 5.08 -0.27 36.17
CA ASP B 115 5.13 -1.72 36.18
C ASP B 115 6.49 -2.13 36.71
N THR B 116 6.67 -3.43 36.92
CA THR B 116 7.96 -3.96 37.34
C THR B 116 8.54 -4.94 36.31
N LEU B 117 7.83 -5.13 35.21
CA LEU B 117 8.29 -5.98 34.11
C LEU B 117 8.15 -5.20 32.78
N SER B 118 8.99 -5.55 31.82
CA SER B 118 9.00 -4.89 30.52
C SER B 118 7.75 -5.11 29.70
N ASN B 119 7.27 -4.04 29.08
CA ASN B 119 6.34 -4.12 27.94
C ASN B 119 6.71 -3.04 26.93
N HIS B 120 7.38 -3.45 25.87
CA HIS B 120 8.00 -2.52 24.94
C HIS B 120 7.24 -2.38 23.62
N THR B 121 5.97 -2.77 23.59
CA THR B 121 5.18 -2.72 22.37
C THR B 121 4.99 -1.28 21.88
N GLU B 122 4.70 -0.36 22.81
CA GLU B 122 4.45 1.02 22.46
C GLU B 122 5.76 1.72 22.09
N LEU B 123 6.79 1.50 22.89
CA LEU B 123 8.10 2.00 22.56
C LEU B 123 8.52 1.61 21.14
N SER B 124 8.37 0.33 20.81
CA SER B 124 8.73 -0.13 19.46
C SER B 124 7.82 0.51 18.40
N ALA B 125 6.53 0.67 18.67
CA ALA B 125 5.66 1.32 17.70
C ALA B 125 6.20 2.71 17.37
N LEU B 126 6.59 3.45 18.38
CA LEU B 126 7.09 4.80 18.16
C LEU B 126 8.46 4.80 17.51
N THR B 127 9.39 4.02 18.05
CA THR B 127 10.77 4.10 17.56
C THR B 127 10.94 3.46 16.20
N ASP B 128 10.22 2.37 15.92
CA ASP B 128 10.25 1.77 14.57
C ASP B 128 9.77 2.80 13.55
N ALA B 129 8.71 3.53 13.88
CA ALA B 129 8.17 4.55 12.97
C ALA B 129 9.15 5.70 12.75
N VAL B 131 12.58 5.64 13.20
CA VAL B 131 13.76 5.18 12.48
C VAL B 131 13.42 5.00 10.99
N ALA B 132 12.27 4.40 10.67
CA ALA B 132 11.87 4.23 9.28
C ALA B 132 11.66 5.60 8.57
N ALA B 133 11.16 6.59 9.28
CA ALA B 133 10.95 7.91 8.65
C ALA B 133 12.29 8.54 8.24
N ILE B 134 13.37 8.22 8.95
CA ILE B 134 14.70 8.73 8.59
C ILE B 134 15.36 7.79 7.58
N ALA B 135 15.42 6.51 7.92
CA ALA B 135 16.16 5.53 7.16
C ALA B 135 15.57 5.18 5.79
N LYS B 136 14.25 5.18 5.68
CA LYS B 136 13.58 4.77 4.44
CA LYS B 136 13.57 4.76 4.46
C LYS B 136 12.76 5.88 3.82
N GLY B 137 12.89 7.09 4.33
CA GLY B 137 12.10 8.20 3.82
C GLY B 137 12.80 8.98 2.73
N LYS B 138 12.34 10.20 2.50
CA LYS B 138 12.82 11.06 1.41
C LYS B 138 13.70 12.22 1.86
N LEU B 139 14.07 12.27 3.13
CA LEU B 139 14.94 13.34 3.59
C LEU B 139 16.29 13.24 2.90
N ARG B 140 16.75 14.36 2.36
CA ARG B 140 17.99 14.41 1.57
C ARG B 140 19.17 14.88 2.41
N LYS B 141 18.90 15.60 3.48
CA LYS B 141 19.92 16.13 4.35
C LYS B 141 19.42 16.18 5.81
N LEU B 142 19.97 15.34 6.67
CA LEU B 142 19.53 15.25 8.04
C LEU B 142 20.09 16.43 8.84
N GLN B 143 19.32 16.92 9.80
CA GLN B 143 19.69 18.11 10.52
C GLN B 143 20.67 17.85 11.66
N SER B 144 21.52 18.84 11.91
CA SER B 144 22.53 18.77 12.98
C SER B 144 22.68 20.10 13.69
N ASP B 145 23.20 20.05 14.90
CA ASP B 145 23.43 21.27 15.68
C ASP B 145 24.84 21.85 15.37
N GLU B 146 25.25 22.84 16.16
CA GLU B 146 26.46 23.58 15.88
C GLU B 146 27.71 22.73 16.15
N ASN B 147 27.57 21.66 16.94
CA ASN B 147 28.66 20.70 17.16
C ASN B 147 28.56 19.48 16.25
N ASN B 148 27.78 19.56 15.17
CA ASN B 148 27.57 18.43 14.25
C ASN B 148 26.92 17.18 14.87
N ALA B 149 26.26 17.33 16.01
CA ALA B 149 25.47 16.25 16.60
C ALA B 149 24.11 16.20 15.87
N LEU B 151 20.23 15.68 15.12
CA LEU B 151 18.99 15.85 15.87
C LEU B 151 18.18 14.57 15.96
N TRP B 152 18.16 13.78 14.89
CA TRP B 152 17.32 12.59 14.91
C TRP B 152 17.81 11.62 16.00
N LYS B 153 19.12 11.58 16.23
CA LYS B 153 19.66 10.73 17.28
C LYS B 153 19.24 11.21 18.66
N LYS B 154 19.21 12.52 18.87
CA LYS B 154 18.71 13.07 20.11
C LYS B 154 17.25 12.66 20.32
N ALA B 155 16.45 12.71 19.25
CA ALA B 155 15.03 12.37 19.32
C ALA B 155 14.84 10.93 19.73
N VAL B 156 15.55 10.02 19.07
CA VAL B 156 15.43 8.60 19.36
C VAL B 156 15.93 8.27 20.78
N ALA B 157 17.00 8.91 21.22
CA ALA B 157 17.49 8.75 22.58
C ALA B 157 16.43 9.24 23.59
N ALA B 158 15.88 10.42 23.37
CA ALA B 158 14.91 10.96 24.30
C ALA B 158 13.68 10.03 24.44
N VAL B 159 13.22 9.47 23.34
CA VAL B 159 12.03 8.62 23.39
C VAL B 159 12.35 7.34 24.09
N HIS B 160 13.51 6.76 23.84
CA HIS B 160 13.92 5.59 24.58
C HIS B 160 14.02 5.86 26.09
N GLN B 161 14.48 7.04 26.49
CA GLN B 161 14.56 7.35 27.91
C GLN B 161 13.18 7.43 28.55
N ILE B 162 12.22 7.96 27.82
CA ILE B 162 10.86 8.11 28.33
C ILE B 162 10.28 6.76 28.66
N TYR B 163 10.59 5.75 27.87
CA TYR B 163 10.04 4.41 28.11
C TYR B 163 10.92 3.48 28.94
N LEU B 164 12.24 3.66 28.88
CA LEU B 164 13.19 2.73 29.53
C LEU B 164 13.82 3.29 30.81
N GLY B 165 13.91 4.62 30.91
CA GLY B 165 14.55 5.30 32.02
C GLY B 165 15.78 6.10 31.60
N VAL B 166 16.25 6.95 32.49
CA VAL B 166 17.45 7.77 32.25
C VAL B 166 18.67 6.96 32.70
N PRO B 167 19.61 6.69 31.81
CA PRO B 167 20.80 6.00 32.28
C PRO B 167 21.63 6.87 33.22
N PRO B 168 22.10 6.32 34.33
CA PRO B 168 22.85 7.11 35.27
C PRO B 168 24.27 7.42 34.79
N GLU B 169 24.74 8.62 35.11
CA GLU B 169 26.13 8.97 34.87
C GLU B 169 27.01 8.55 36.04
N LYS B 170 26.48 8.65 37.25
CA LYS B 170 27.15 8.24 38.48
C LYS B 170 26.12 7.53 39.33
N PHE B 171 26.57 6.62 40.17
CA PHE B 171 25.69 6.00 41.15
C PHE B 171 26.50 5.38 42.26
N THR B 172 25.83 5.06 43.35
CA THR B 172 26.46 4.44 44.50
C THR B 172 25.98 3.00 44.63
N TYR B 173 26.93 2.08 44.81
CA TYR B 173 26.62 0.67 44.93
C TYR B 173 27.50 0.07 46.01
N LYS B 174 26.87 -0.45 47.05
CA LYS B 174 27.56 -1.02 48.20
C LYS B 174 28.64 -0.08 48.74
N GLY B 175 28.26 1.18 48.96
CA GLY B 175 29.09 2.17 49.60
C GLY B 175 30.08 2.90 48.72
N LYS B 176 30.17 2.55 47.44
CA LYS B 176 31.18 3.15 46.55
C LYS B 176 30.52 3.82 45.37
N GLU B 177 31.09 4.94 44.95
CA GLU B 177 30.60 5.66 43.80
C GLU B 177 31.26 5.12 42.50
N TYR B 178 30.42 4.91 41.48
CA TYR B 178 30.89 4.43 40.20
C TYR B 178 30.30 5.23 39.05
N THR B 179 30.96 5.15 37.90
CA THR B 179 30.34 5.42 36.62
C THR B 179 30.05 4.04 36.02
N PRO B 180 29.24 3.98 34.97
CA PRO B 180 29.07 2.67 34.34
C PRO B 180 30.38 2.04 33.88
N LYS B 181 31.30 2.87 33.40
CA LYS B 181 32.62 2.39 32.99
C LYS B 181 33.42 1.85 34.19
N SER B 182 33.48 2.60 35.28
CA SER B 182 34.24 2.14 36.44
C SER B 182 33.59 0.93 37.12
N PHE B 183 32.26 0.82 37.04
CA PHE B 183 31.59 -0.36 37.54
C PHE B 183 31.97 -1.58 36.72
N PHE B 184 32.00 -1.42 35.41
CA PHE B 184 32.43 -2.50 34.55
C PHE B 184 33.88 -2.92 34.89
N GLU B 185 34.74 -1.93 35.04
CA GLU B 185 36.14 -2.19 35.37
C GLU B 185 36.28 -2.95 36.68
N SER B 186 35.43 -2.66 37.65
CA SER B 186 35.47 -3.35 38.95
C SER B 186 35.10 -4.83 38.85
N THR B 187 34.38 -5.24 37.81
CA THR B 187 34.00 -6.64 37.64
C THR B 187 35.14 -7.55 37.17
N GLY B 188 36.14 -6.95 36.50
CA GLY B 188 37.24 -7.73 35.91
C GLY B 188 36.86 -8.47 34.61
N LEU B 189 35.62 -8.33 34.13
CA LEU B 189 35.23 -9.01 32.90
C LEU B 189 35.97 -8.39 31.70
N LYS B 190 36.32 -9.22 30.72
CA LYS B 190 36.89 -8.76 29.46
C LYS B 190 36.22 -9.42 28.27
N ALA B 191 35.80 -8.63 27.29
CA ALA B 191 35.22 -9.17 26.06
C ALA B 191 36.15 -10.18 25.38
N SER B 192 37.45 -9.89 25.40
CA SER B 192 38.43 -10.74 24.74
C SER B 192 38.60 -12.13 25.41
N ASP B 193 38.05 -12.33 26.60
CA ASP B 193 38.03 -13.68 27.19
C ASP B 193 37.01 -14.61 26.54
N TYR B 194 36.07 -14.08 25.74
CA TYR B 194 34.95 -14.86 25.25
C TYR B 194 35.03 -15.09 23.75
N VAL B 195 34.59 -16.27 23.31
CA VAL B 195 34.49 -16.56 21.90
C VAL B 195 33.11 -17.06 21.53
N SER B 196 32.68 -16.71 20.33
CA SER B 196 31.45 -17.21 19.75
C SER B 196 31.79 -18.36 18.81
N LEU B 197 31.01 -19.43 18.88
CA LEU B 197 31.23 -20.62 18.07
C LEU B 197 29.96 -21.02 17.35
N THR B 198 30.12 -21.61 16.17
CA THR B 198 29.00 -22.14 15.43
C THR B 198 29.47 -23.35 14.61
N SER B 199 28.57 -23.94 13.84
CA SER B 199 28.90 -25.12 13.04
C SER B 199 28.04 -25.16 11.79
N TYR B 200 28.61 -24.71 10.69
CA TYR B 200 27.94 -24.71 9.40
C TYR B 200 28.94 -24.98 8.28
N THR B 201 28.44 -25.42 7.13
CA THR B 201 29.30 -25.82 6.02
C THR B 201 29.32 -24.83 4.86
N HIS B 202 28.60 -23.72 4.95
CA HIS B 202 28.67 -22.70 3.89
C HIS B 202 29.91 -21.76 4.05
N HIS B 203 30.72 -21.98 5.08
CA HIS B 203 32.04 -21.40 5.21
C HIS B 203 33.00 -22.53 5.67
N PRO B 204 34.30 -22.37 5.44
CA PRO B 204 35.19 -23.47 5.84
C PRO B 204 35.27 -23.63 7.34
N PHE B 205 35.50 -24.85 7.79
CA PHE B 205 35.75 -25.09 9.20
C PHE B 205 37.04 -24.44 9.68
N TYR B 206 37.08 -24.10 10.96
CA TYR B 206 38.25 -23.51 11.63
C TYR B 206 38.56 -22.11 11.15
N THR B 207 37.59 -21.45 10.55
CA THR B 207 37.71 -20.03 10.19
C THR B 207 36.63 -19.26 10.93
N GLN B 208 36.72 -17.93 10.85
CA GLN B 208 35.73 -17.06 11.45
C GLN B 208 34.84 -16.44 10.37
N PHE B 209 33.56 -16.30 10.67
CA PHE B 209 32.67 -15.53 9.83
C PHE B 209 31.50 -14.96 10.63
N PRO B 210 30.84 -13.93 10.10
CA PRO B 210 29.69 -13.38 10.83
C PRO B 210 28.40 -14.06 10.41
N LEU B 211 27.71 -14.69 11.36
CA LEU B 211 26.43 -15.33 11.06
C LEU B 211 25.46 -14.37 10.37
N GLU B 212 24.84 -14.84 9.30
CA GLU B 212 24.02 -14.01 8.42
C GLU B 212 22.59 -13.97 8.92
N ILE B 213 22.40 -13.36 10.08
CA ILE B 213 21.06 -13.23 10.68
C ILE B 213 20.82 -11.78 11.06
N GLN B 214 19.56 -11.41 11.05
CA GLN B 214 19.18 -10.01 11.20
C GLN B 214 19.68 -9.38 12.49
N ASP B 215 19.72 -10.15 13.57
CA ASP B 215 20.12 -9.60 14.84
C ASP B 215 21.64 -9.48 15.02
N ASN B 216 22.40 -10.00 14.07
CA ASN B 216 23.84 -9.82 14.08
C ASN B 216 24.25 -8.68 13.15
N TRP B 217 23.59 -7.55 13.33
CA TRP B 217 23.83 -6.36 12.51
C TRP B 217 25.17 -5.70 12.82
N ARG B 218 25.76 -5.98 13.98
CA ARG B 218 27.14 -5.57 14.23
C ARG B 218 28.16 -6.42 13.45
N HIS B 219 27.71 -7.51 12.83
CA HIS B 219 28.59 -8.40 12.07
C HIS B 219 29.68 -8.98 12.97
N GLY B 220 29.30 -9.41 14.16
CA GLY B 220 30.22 -10.09 15.03
C GLY B 220 30.58 -11.47 14.47
N SER B 222 32.01 -15.46 14.45
CA SER B 222 31.97 -16.72 15.14
C SER B 222 33.03 -17.64 14.54
N TYR B 223 33.64 -18.46 15.37
CA TYR B 223 34.53 -19.51 14.89
C TYR B 223 33.70 -20.73 14.50
N ASN B 224 34.04 -21.34 13.38
CA ASN B 224 33.26 -22.41 12.79
C ASN B 224 33.91 -23.76 13.09
N LEU B 225 33.15 -24.68 13.67
CA LEU B 225 33.66 -25.99 14.04
C LEU B 225 32.80 -27.09 13.43
N PRO B 226 33.41 -28.24 13.07
CA PRO B 226 32.59 -29.38 12.68
C PRO B 226 31.69 -29.80 13.83
N LEU B 227 30.55 -30.37 13.49
CA LEU B 227 29.46 -30.55 14.44
C LEU B 227 29.89 -31.34 15.68
N ASP B 228 30.63 -32.44 15.49
CA ASP B 228 31.06 -33.26 16.63
C ASP B 228 31.99 -32.51 17.58
N GLU B 229 32.93 -31.73 17.03
CA GLU B 229 33.80 -30.91 17.88
C GLU B 229 33.00 -29.80 18.57
N PHE B 230 32.00 -29.26 17.86
CA PHE B 230 31.12 -28.24 18.41
C PHE B 230 30.45 -28.79 19.66
N GLU B 232 31.44 -31.32 21.48
CA GLU B 232 32.49 -31.56 22.47
CA GLU B 232 32.48 -31.58 22.46
C GLU B 232 32.68 -30.35 23.37
N VAL B 233 32.60 -29.16 22.80
CA VAL B 233 32.78 -27.92 23.56
C VAL B 233 31.70 -27.77 24.65
N PHE B 234 30.48 -28.13 24.33
CA PHE B 234 29.38 -28.01 25.32
C PHE B 234 29.73 -28.83 26.54
N ASP B 235 30.06 -30.11 26.32
CA ASP B 235 30.31 -31.03 27.44
C ASP B 235 31.53 -30.64 28.22
N ASN B 236 32.58 -30.23 27.53
CA ASN B 236 33.80 -29.83 28.21
C ASN B 236 33.57 -28.61 29.08
N ALA B 237 32.78 -27.67 28.57
CA ALA B 237 32.47 -26.46 29.30
C ALA B 237 31.78 -26.82 30.62
N ILE B 238 30.70 -27.56 30.53
CA ILE B 238 29.94 -27.89 31.72
C ILE B 238 30.77 -28.72 32.69
N ASN B 239 31.46 -29.73 32.18
CA ASN B 239 32.25 -30.60 33.01
C ASN B 239 33.46 -29.94 33.66
N THR B 240 33.95 -28.82 33.13
CA THR B 240 35.06 -28.12 33.78
C THR B 240 34.59 -26.86 34.51
N GLY B 241 33.28 -26.70 34.70
CA GLY B 241 32.78 -25.65 35.60
C GLY B 241 32.25 -24.39 34.94
N TYR B 242 32.17 -24.39 33.61
CA TYR B 242 31.75 -23.22 32.84
C TYR B 242 30.29 -23.35 32.41
N THR B 243 29.67 -22.22 32.10
CA THR B 243 28.34 -22.23 31.50
C THR B 243 28.45 -21.70 30.08
N ILE B 244 27.34 -21.73 29.36
CA ILE B 244 27.30 -21.46 27.95
C ILE B 244 26.14 -20.52 27.63
N ALA B 245 26.44 -19.46 26.91
CA ALA B 245 25.41 -18.61 26.34
C ALA B 245 24.95 -19.29 25.04
N TRP B 246 23.70 -19.69 25.01
CA TRP B 246 23.18 -20.61 23.99
C TRP B 246 22.12 -19.95 23.15
N GLY B 247 22.42 -19.78 21.88
CA GLY B 247 21.50 -19.21 20.91
C GLY B 247 20.92 -20.30 20.04
N SER B 248 19.59 -20.42 20.07
CA SER B 248 18.93 -21.53 19.43
C SER B 248 17.60 -21.12 18.80
N ASP B 249 17.17 -21.88 17.81
CA ASP B 249 15.81 -21.82 17.33
C ASP B 249 14.94 -22.63 18.27
N VAL B 250 13.86 -22.06 18.76
CA VAL B 250 12.96 -22.77 19.68
C VAL B 250 11.55 -22.88 19.09
N SER B 251 11.39 -22.53 17.82
CA SER B 251 10.11 -22.65 17.12
C SER B 251 10.00 -24.04 16.52
N GLU B 252 9.78 -25.02 17.40
CA GLU B 252 9.66 -26.42 17.00
C GLU B 252 8.59 -26.99 17.89
N SER B 253 7.82 -27.94 17.35
CA SER B 253 6.83 -28.66 18.14
C SER B 253 7.50 -29.35 19.33
N GLY B 254 8.77 -29.74 19.16
CA GLY B 254 9.58 -30.34 20.22
C GLY B 254 9.93 -29.42 21.38
N PHE B 255 9.99 -28.10 21.15
CA PHE B 255 10.22 -27.17 22.26
C PHE B 255 8.87 -26.84 22.89
N THR B 256 8.70 -27.19 24.17
CA THR B 256 7.38 -27.07 24.79
C THR B 256 7.28 -26.01 25.88
N ARG B 257 6.02 -25.65 26.21
CA ARG B 257 5.72 -24.80 27.35
C ARG B 257 5.96 -25.55 28.70
N ASP B 258 5.95 -26.89 28.67
CA ASP B 258 6.17 -27.73 29.87
C ASP B 258 7.66 -28.10 30.16
N GLY B 259 8.57 -27.28 29.65
CA GLY B 259 9.95 -27.29 30.10
C GLY B 259 10.92 -28.32 29.50
N VAL B 260 10.55 -28.93 28.37
CA VAL B 260 11.43 -29.91 27.71
C VAL B 260 11.52 -29.60 26.22
N ALA B 261 12.72 -29.75 25.66
CA ALA B 261 12.97 -29.56 24.24
C ALA B 261 13.55 -30.85 23.72
N VAL B 262 12.77 -31.56 22.91
CA VAL B 262 13.19 -32.83 22.36
C VAL B 262 13.11 -32.83 20.83
N PRO B 264 11.92 -33.52 17.24
CA PRO B 264 10.67 -33.96 16.60
C PRO B 264 10.94 -35.12 15.65
N GLY B 274 -0.77 -25.14 0.98
CA GLY B 274 -1.53 -24.68 -0.18
C GLY B 274 -2.41 -25.81 -0.76
N SER B 275 -3.01 -26.57 0.15
CA SER B 275 -3.85 -27.72 -0.20
C SER B 275 -5.17 -27.26 -0.86
N ASP B 276 -5.51 -27.90 -1.98
CA ASP B 276 -6.83 -27.72 -2.61
C ASP B 276 -7.90 -28.23 -1.62
N ALA B 278 -7.67 -28.84 1.85
CA ALA B 278 -7.72 -28.11 3.13
C ALA B 278 -8.40 -26.75 2.97
N HIS B 279 -8.26 -26.15 1.79
CA HIS B 279 -8.93 -24.89 1.40
C HIS B 279 -10.46 -25.03 1.45
N TRP B 280 -11.00 -26.10 0.87
CA TRP B 280 -12.47 -26.31 0.79
C TRP B 280 -13.13 -26.93 2.05
N LEU B 281 -12.33 -27.52 2.94
CA LEU B 281 -12.83 -28.21 4.14
C LEU B 281 -12.18 -27.64 5.40
N LYS B 288 0.02 -39.63 20.19
CA LYS B 288 1.30 -40.24 19.84
C LYS B 288 2.32 -40.24 21.00
N LYS B 289 2.23 -39.26 21.92
CA LYS B 289 3.15 -39.14 23.07
C LYS B 289 4.58 -38.78 22.66
N LEU B 290 4.71 -38.01 21.57
CA LEU B 290 6.03 -37.65 20.99
C LEU B 290 6.89 -36.76 21.91
N ASN B 291 6.25 -35.79 22.57
CA ASN B 291 6.95 -34.77 23.38
C ASN B 291 6.69 -34.85 24.89
N THR B 292 5.97 -35.88 25.35
CA THR B 292 5.50 -35.98 26.74
C THR B 292 6.19 -37.09 27.59
N LYS B 293 6.95 -37.97 26.95
CA LYS B 293 7.75 -38.99 27.64
CA LYS B 293 7.75 -38.99 27.64
C LYS B 293 9.05 -39.24 26.87
N PRO B 294 10.02 -39.95 27.49
CA PRO B 294 11.26 -40.23 26.75
C PRO B 294 11.06 -41.05 25.48
N GLN B 295 11.67 -40.60 24.39
CA GLN B 295 11.58 -41.25 23.08
C GLN B 295 12.96 -41.31 22.43
N PRO B 296 13.16 -42.24 21.48
CA PRO B 296 14.41 -42.25 20.72
C PRO B 296 14.56 -40.98 19.86
N GLN B 297 15.74 -40.39 19.89
CA GLN B 297 16.00 -39.11 19.22
C GLN B 297 16.61 -39.30 17.82
N LYS B 298 16.25 -38.42 16.89
CA LYS B 298 16.95 -38.32 15.63
C LYS B 298 18.24 -37.52 15.89
N TRP B 299 19.38 -38.14 15.58
CA TRP B 299 20.71 -37.55 15.71
C TRP B 299 21.18 -37.02 14.34
N CYS B 300 21.11 -35.70 14.13
CA CYS B 300 21.27 -35.13 12.80
C CYS B 300 22.71 -35.19 12.29
N THR B 301 22.86 -35.23 10.98
CA THR B 301 24.17 -35.09 10.35
C THR B 301 24.47 -33.60 10.14
N GLN B 302 25.71 -33.29 9.80
CA GLN B 302 26.10 -31.92 9.47
C GLN B 302 25.22 -31.38 8.32
N ALA B 303 24.98 -32.21 7.31
CA ALA B 303 24.19 -31.83 6.16
C ALA B 303 22.73 -31.53 6.52
N GLU B 304 22.13 -32.35 7.38
CA GLU B 304 20.74 -32.12 7.79
C GLU B 304 20.62 -30.83 8.57
N ARG B 305 21.61 -30.57 9.42
CA ARG B 305 21.66 -29.34 10.19
C ARG B 305 21.76 -28.14 9.24
N GLN B 306 22.58 -28.28 8.20
CA GLN B 306 22.79 -27.22 7.24
C GLN B 306 21.51 -26.95 6.46
N LEU B 307 20.83 -28.01 6.03
CA LEU B 307 19.62 -27.84 5.24
C LEU B 307 18.61 -26.97 6.01
N ALA B 308 18.44 -27.24 7.31
CA ALA B 308 17.47 -26.50 8.10
C ALA B 308 17.82 -25.02 8.22
N TYR B 309 19.11 -24.71 8.25
CA TYR B 309 19.54 -23.31 8.28
C TYR B 309 19.31 -22.66 6.92
N ASP B 310 19.59 -23.41 5.85
CA ASP B 310 19.44 -22.88 4.50
C ASP B 310 17.96 -22.68 4.14
N ASN B 311 17.07 -23.53 4.68
CA ASN B 311 15.70 -23.59 4.16
C ASN B 311 14.67 -22.89 5.02
N TYR B 312 15.14 -22.17 6.03
CA TYR B 312 14.28 -21.40 6.95
C TYR B 312 13.64 -22.22 8.10
N GLU B 313 13.92 -23.51 8.23
CA GLU B 313 13.41 -24.26 9.37
C GLU B 313 14.13 -23.89 10.67
N THR B 314 15.40 -23.51 10.59
CA THR B 314 16.14 -23.06 11.79
C THR B 314 16.48 -21.59 11.57
N THR B 315 15.72 -20.70 12.19
CA THR B 315 15.86 -19.24 11.93
C THR B 315 15.91 -18.37 13.17
N ASP B 316 14.89 -18.45 14.01
CA ASP B 316 14.70 -17.40 15.03
C ASP B 316 15.57 -17.62 16.29
N ASP B 317 16.74 -16.98 16.29
CA ASP B 317 17.72 -17.15 17.34
CA ASP B 317 17.73 -17.14 17.35
C ASP B 317 17.28 -16.56 18.71
N HIS B 318 16.76 -17.41 19.61
CA HIS B 318 16.45 -16.99 20.97
CA HIS B 318 16.38 -17.03 21.02
C HIS B 318 17.59 -17.38 21.90
N GLY B 319 17.94 -16.48 22.80
CA GLY B 319 19.08 -16.67 23.68
C GLY B 319 18.71 -17.18 25.06
N GLN B 321 20.72 -19.74 28.59
CA GLN B 321 21.99 -20.17 29.20
C GLN B 321 21.92 -21.66 29.50
N ILE B 322 22.89 -22.43 29.02
CA ILE B 322 23.04 -23.82 29.41
C ILE B 322 24.02 -23.87 30.58
N TYR B 323 23.62 -24.50 31.67
CA TYR B 323 24.45 -24.48 32.88
C TYR B 323 24.68 -25.86 33.49
N GLY B 324 24.14 -26.89 32.87
CA GLY B 324 24.30 -28.22 33.39
C GLY B 324 23.91 -29.33 32.43
N ILE B 325 24.09 -30.55 32.89
CA ILE B 325 23.76 -31.76 32.17
C ILE B 325 22.91 -32.65 33.11
N ALA B 326 21.87 -33.24 32.55
CA ALA B 326 20.98 -34.08 33.33
C ALA B 326 20.61 -35.30 32.50
N LYS B 327 20.05 -36.30 33.17
CA LYS B 327 19.58 -37.51 32.55
C LYS B 327 18.12 -37.73 32.88
N ASP B 328 17.37 -38.30 31.95
CA ASP B 328 16.01 -38.76 32.26
C ASP B 328 16.09 -40.18 32.84
N GLN B 329 14.93 -40.74 33.17
CA GLN B 329 14.86 -42.07 33.80
C GLN B 329 15.34 -43.20 32.89
N GLU B 330 15.37 -42.98 31.56
CA GLU B 330 15.89 -43.98 30.62
C GLU B 330 17.38 -43.76 30.30
N GLY B 331 18.02 -42.79 30.95
CA GLY B 331 19.44 -42.51 30.73
C GLY B 331 19.77 -41.59 29.56
N ASN B 332 18.76 -41.09 28.86
CA ASN B 332 19.00 -40.09 27.81
C ASN B 332 19.53 -38.80 28.40
N GLU B 333 20.37 -38.11 27.64
CA GLU B 333 21.06 -36.94 28.11
C GLU B 333 20.42 -35.63 27.66
N TYR B 334 20.45 -34.66 28.56
CA TYR B 334 19.85 -33.36 28.33
C TYR B 334 20.77 -32.29 28.85
N TYR B 335 20.76 -31.12 28.21
CA TYR B 335 21.36 -29.94 28.80
C TYR B 335 20.31 -29.20 29.61
N VAL B 337 18.82 -25.77 31.05
CA VAL B 337 18.72 -24.46 30.41
C VAL B 337 18.04 -23.46 31.32
N LYS B 338 18.71 -22.35 31.59
CA LYS B 338 18.09 -21.24 32.31
C LYS B 338 17.45 -20.30 31.29
N ASN B 339 16.13 -20.19 31.37
CA ASN B 339 15.37 -19.35 30.50
C ASN B 339 15.06 -18.04 31.19
N SER B 340 14.48 -17.09 30.46
CA SER B 340 14.20 -15.78 31.00
C SER B 340 12.69 -15.44 30.91
N TRP B 341 11.83 -16.43 31.18
CA TRP B 341 10.38 -16.23 31.17
C TRP B 341 9.77 -16.28 32.55
N GLY B 342 10.58 -15.97 33.55
CA GLY B 342 10.12 -16.07 34.92
C GLY B 342 9.98 -17.52 35.38
N THR B 343 9.44 -17.67 36.58
CA THR B 343 9.47 -18.96 37.27
C THR B 343 8.12 -19.70 37.29
N ASN B 344 7.11 -19.18 36.61
CA ASN B 344 5.81 -19.84 36.56
C ASN B 344 5.75 -20.91 35.46
N SER B 345 6.45 -22.02 35.70
CA SER B 345 6.49 -23.14 34.75
C SER B 345 6.91 -24.40 35.51
N LYS B 346 6.86 -25.54 34.85
CA LYS B 346 7.00 -26.83 35.55
C LYS B 346 8.27 -26.90 36.40
N TYR B 347 9.40 -26.45 35.87
CA TYR B 347 10.68 -26.53 36.60
C TYR B 347 11.20 -25.16 37.01
N ASN B 348 10.26 -24.27 37.31
CA ASN B 348 10.55 -22.93 37.83
C ASN B 348 11.46 -22.09 36.95
N GLY B 349 11.21 -22.10 35.66
CA GLY B 349 11.94 -21.26 34.70
C GLY B 349 13.14 -21.92 34.08
N ILE B 350 13.35 -23.20 34.41
CA ILE B 350 14.41 -24.04 33.84
C ILE B 350 13.81 -24.99 32.80
N TRP B 351 14.58 -25.26 31.74
CA TRP B 351 14.21 -26.18 30.68
C TRP B 351 15.26 -27.28 30.55
N TYR B 352 14.84 -28.43 30.02
CA TYR B 352 15.73 -29.49 29.69
C TYR B 352 15.71 -29.70 28.18
N ALA B 353 16.86 -29.58 27.54
CA ALA B 353 16.96 -29.72 26.09
C ALA B 353 17.80 -30.94 25.79
N SER B 354 17.25 -31.87 24.99
CA SER B 354 17.99 -33.09 24.69
C SER B 354 19.21 -32.74 23.88
N LYS B 355 20.26 -33.54 24.03
CA LYS B 355 21.47 -33.33 23.27
C LYS B 355 21.19 -33.35 21.78
N ALA B 356 20.24 -34.18 21.34
CA ALA B 356 19.86 -34.23 19.93
C ALA B 356 19.21 -32.91 19.47
N PHE B 357 18.36 -32.33 20.31
CA PHE B 357 17.76 -31.04 20.00
C PHE B 357 18.83 -29.97 19.85
N VAL B 358 19.75 -29.93 20.80
CA VAL B 358 20.77 -28.89 20.82
C VAL B 358 21.66 -28.99 19.59
N ARG B 359 22.04 -30.22 19.25
CA ARG B 359 22.88 -30.48 18.08
C ARG B 359 22.24 -29.96 16.76
N TYR B 360 20.94 -30.09 16.64
CA TYR B 360 20.24 -29.73 15.42
C TYR B 360 19.84 -28.27 15.35
N LYS B 361 19.43 -27.69 16.48
CA LYS B 361 18.80 -26.38 16.50
C LYS B 361 19.66 -25.22 16.98
N THR B 362 20.85 -25.48 17.49
CA THR B 362 21.74 -24.41 17.97
C THR B 362 22.21 -23.59 16.80
N ASN B 364 24.33 -20.52 17.58
CA ASN B 364 25.65 -20.13 18.05
C ASN B 364 25.73 -20.18 19.56
N ILE B 365 26.94 -20.30 20.08
CA ILE B 365 27.18 -20.24 21.52
C ILE B 365 28.33 -19.30 21.81
N VAL B 366 28.33 -18.77 23.03
CA VAL B 366 29.47 -18.06 23.54
C VAL B 366 29.93 -18.76 24.82
N VAL B 367 31.24 -18.97 24.94
CA VAL B 367 31.85 -19.51 26.15
C VAL B 367 33.15 -18.77 26.40
N HIS B 368 33.63 -18.85 27.63
CA HIS B 368 34.97 -18.39 27.95
C HIS B 368 35.97 -19.23 27.19
N LYS B 369 37.05 -18.62 26.72
CA LYS B 369 38.10 -19.36 26.00
C LYS B 369 38.61 -20.59 26.74
N ASP B 370 38.72 -20.52 28.06
CA ASP B 370 39.25 -21.65 28.84
C ASP B 370 38.29 -22.82 28.96
N ALA B 371 37.06 -22.64 28.49
CA ALA B 371 36.09 -23.73 28.41
C ALA B 371 36.37 -24.66 27.24
N LEU B 372 37.16 -24.19 26.29
CA LEU B 372 37.47 -24.98 25.08
C LEU B 372 38.49 -26.05 25.36
N PRO B 373 38.28 -27.26 24.81
CA PRO B 373 39.32 -28.31 24.95
C PRO B 373 40.57 -27.86 24.25
N LYS B 374 41.72 -28.21 24.81
CA LYS B 374 43.03 -27.77 24.32
C LYS B 374 43.22 -28.00 22.81
N ALA B 375 42.86 -29.17 22.33
CA ALA B 375 43.06 -29.51 20.91
C ALA B 375 42.20 -28.63 19.98
N ILE B 376 40.98 -28.32 20.41
CA ILE B 376 40.08 -27.45 19.63
C ILE B 376 40.58 -26.00 19.64
N LYS B 377 41.01 -25.53 20.80
CA LYS B 377 41.66 -24.22 20.91
C LYS B 377 42.79 -24.09 19.90
N ALA B 378 43.61 -25.12 19.80
CA ALA B 378 44.77 -25.09 18.89
C ALA B 378 44.33 -25.06 17.45
N LYS B 379 43.33 -25.87 17.10
CA LYS B 379 42.82 -25.86 15.71
C LYS B 379 42.24 -24.50 15.30
N LEU B 380 41.70 -23.75 16.26
CA LEU B 380 41.14 -22.43 15.96
C LEU B 380 42.19 -21.32 16.02
N GLY B 381 43.39 -21.65 16.49
CA GLY B 381 44.46 -20.66 16.63
C GLY B 381 44.26 -19.70 17.79
N ILE B 382 43.55 -20.13 18.82
CA ILE B 382 43.28 -19.28 19.97
C ILE B 382 44.37 -19.54 20.99
N LYS B 383 45.20 -18.52 21.25
CA LYS B 383 46.33 -18.66 22.17
C LYS B 383 45.83 -18.83 23.61
N GLY C 11 37.58 28.84 -19.70
CA GLY C 11 37.30 27.45 -19.21
C GLY C 11 38.46 26.81 -18.45
N PHE C 12 38.57 25.48 -18.52
CA PHE C 12 39.69 24.76 -17.89
C PHE C 12 40.70 24.33 -18.93
N VAL C 13 42.00 24.51 -18.65
CA VAL C 13 43.04 23.90 -19.48
C VAL C 13 43.94 23.08 -18.57
N PHE C 14 44.01 21.77 -18.83
CA PHE C 14 44.71 20.85 -17.94
C PHE C 14 46.05 20.42 -18.50
N THR C 15 47.05 20.33 -17.63
CA THR C 15 48.34 19.78 -17.97
C THR C 15 48.63 18.60 -17.05
N THR C 16 48.93 17.45 -17.65
CA THR C 16 49.31 16.27 -16.89
C THR C 16 50.64 16.48 -16.17
N VAL C 17 50.67 16.22 -14.87
CA VAL C 17 51.91 16.25 -14.10
C VAL C 17 52.49 14.84 -14.10
N LYS C 18 51.66 13.85 -13.78
CA LYS C 18 52.08 12.45 -13.88
C LYS C 18 50.86 11.56 -14.09
N GLU C 19 51.02 10.55 -14.95
CA GLU C 19 49.98 9.54 -15.14
C GLU C 19 50.57 8.17 -15.36
N ASN C 20 49.85 7.16 -14.90
CA ASN C 20 50.29 5.79 -14.99
C ASN C 20 49.44 5.02 -16.01
N PRO C 21 49.97 3.91 -16.55
CA PRO C 21 49.26 3.22 -17.64
C PRO C 21 47.88 2.65 -17.27
N ILE C 22 46.91 2.87 -18.16
CA ILE C 22 45.55 2.35 -18.02
C ILE C 22 45.15 1.65 -19.32
N THR C 23 44.13 0.81 -19.24
CA THR C 23 43.55 0.20 -20.45
C THR C 23 42.48 1.12 -21.00
N SER C 24 41.85 0.73 -22.10
CA SER C 24 40.85 1.53 -22.78
C SER C 24 39.61 1.78 -21.92
N VAL C 25 38.94 2.89 -22.21
CA VAL C 25 37.74 3.32 -21.50
C VAL C 25 36.57 2.41 -21.91
N LYS C 26 35.87 1.88 -20.92
CA LYS C 26 34.76 0.95 -21.15
C LYS C 26 33.44 1.66 -20.90
N ASN C 27 32.34 0.98 -21.21
CA ASN C 27 31.01 1.57 -21.06
C ASN C 27 30.04 0.60 -20.37
N GLN C 28 29.70 0.90 -19.12
CA GLN C 28 28.79 0.05 -18.35
C GLN C 28 27.34 0.17 -18.85
N ASN C 29 27.05 1.24 -19.59
CA ASN C 29 25.71 1.55 -20.14
C ASN C 29 24.60 1.49 -19.07
N ARG C 30 23.52 0.72 -19.30
CA ARG C 30 22.34 0.80 -18.46
C ARG C 30 22.30 -0.27 -17.37
N ALA C 31 23.25 -0.16 -16.46
CA ALA C 31 23.38 -1.08 -15.32
C ALA C 31 24.26 -0.40 -14.30
N GLY C 32 24.01 -0.65 -13.01
CA GLY C 32 24.81 -0.02 -11.92
C GLY C 32 26.04 -0.84 -11.57
N THR C 33 26.81 -1.24 -12.59
CA THR C 33 27.92 -2.18 -12.44
C THR C 33 29.28 -1.47 -12.42
N CYS C 34 29.30 -0.17 -12.10
CA CYS C 34 30.56 0.61 -12.03
C CYS C 34 31.57 0.05 -11.04
N TRP C 35 31.06 -0.59 -9.99
CA TRP C 35 31.95 -1.24 -9.03
C TRP C 35 32.87 -2.28 -9.71
N CYS C 36 32.32 -3.00 -10.69
CA CYS C 36 33.09 -4.04 -11.36
C CYS C 36 33.95 -3.47 -12.47
N TYR C 37 33.41 -2.54 -13.24
CA TYR C 37 34.20 -1.90 -14.31
C TYR C 37 35.41 -1.17 -13.74
N SER C 38 35.22 -0.40 -12.68
CA SER C 38 36.32 0.32 -12.06
C SER C 38 37.32 -0.63 -11.38
N SER C 39 36.82 -1.68 -10.75
CA SER C 39 37.70 -2.70 -10.17
C SER C 39 38.58 -3.30 -11.25
N TYR C 40 38.01 -3.56 -12.41
CA TYR C 40 38.76 -4.21 -13.47
C TYR C 40 39.69 -3.25 -14.21
N SER C 41 39.31 -1.97 -14.31
CA SER C 41 40.26 -0.98 -14.80
C SER C 41 41.48 -0.95 -13.89
N PHE C 42 41.23 -0.98 -12.58
CA PHE C 42 42.29 -0.99 -11.58
C PHE C 42 43.15 -2.24 -11.69
N LEU C 43 42.53 -3.41 -11.70
CA LEU C 43 43.28 -4.64 -11.79
C LEU C 43 44.04 -4.77 -13.11
N GLU C 44 43.47 -4.27 -14.21
CA GLU C 44 44.19 -4.27 -15.49
C GLU C 44 45.41 -3.34 -15.45
N SER C 45 45.31 -2.21 -14.78
CA SER C 45 46.48 -1.36 -14.54
C SER C 45 47.54 -2.07 -13.69
N GLU C 46 47.08 -2.81 -12.68
CA GLU C 46 47.98 -3.59 -11.85
C GLU C 46 48.73 -4.63 -12.65
N LEU C 47 48.02 -5.31 -13.55
CA LEU C 47 48.66 -6.31 -14.39
C LEU C 47 49.71 -5.66 -15.31
N LEU C 48 49.42 -4.48 -15.85
CA LEU C 48 50.40 -3.74 -16.65
C LEU C 48 51.62 -3.39 -15.79
N ARG C 49 51.37 -2.89 -14.59
CA ARG C 49 52.44 -2.50 -13.67
C ARG C 49 53.31 -3.70 -13.30
N GLY C 51 54.02 -6.24 -15.10
CA GLY C 51 54.70 -6.82 -16.25
C GLY C 51 53.98 -7.99 -16.89
N LYS C 52 52.67 -8.08 -16.69
CA LYS C 52 51.90 -9.20 -17.23
CA LYS C 52 51.90 -9.20 -17.23
C LYS C 52 51.23 -8.83 -18.55
N GLY C 53 51.35 -7.58 -18.96
CA GLY C 53 50.72 -7.14 -20.21
C GLY C 53 49.28 -6.71 -20.07
N GLU C 54 48.63 -6.54 -21.22
CA GLU C 54 47.30 -5.93 -21.31
C GLU C 54 46.22 -7.01 -21.31
N TYR C 55 45.26 -6.87 -20.39
CA TYR C 55 44.12 -7.79 -20.30
C TYR C 55 42.82 -7.02 -20.47
N ASP C 56 41.79 -7.74 -20.91
CA ASP C 56 40.42 -7.24 -20.90
C ASP C 56 39.57 -8.29 -20.18
N LEU C 57 39.27 -8.05 -18.91
CA LEU C 57 38.61 -9.05 -18.07
C LEU C 57 37.08 -8.90 -18.17
N SER C 58 36.35 -10.01 -18.04
CA SER C 58 34.89 -9.99 -18.18
C SER C 58 34.18 -9.52 -16.94
N GLU C 59 33.66 -8.29 -16.98
CA GLU C 59 32.81 -7.80 -15.89
C GLU C 59 31.60 -8.67 -15.72
N PHE C 61 31.03 -11.81 -16.05
CA PHE C 61 31.27 -13.06 -15.33
C PHE C 61 31.21 -12.81 -13.82
N THR C 62 31.85 -11.75 -13.38
CA THR C 62 31.90 -11.41 -11.98
C THR C 62 30.59 -10.81 -11.47
N VAL C 63 29.95 -9.99 -12.28
CA VAL C 63 28.62 -9.46 -11.95
C VAL C 63 27.64 -10.62 -11.73
N TYR C 64 27.64 -11.58 -12.65
CA TYR C 64 26.82 -12.77 -12.53
C TYR C 64 27.02 -13.47 -11.19
N ASN C 65 28.26 -13.86 -10.89
CA ASN C 65 28.52 -14.60 -9.67
C ASN C 65 28.23 -13.77 -8.40
N THR C 66 28.56 -12.49 -8.43
CA THR C 66 28.32 -11.63 -7.30
C THR C 66 26.79 -11.52 -7.00
N TYR C 67 25.97 -11.37 -8.03
CA TYR C 67 24.54 -11.27 -7.81
C TYR C 67 23.93 -12.54 -7.22
N LEU C 68 24.47 -13.70 -7.56
CA LEU C 68 23.99 -14.93 -6.94
C LEU C 68 24.31 -14.93 -5.44
N ASP C 69 25.49 -14.43 -5.07
CA ASP C 69 25.86 -14.38 -3.64
C ASP C 69 25.01 -13.30 -2.94
N ARG C 70 24.75 -12.19 -3.63
CA ARG C 70 23.95 -11.13 -3.04
C ARG C 70 22.52 -11.60 -2.79
N ALA C 71 21.98 -12.40 -3.70
CA ALA C 71 20.65 -12.97 -3.51
C ALA C 71 20.65 -13.88 -2.28
N ASP C 72 21.69 -14.70 -2.15
CA ASP C 72 21.83 -15.58 -0.98
C ASP C 72 21.88 -14.77 0.30
N ALA C 73 22.62 -13.67 0.30
CA ALA C 73 22.72 -12.81 1.49
C ALA C 73 21.34 -12.20 1.83
N ALA C 74 20.60 -11.80 0.80
CA ALA C 74 19.26 -11.26 0.99
C ALA C 74 18.36 -12.31 1.61
N VAL C 75 18.43 -13.55 1.10
CA VAL C 75 17.56 -14.59 1.63
C VAL C 75 17.94 -14.97 3.06
N ARG C 76 19.24 -15.11 3.33
CA ARG C 76 19.66 -15.51 4.67
C ARG C 76 19.28 -14.47 5.72
N THR C 77 19.26 -13.20 5.34
CA THR C 77 18.88 -12.13 6.27
C THR C 77 17.42 -11.71 6.15
N HIS C 78 16.61 -12.52 5.49
CA HIS C 78 15.18 -12.23 5.33
C HIS C 78 14.93 -10.80 4.84
N GLY C 79 15.76 -10.37 3.89
CA GLY C 79 15.53 -9.13 3.18
C GLY C 79 16.31 -7.93 3.70
N ASP C 80 17.01 -8.08 4.83
CA ASP C 80 17.81 -6.97 5.33
C ASP C 80 18.87 -6.56 4.30
N VAL C 81 19.68 -7.50 3.85
CA VAL C 81 20.58 -7.18 2.74
C VAL C 81 19.75 -6.87 1.50
N SER C 82 19.83 -5.65 1.01
CA SER C 82 19.06 -5.28 -0.18
C SER C 82 19.66 -6.00 -1.40
N PHE C 83 18.80 -6.28 -2.36
CA PHE C 83 19.22 -6.92 -3.58
C PHE C 83 19.10 -5.87 -4.68
N SER C 84 20.23 -5.45 -5.21
CA SER C 84 20.27 -4.41 -6.23
C SER C 84 21.55 -4.59 -7.05
N GLN C 85 21.77 -3.68 -8.00
CA GLN C 85 22.80 -3.88 -9.02
C GLN C 85 24.22 -3.54 -8.56
N GLY C 86 24.33 -2.78 -7.48
CA GLY C 86 25.61 -2.26 -7.05
C GLY C 86 26.48 -3.30 -6.36
N GLY C 87 27.60 -2.83 -5.85
CA GLY C 87 28.59 -3.68 -5.23
C GLY C 87 29.81 -2.87 -4.83
N SER C 88 30.91 -3.57 -4.56
CA SER C 88 32.10 -2.95 -3.99
C SER C 88 33.35 -3.48 -4.66
N PHE C 89 34.45 -2.79 -4.40
CA PHE C 89 35.76 -3.27 -4.82
C PHE C 89 36.03 -4.64 -4.22
N TYR C 90 35.62 -4.84 -2.97
CA TYR C 90 35.85 -6.12 -2.35
C TYR C 90 35.11 -7.24 -3.09
N ASP C 91 33.93 -6.97 -3.63
CA ASP C 91 33.23 -7.98 -4.40
C ASP C 91 34.14 -8.52 -5.51
N ALA C 92 34.87 -7.62 -6.19
CA ALA C 92 35.75 -8.01 -7.29
C ALA C 92 36.97 -8.80 -6.79
N LEU C 93 37.54 -8.37 -5.67
CA LEU C 93 38.70 -9.07 -5.07
C LEU C 93 38.31 -10.43 -4.47
N TYR C 94 37.19 -10.48 -3.76
CA TYR C 94 36.65 -11.75 -3.29
C TYR C 94 36.36 -12.64 -4.50
N GLY C 95 35.75 -12.05 -5.51
CA GLY C 95 35.30 -12.79 -6.68
C GLY C 95 36.42 -13.48 -7.43
N GLU C 97 39.28 -14.55 -6.39
CA GLU C 97 39.79 -15.64 -5.58
C GLU C 97 38.81 -16.78 -5.45
N THR C 98 37.51 -16.49 -5.56
CA THR C 98 36.48 -17.50 -5.29
C THR C 98 35.95 -18.10 -6.58
N PHE C 99 35.63 -17.25 -7.55
CA PHE C 99 35.04 -17.71 -8.82
C PHE C 99 36.03 -17.81 -9.94
N GLY C 100 37.12 -17.04 -9.86
CA GLY C 100 38.08 -16.96 -10.94
C GLY C 100 37.91 -15.72 -11.79
N LEU C 101 38.57 -15.73 -12.95
CA LEU C 101 38.48 -14.63 -13.91
C LEU C 101 38.30 -15.22 -15.30
N VAL C 102 37.64 -14.49 -16.19
CA VAL C 102 37.57 -14.91 -17.58
C VAL C 102 37.76 -13.70 -18.48
N PRO C 103 38.30 -13.91 -19.68
CA PRO C 103 38.44 -12.83 -20.65
C PRO C 103 37.10 -12.30 -21.12
N GLU C 104 37.07 -11.01 -21.45
CA GLU C 104 35.88 -10.33 -21.94
C GLU C 104 35.10 -11.13 -22.97
N GLU C 105 35.80 -11.65 -23.97
CA GLU C 105 35.16 -12.32 -25.10
C GLU C 105 34.38 -13.58 -24.70
N GLU C 106 34.69 -14.16 -23.55
CA GLU C 106 33.97 -15.34 -23.10
C GLU C 106 32.60 -15.04 -22.49
N ARG C 108 30.29 -11.43 -22.86
CA ARG C 108 30.19 -10.03 -23.22
C ARG C 108 28.84 -9.44 -22.78
N PRO C 109 28.81 -8.14 -22.51
CA PRO C 109 27.54 -7.48 -22.23
C PRO C 109 26.61 -7.48 -23.43
N GLY C 110 25.31 -7.62 -23.19
CA GLY C 110 24.29 -7.42 -24.24
C GLY C 110 23.98 -8.61 -25.14
N TYR C 113 20.44 -10.35 -25.58
CA TYR C 113 19.34 -9.57 -26.13
C TYR C 113 19.77 -8.74 -27.34
N ALA C 114 20.70 -9.29 -28.11
CA ALA C 114 21.08 -8.75 -29.43
C ALA C 114 21.68 -7.34 -29.36
N ASP C 115 22.40 -7.05 -28.27
CA ASP C 115 23.08 -5.76 -28.10
C ASP C 115 24.54 -6.04 -27.81
N THR C 116 25.33 -4.98 -27.73
CA THR C 116 26.74 -5.08 -27.35
C THR C 116 27.05 -4.32 -26.07
N LEU C 117 26.04 -3.70 -25.47
CA LEU C 117 26.18 -3.01 -24.19
C LEU C 117 25.08 -3.48 -23.24
N SER C 118 25.36 -3.39 -21.93
CA SER C 118 24.41 -3.83 -20.92
C SER C 118 23.12 -3.00 -20.86
N ASN C 119 22.00 -3.69 -20.72
CA ASN C 119 20.77 -3.09 -20.21
C ASN C 119 20.09 -4.09 -19.27
N HIS C 120 20.20 -3.83 -17.98
CA HIS C 120 19.78 -4.83 -16.99
C HIS C 120 18.47 -4.50 -16.29
N THR C 121 17.68 -3.60 -16.88
CA THR C 121 16.46 -3.16 -16.23
C THR C 121 15.45 -4.31 -16.09
N GLU C 122 15.31 -5.11 -17.14
CA GLU C 122 14.35 -6.20 -17.12
C GLU C 122 14.86 -7.33 -16.22
N LEU C 123 16.13 -7.67 -16.35
CA LEU C 123 16.76 -8.65 -15.45
C LEU C 123 16.52 -8.30 -13.96
N SER C 124 16.74 -7.03 -13.62
CA SER C 124 16.49 -6.59 -12.24
C SER C 124 15.02 -6.66 -11.88
N ALA C 125 14.12 -6.30 -12.80
CA ALA C 125 12.70 -6.36 -12.48
C ALA C 125 12.35 -7.79 -12.09
N LEU C 126 12.84 -8.76 -12.86
CA LEU C 126 12.52 -10.16 -12.58
C LEU C 126 13.24 -10.66 -11.32
N THR C 127 14.55 -10.42 -11.22
CA THR C 127 15.30 -11.02 -10.11
C THR C 127 14.99 -10.33 -8.77
N ASP C 128 14.76 -9.02 -8.76
CA ASP C 128 14.33 -8.34 -7.55
C ASP C 128 13.01 -8.94 -7.04
N ALA C 129 12.08 -9.18 -7.94
CA ALA C 129 10.79 -9.74 -7.54
C ALA C 129 10.94 -11.15 -7.01
N VAL C 131 13.72 -12.61 -5.65
CA VAL C 131 14.42 -12.60 -4.39
C VAL C 131 13.48 -12.12 -3.28
N ALA C 132 12.68 -11.07 -3.54
CA ALA C 132 11.74 -10.57 -2.54
C ALA C 132 10.71 -11.62 -2.19
N ALA C 133 10.29 -12.40 -3.18
CA ALA C 133 9.23 -13.37 -2.93
C ALA C 133 9.73 -14.46 -1.96
N ILE C 134 11.03 -14.72 -1.97
CA ILE C 134 11.62 -15.68 -1.04
C ILE C 134 11.98 -14.99 0.27
N ALA C 135 12.78 -13.93 0.18
CA ALA C 135 13.36 -13.28 1.35
C ALA C 135 12.35 -12.54 2.23
N LYS C 136 11.31 -11.97 1.65
CA LYS C 136 10.35 -11.15 2.39
CA LYS C 136 10.35 -11.15 2.39
C LYS C 136 8.94 -11.72 2.37
N GLY C 137 8.78 -12.92 1.85
CA GLY C 137 7.45 -13.52 1.73
C GLY C 137 7.13 -14.38 2.93
N LYS C 138 6.14 -15.25 2.76
CA LYS C 138 5.61 -16.07 3.83
C LYS C 138 5.99 -17.55 3.76
N LEU C 139 6.92 -17.91 2.90
CA LEU C 139 7.34 -19.31 2.79
C LEU C 139 8.03 -19.71 4.09
N ARG C 140 7.60 -20.84 4.66
CA ARG C 140 8.09 -21.29 5.95
C ARG C 140 9.21 -22.31 5.80
N LYS C 141 9.27 -22.97 4.66
CA LYS C 141 10.28 -23.99 4.40
C LYS C 141 10.63 -24.02 2.91
N LEU C 142 11.84 -23.59 2.55
CA LEU C 142 12.24 -23.51 1.16
C LEU C 142 12.56 -24.91 0.62
N GLN C 143 12.26 -25.13 -0.65
CA GLN C 143 12.38 -26.46 -1.23
C GLN C 143 13.80 -26.78 -1.68
N SER C 144 14.14 -28.06 -1.57
CA SER C 144 15.48 -28.54 -1.93
C SER C 144 15.39 -29.90 -2.62
N ASP C 145 16.41 -30.23 -3.39
CA ASP C 145 16.46 -31.52 -4.08
C ASP C 145 17.14 -32.58 -3.19
N GLU C 146 17.41 -33.74 -3.76
CA GLU C 146 17.87 -34.90 -2.98
C GLU C 146 19.30 -34.68 -2.48
N ASN C 147 20.04 -33.76 -3.10
CA ASN C 147 21.36 -33.38 -2.62
C ASN C 147 21.36 -32.13 -1.73
N ASN C 148 20.20 -31.76 -1.20
CA ASN C 148 20.04 -30.52 -0.40
C ASN C 148 20.39 -29.22 -1.11
N ALA C 149 20.41 -29.21 -2.44
CA ALA C 149 20.59 -27.98 -3.22
C ALA C 149 19.23 -27.26 -3.27
N LEU C 151 16.17 -25.10 -4.56
CA LEU C 151 15.55 -24.84 -5.87
C LEU C 151 15.51 -23.35 -6.21
N TRP C 152 15.28 -22.50 -5.22
CA TRP C 152 15.18 -21.06 -5.53
C TRP C 152 16.51 -20.54 -6.08
N LYS C 153 17.61 -21.09 -5.59
CA LYS C 153 18.93 -20.68 -6.09
C LYS C 153 19.10 -21.09 -7.55
N LYS C 154 18.63 -22.27 -7.90
CA LYS C 154 18.68 -22.73 -9.29
C LYS C 154 17.86 -21.80 -10.19
N ALA C 155 16.69 -21.38 -9.69
CA ALA C 155 15.83 -20.44 -10.41
C ALA C 155 16.49 -19.11 -10.66
N VAL C 156 17.10 -18.54 -9.63
CA VAL C 156 17.75 -17.24 -9.78
C VAL C 156 18.99 -17.33 -10.68
N ALA C 157 19.73 -18.42 -10.57
CA ALA C 157 20.89 -18.63 -11.45
C ALA C 157 20.41 -18.74 -12.89
N ALA C 158 19.38 -19.54 -13.14
CA ALA C 158 18.93 -19.77 -14.51
C ALA C 158 18.43 -18.47 -15.15
N VAL C 159 17.73 -17.63 -14.39
CA VAL C 159 17.24 -16.35 -14.92
C VAL C 159 18.43 -15.43 -15.22
N HIS C 160 19.42 -15.38 -14.33
CA HIS C 160 20.60 -14.55 -14.61
C HIS C 160 21.34 -15.01 -15.86
N GLN C 161 21.41 -16.31 -16.09
CA GLN C 161 22.07 -16.81 -17.30
C GLN C 161 21.33 -16.40 -18.57
N ILE C 162 19.99 -16.40 -18.52
CA ILE C 162 19.17 -16.02 -19.68
C ILE C 162 19.46 -14.59 -20.10
N TYR C 163 19.72 -13.69 -19.14
CA TYR C 163 19.99 -12.28 -19.47
C TYR C 163 21.46 -11.94 -19.61
N LEU C 164 22.36 -12.65 -18.91
CA LEU C 164 23.80 -12.28 -18.86
C LEU C 164 24.69 -13.21 -19.66
N GLY C 165 24.26 -14.45 -19.84
CA GLY C 165 25.05 -15.48 -20.53
C GLY C 165 25.42 -16.65 -19.63
N VAL C 166 25.91 -17.72 -20.25
CA VAL C 166 26.32 -18.92 -19.55
C VAL C 166 27.81 -18.77 -19.21
N PRO C 167 28.16 -18.80 -17.93
CA PRO C 167 29.61 -18.75 -17.63
C PRO C 167 30.35 -20.00 -18.11
N PRO C 168 31.52 -19.82 -18.72
CA PRO C 168 32.25 -20.98 -19.25
C PRO C 168 32.95 -21.79 -18.16
N GLU C 169 32.96 -23.11 -18.33
CA GLU C 169 33.71 -23.99 -17.45
C GLU C 169 35.14 -24.14 -17.92
N LYS C 170 35.33 -24.16 -19.24
CA LYS C 170 36.63 -24.22 -19.89
C LYS C 170 36.60 -23.25 -21.04
N PHE C 171 37.76 -22.71 -21.39
CA PHE C 171 37.87 -21.90 -22.59
C PHE C 171 39.33 -21.84 -23.04
N THR C 172 39.52 -21.38 -24.27
CA THR C 172 40.86 -21.24 -24.84
C THR C 172 41.17 -19.77 -25.00
N TYR C 173 42.36 -19.38 -24.55
CA TYR C 173 42.79 -17.99 -24.64
C TYR C 173 44.25 -17.98 -25.03
N LYS C 174 44.52 -17.37 -26.18
CA LYS C 174 45.86 -17.29 -26.75
C LYS C 174 46.55 -18.66 -26.78
N GLY C 175 45.83 -19.64 -27.32
CA GLY C 175 46.37 -20.98 -27.53
C GLY C 175 46.37 -21.94 -26.35
N LYS C 176 45.94 -21.49 -25.18
CA LYS C 176 45.99 -22.33 -23.99
C LYS C 176 44.60 -22.52 -23.40
N GLU C 177 44.33 -23.71 -22.88
CA GLU C 177 43.07 -24.00 -22.25
C GLU C 177 43.10 -23.62 -20.76
N TYR C 178 42.05 -22.96 -20.30
CA TYR C 178 41.92 -22.56 -18.90
C TYR C 178 40.54 -22.88 -18.34
N THR C 179 40.47 -22.95 -17.00
CA THR C 179 39.23 -22.76 -16.29
C THR C 179 39.29 -21.33 -15.74
N PRO C 180 38.15 -20.81 -15.24
CA PRO C 180 38.24 -19.48 -14.66
C PRO C 180 39.23 -19.41 -13.51
N LYS C 181 39.29 -20.48 -12.71
CA LYS C 181 40.27 -20.55 -11.64
C LYS C 181 41.72 -20.55 -12.18
N SER C 182 42.02 -21.39 -13.17
CA SER C 182 43.40 -21.46 -13.67
C SER C 182 43.77 -20.18 -14.42
N PHE C 183 42.80 -19.52 -15.05
CA PHE C 183 43.06 -18.23 -15.68
C PHE C 183 43.44 -17.19 -14.62
N PHE C 184 42.71 -17.19 -13.51
CA PHE C 184 43.03 -16.27 -12.42
C PHE C 184 44.44 -16.55 -11.90
N GLU C 185 44.74 -17.83 -11.70
CA GLU C 185 46.05 -18.24 -11.21
C GLU C 185 47.15 -17.76 -12.14
N SER C 186 46.91 -17.80 -13.45
CA SER C 186 47.92 -17.37 -14.43
C SER C 186 48.23 -15.87 -14.34
N THR C 187 47.32 -15.08 -13.78
CA THR C 187 47.54 -13.62 -13.67
C THR C 187 48.55 -13.25 -12.58
N GLY C 188 48.69 -14.11 -11.57
CA GLY C 188 49.50 -13.79 -10.40
C GLY C 188 48.89 -12.79 -9.42
N LEU C 189 47.66 -12.34 -9.67
CA LEU C 189 47.01 -11.40 -8.74
C LEU C 189 46.71 -12.12 -7.41
N LYS C 190 46.80 -11.38 -6.31
CA LYS C 190 46.37 -11.89 -5.00
C LYS C 190 45.53 -10.86 -4.26
N ALA C 191 44.37 -11.26 -3.76
CA ALA C 191 43.51 -10.37 -2.99
C ALA C 191 44.25 -9.79 -1.79
N SER C 192 45.11 -10.59 -1.17
CA SER C 192 45.86 -10.15 0.01
C SER C 192 46.89 -9.04 -0.28
N ASP C 193 47.20 -8.78 -1.54
CA ASP C 193 48.05 -7.63 -1.89
C ASP C 193 47.36 -6.28 -1.75
N TYR C 194 46.04 -6.28 -1.64
CA TYR C 194 45.27 -5.02 -1.73
C TYR C 194 44.63 -4.66 -0.40
N VAL C 195 44.58 -3.36 -0.11
CA VAL C 195 43.91 -2.88 1.09
C VAL C 195 42.90 -1.80 0.73
N SER C 196 41.80 -1.80 1.48
CA SER C 196 40.81 -0.75 1.40
C SER C 196 41.08 0.26 2.51
N LEU C 197 41.00 1.54 2.16
CA LEU C 197 41.25 2.62 3.11
C LEU C 197 40.10 3.62 3.13
N THR C 198 39.84 4.22 4.29
CA THR C 198 38.86 5.25 4.41
C THR C 198 39.30 6.24 5.48
N SER C 199 38.46 7.25 5.75
CA SER C 199 38.78 8.27 6.75
C SER C 199 37.51 8.83 7.37
N TYR C 200 37.16 8.32 8.54
CA TYR C 200 35.99 8.75 9.28
C TYR C 200 36.27 8.71 10.78
N THR C 201 35.47 9.43 11.56
CA THR C 201 35.72 9.57 12.99
C THR C 201 34.75 8.80 13.86
N HIS C 202 33.80 8.07 13.28
CA HIS C 202 32.88 7.29 14.09
C HIS C 202 33.48 5.93 14.48
N HIS C 203 34.69 5.66 14.02
CA HIS C 203 35.51 4.57 14.54
C HIS C 203 36.92 5.14 14.78
N PRO C 204 37.71 4.49 15.67
CA PRO C 204 39.03 5.05 15.92
C PRO C 204 39.96 4.96 14.71
N PHE C 205 40.88 5.88 14.61
CA PHE C 205 41.88 5.84 13.54
C PHE C 205 42.81 4.66 13.74
N TYR C 206 43.38 4.19 12.62
CA TYR C 206 44.35 3.08 12.57
C TYR C 206 43.75 1.74 12.95
N THR C 207 42.43 1.63 12.89
CA THR C 207 41.74 0.36 13.09
C THR C 207 41.00 0.02 11.82
N GLN C 208 40.46 -1.19 11.75
CA GLN C 208 39.68 -1.63 10.62
C GLN C 208 38.20 -1.69 10.98
N PHE C 209 37.34 -1.32 10.05
CA PHE C 209 35.91 -1.56 10.22
C PHE C 209 35.23 -1.69 8.87
N PRO C 210 34.03 -2.30 8.85
CA PRO C 210 33.32 -2.37 7.59
C PRO C 210 32.44 -1.14 7.37
N LEU C 211 32.67 -0.41 6.29
CA LEU C 211 31.82 0.72 5.94
C LEU C 211 30.31 0.34 5.90
N GLU C 212 29.49 1.18 6.53
CA GLU C 212 28.08 0.89 6.74
C GLU C 212 27.25 1.38 5.56
N ILE C 213 27.43 0.76 4.42
CA ILE C 213 26.71 1.13 3.23
C ILE C 213 26.13 -0.13 2.59
N GLN C 214 25.04 0.06 1.85
CA GLN C 214 24.24 -1.04 1.38
C GLN C 214 25.02 -1.97 0.49
N ASP C 215 25.93 -1.43 -0.31
CA ASP C 215 26.63 -2.26 -1.26
C ASP C 215 27.82 -3.01 -0.65
N ASN C 216 28.13 -2.75 0.63
CA ASN C 216 29.14 -3.52 1.36
C ASN C 216 28.47 -4.62 2.18
N TRP C 217 27.57 -5.35 1.55
CA TRP C 217 26.83 -6.41 2.20
C TRP C 217 27.72 -7.61 2.57
N ARG C 218 28.88 -7.73 1.94
CA ARG C 218 29.87 -8.73 2.39
C ARG C 218 30.60 -8.29 3.68
N HIS C 219 30.39 -7.04 4.11
CA HIS C 219 31.02 -6.52 5.33
C HIS C 219 32.54 -6.58 5.22
N GLY C 220 33.06 -6.19 4.07
CA GLY C 220 34.49 -6.06 3.90
C GLY C 220 35.05 -4.91 4.72
N SER C 222 37.77 -1.90 5.97
CA SER C 222 38.61 -0.81 5.50
C SER C 222 39.46 -0.35 6.67
N TYR C 223 40.71 0.02 6.38
CA TYR C 223 41.57 0.64 7.37
C TYR C 223 41.25 2.14 7.43
N ASN C 224 41.18 2.67 8.64
CA ASN C 224 40.75 4.04 8.89
C ASN C 224 41.95 4.95 9.14
N LEU C 225 42.08 6.01 8.37
CA LEU C 225 43.21 6.94 8.49
C LEU C 225 42.71 8.36 8.70
N PRO C 226 43.48 9.18 9.45
CA PRO C 226 43.12 10.60 9.51
C PRO C 226 43.22 11.20 8.12
N LEU C 227 42.42 12.23 7.89
CA LEU C 227 42.22 12.74 6.55
C LEU C 227 43.51 13.13 5.82
N ASP C 228 44.42 13.82 6.49
CA ASP C 228 45.68 14.23 5.84
C ASP C 228 46.57 13.03 5.44
N GLU C 229 46.66 12.03 6.30
CA GLU C 229 47.39 10.81 5.96
C GLU C 229 46.68 10.04 4.83
N PHE C 230 45.36 10.09 4.82
CA PHE C 230 44.55 9.48 3.76
C PHE C 230 44.93 10.10 2.42
N GLU C 232 47.68 11.72 1.71
CA GLU C 232 49.08 11.38 1.45
C GLU C 232 49.18 10.07 0.65
N VAL C 233 48.29 9.11 0.94
CA VAL C 233 48.30 7.84 0.22
C VAL C 233 48.00 8.02 -1.27
N PHE C 234 47.06 8.90 -1.61
CA PHE C 234 46.71 9.12 -3.01
C PHE C 234 47.94 9.56 -3.80
N ASP C 235 48.61 10.58 -3.28
CA ASP C 235 49.76 11.16 -3.97
C ASP C 235 50.93 10.18 -4.06
N ASN C 236 51.21 9.48 -2.97
CA ASN C 236 52.28 8.51 -2.98
C ASN C 236 52.02 7.40 -3.98
N ALA C 237 50.78 6.93 -4.05
CA ALA C 237 50.42 5.89 -5.00
C ALA C 237 50.73 6.33 -6.42
N ILE C 238 50.18 7.47 -6.83
CA ILE C 238 50.37 7.94 -8.20
C ILE C 238 51.84 8.20 -8.48
N ASN C 239 52.52 8.86 -7.55
CA ASN C 239 53.91 9.24 -7.76
C ASN C 239 54.88 8.08 -7.76
N THR C 240 54.50 6.93 -7.18
CA THR C 240 55.37 5.75 -7.26
C THR C 240 54.89 4.72 -8.29
N GLY C 241 53.95 5.10 -9.16
CA GLY C 241 53.59 4.26 -10.30
C GLY C 241 52.34 3.41 -10.17
N TYR C 242 51.58 3.60 -9.08
CA TYR C 242 50.37 2.83 -8.81
C TYR C 242 49.13 3.60 -9.22
N THR C 243 48.03 2.89 -9.43
CA THR C 243 46.72 3.55 -9.60
C THR C 243 45.84 3.22 -8.40
N ILE C 244 44.66 3.82 -8.35
CA ILE C 244 43.79 3.78 -7.19
C ILE C 244 42.37 3.43 -7.64
N ALA C 245 41.76 2.44 -7.01
CA ALA C 245 40.31 2.19 -7.15
C ALA C 245 39.62 3.18 -6.23
N TRP C 246 38.81 4.07 -6.82
CA TRP C 246 38.30 5.24 -6.11
C TRP C 246 36.78 5.19 -6.03
N GLY C 247 36.28 5.06 -4.80
CA GLY C 247 34.85 5.08 -4.54
C GLY C 247 34.45 6.41 -3.97
N SER C 248 33.57 7.10 -4.69
CA SER C 248 33.20 8.45 -4.32
C SER C 248 31.72 8.74 -4.54
N ASP C 249 31.21 9.72 -3.80
CA ASP C 249 29.91 10.29 -4.09
C ASP C 249 30.08 11.27 -5.24
N VAL C 250 29.29 11.15 -6.29
CA VAL C 250 29.37 12.05 -7.43
C VAL C 250 28.04 12.81 -7.63
N SER C 251 27.12 12.70 -6.68
CA SER C 251 25.86 13.46 -6.73
C SER C 251 26.06 14.84 -6.09
N GLU C 252 26.76 15.71 -6.81
CA GLU C 252 27.04 17.06 -6.35
C GLU C 252 26.94 17.93 -7.58
N SER C 253 26.51 19.17 -7.40
CA SER C 253 26.49 20.13 -8.50
C SER C 253 27.90 20.33 -9.07
N GLY C 254 28.91 20.15 -8.22
CA GLY C 254 30.31 20.21 -8.63
C GLY C 254 30.77 19.09 -9.56
N PHE C 255 30.14 17.91 -9.49
CA PHE C 255 30.47 16.85 -10.44
C PHE C 255 29.64 17.05 -11.70
N THR C 256 30.30 17.28 -12.83
CA THR C 256 29.58 17.67 -14.04
C THR C 256 29.65 16.63 -15.17
N ARG C 257 28.75 16.81 -16.13
CA ARG C 257 28.75 16.03 -17.38
C ARG C 257 29.92 16.42 -18.29
N ASP C 258 30.47 17.63 -18.09
CA ASP C 258 31.60 18.15 -18.88
C ASP C 258 33.01 17.79 -18.32
N GLY C 259 33.08 16.72 -17.52
CA GLY C 259 34.35 16.07 -17.21
C GLY C 259 35.19 16.65 -16.09
N VAL C 260 34.60 17.49 -15.24
CA VAL C 260 35.33 18.04 -14.11
C VAL C 260 34.50 17.88 -12.83
N ALA C 261 35.17 17.58 -11.72
CA ALA C 261 34.54 17.50 -10.40
C ALA C 261 35.26 18.47 -9.46
N VAL C 262 34.56 19.54 -9.08
CA VAL C 262 35.15 20.57 -8.24
C VAL C 262 34.33 20.83 -6.99
N PRO C 264 33.95 24.18 -5.23
CA PRO C 264 34.22 25.62 -5.14
C PRO C 264 33.70 26.24 -3.84
N ASP C 265 34.40 27.27 -3.36
CA ASP C 265 34.01 28.01 -2.16
C ASP C 265 33.04 29.15 -2.53
N ASP C 266 31.75 28.93 -2.24
CA ASP C 266 30.69 29.94 -2.44
C ASP C 266 30.86 31.02 -1.39
N GLY C 274 10.59 22.17 2.15
CA GLY C 274 9.18 22.27 2.56
C GLY C 274 8.64 23.70 2.68
N SER C 275 8.95 24.54 1.67
CA SER C 275 8.59 25.98 1.67
C SER C 275 7.07 26.17 1.51
N ASP C 276 6.51 27.02 2.37
CA ASP C 276 5.12 27.50 2.20
C ASP C 276 5.03 28.29 0.89
N ALA C 278 7.21 28.33 -1.88
CA ALA C 278 7.53 27.55 -3.09
C ALA C 278 6.35 26.64 -3.46
N HIS C 279 5.62 26.18 -2.46
CA HIS C 279 4.40 25.38 -2.64
C HIS C 279 3.30 26.13 -3.43
N TRP C 280 3.05 27.38 -3.06
CA TRP C 280 1.97 28.17 -3.67
C TRP C 280 2.34 28.83 -5.03
N LEU C 281 3.64 28.92 -5.36
CA LEU C 281 4.13 29.50 -6.61
C LEU C 281 4.89 28.42 -7.43
N LYS C 282 6.13 28.69 -7.86
CA LYS C 282 6.96 27.71 -8.60
C LYS C 282 7.78 26.85 -7.62
N LYS C 288 27.05 32.65 -12.37
CA LYS C 288 28.06 32.65 -11.30
C LYS C 288 29.42 32.06 -11.73
N LYS C 289 29.43 31.12 -12.68
CA LYS C 289 30.66 30.48 -13.19
C LYS C 289 31.36 29.59 -12.14
N LEU C 290 30.56 28.97 -11.26
CA LEU C 290 31.11 28.16 -10.14
C LEU C 290 31.84 26.89 -10.59
N ASN C 291 31.29 26.20 -11.61
CA ASN C 291 31.81 24.91 -12.07
C ASN C 291 32.44 24.91 -13.47
N THR C 292 32.56 26.08 -14.09
CA THR C 292 32.98 26.20 -15.51
C THR C 292 34.39 26.79 -15.74
N LYS C 293 35.00 27.35 -14.69
CA LYS C 293 36.40 27.83 -14.74
C LYS C 293 37.06 27.60 -13.37
N PRO C 294 38.40 27.74 -13.30
CA PRO C 294 39.06 27.54 -12.00
C PRO C 294 38.59 28.52 -10.93
N GLN C 295 38.29 27.98 -9.74
CA GLN C 295 37.85 28.76 -8.60
C GLN C 295 38.59 28.31 -7.36
N PRO C 296 38.67 29.18 -6.34
CA PRO C 296 39.21 28.75 -5.06
C PRO C 296 38.33 27.66 -4.43
N GLN C 297 38.97 26.61 -3.92
CA GLN C 297 38.27 25.42 -3.43
C GLN C 297 38.02 25.50 -1.92
N LYS C 298 36.90 24.94 -1.47
CA LYS C 298 36.68 24.70 -0.04
C LYS C 298 37.47 23.44 0.35
N TRP C 299 38.38 23.61 1.31
CA TRP C 299 39.20 22.51 1.83
CA TRP C 299 39.23 22.52 1.82
C TRP C 299 38.63 22.04 3.16
N CYS C 300 37.94 20.90 3.14
CA CYS C 300 37.16 20.48 4.29
C CYS C 300 38.01 20.01 5.46
N THR C 301 37.47 20.17 6.66
CA THR C 301 38.03 19.56 7.86
C THR C 301 37.51 18.12 8.01
N GLN C 302 38.14 17.35 8.90
CA GLN C 302 37.68 16.01 9.19
C GLN C 302 36.20 16.05 9.64
N ALA C 303 35.85 17.02 10.47
CA ALA C 303 34.50 17.15 11.02
C ALA C 303 33.47 17.47 9.93
N GLU C 304 33.81 18.35 9.00
CA GLU C 304 32.91 18.64 7.88
C GLU C 304 32.68 17.43 6.98
N ARG C 305 33.75 16.69 6.73
CA ARG C 305 33.68 15.47 5.95
C ARG C 305 32.75 14.47 6.67
N GLN C 306 32.90 14.38 7.99
CA GLN C 306 32.10 13.45 8.78
C GLN C 306 30.63 13.82 8.72
N LEU C 307 30.34 15.11 8.84
CA LEU C 307 28.96 15.58 8.88
C LEU C 307 28.25 15.13 7.59
N ALA C 308 28.92 15.27 6.45
CA ALA C 308 28.31 14.91 5.18
C ALA C 308 28.02 13.41 5.08
N TYR C 309 28.86 12.58 5.69
CA TYR C 309 28.61 11.14 5.70
C TYR C 309 27.45 10.81 6.66
N ASP C 310 27.41 11.48 7.80
CA ASP C 310 26.37 11.25 8.79
C ASP C 310 25.01 11.75 8.32
N ASN C 311 24.98 12.83 7.52
CA ASN C 311 23.71 13.52 7.24
C ASN C 311 23.10 13.24 5.87
N TYR C 312 23.69 12.28 5.15
CA TYR C 312 23.20 11.82 3.86
C TYR C 312 23.66 12.69 2.66
N GLU C 313 24.46 13.70 2.88
CA GLU C 313 25.00 14.47 1.74
C GLU C 313 26.07 13.68 0.97
N THR C 314 26.82 12.81 1.62
CA THR C 314 27.78 11.95 0.94
C THR C 314 27.31 10.50 1.09
N THR C 315 26.74 9.93 0.04
CA THR C 315 26.11 8.60 0.14
C THR C 315 26.43 7.65 -1.00
N ASP C 316 26.13 8.06 -2.22
CA ASP C 316 26.05 7.07 -3.31
C ASP C 316 27.40 6.74 -3.92
N ASP C 317 28.01 5.67 -3.42
CA ASP C 317 29.36 5.28 -3.80
CA ASP C 317 29.37 5.30 -3.80
C ASP C 317 29.48 4.80 -5.27
N HIS C 318 29.91 5.68 -6.18
CA HIS C 318 30.19 5.34 -7.61
C HIS C 318 31.69 5.03 -7.71
N GLY C 319 32.02 3.94 -8.38
CA GLY C 319 33.41 3.48 -8.46
C GLY C 319 34.07 3.94 -9.75
N GLN C 321 38.48 4.89 -11.37
CA GLN C 321 39.93 4.67 -11.18
C GLN C 321 40.67 6.00 -11.29
N ILE C 322 41.45 6.34 -10.28
CA ILE C 322 42.35 7.47 -10.37
C ILE C 322 43.70 6.95 -10.85
N TYR C 323 44.25 7.55 -11.90
CA TYR C 323 45.48 7.06 -12.49
C TYR C 323 46.54 8.14 -12.71
N GLY C 324 46.25 9.37 -12.32
CA GLY C 324 47.19 10.44 -12.54
C GLY C 324 46.85 11.71 -11.78
N ILE C 325 47.74 12.69 -11.92
CA ILE C 325 47.63 14.00 -11.31
C ILE C 325 47.83 15.03 -12.41
N ALA C 326 47.02 16.08 -12.39
CA ALA C 326 47.09 17.12 -13.38
C ALA C 326 46.91 18.48 -12.70
N LYS C 327 47.26 19.54 -13.43
CA LYS C 327 47.11 20.91 -12.97
C LYS C 327 46.28 21.71 -13.98
N ASP C 328 45.47 22.64 -13.48
CA ASP C 328 44.82 23.59 -14.38
C ASP C 328 45.78 24.76 -14.62
N GLN C 329 45.33 25.72 -15.44
CA GLN C 329 46.16 26.87 -15.81
C GLN C 329 46.53 27.78 -14.62
N GLU C 330 45.76 27.73 -13.53
CA GLU C 330 46.06 28.51 -12.33
C GLU C 330 46.90 27.72 -11.31
N GLY C 331 47.33 26.51 -11.67
CA GLY C 331 48.14 25.68 -10.77
C GLY C 331 47.38 24.85 -9.73
N ASN C 332 46.06 24.91 -9.73
CA ASN C 332 45.26 24.03 -8.87
C ASN C 332 45.45 22.58 -9.28
N GLU C 333 45.39 21.68 -8.31
CA GLU C 333 45.69 20.27 -8.53
C GLU C 333 44.45 19.41 -8.66
N TYR C 334 44.53 18.41 -9.53
CA TYR C 334 43.42 17.52 -9.83
C TYR C 334 43.93 16.11 -9.93
N TYR C 335 43.09 15.14 -9.57
CA TYR C 335 43.35 13.76 -9.93
C TYR C 335 42.67 13.43 -11.25
N VAL C 337 40.89 10.83 -13.72
CA VAL C 337 39.96 9.76 -13.39
C VAL C 337 39.48 9.04 -14.63
N LYS C 338 39.65 7.73 -14.67
CA LYS C 338 39.06 6.91 -15.72
C LYS C 338 37.66 6.47 -15.28
N ASN C 339 36.66 6.92 -16.03
CA ASN C 339 35.26 6.60 -15.80
C ASN C 339 34.85 5.45 -16.71
N SER C 340 33.66 4.90 -16.49
CA SER C 340 33.14 3.76 -17.26
C SER C 340 31.83 4.11 -17.98
N TRP C 341 31.73 5.34 -18.49
CA TRP C 341 30.55 5.77 -19.24
C TRP C 341 30.82 5.92 -20.73
N GLY C 342 31.81 5.17 -21.23
CA GLY C 342 32.20 5.30 -22.62
C GLY C 342 32.94 6.60 -22.89
N THR C 343 33.19 6.84 -24.17
CA THR C 343 34.13 7.91 -24.58
C THR C 343 33.45 9.15 -25.17
N ASN C 344 32.11 9.18 -25.17
CA ASN C 344 31.37 10.33 -25.72
C ASN C 344 31.24 11.45 -24.69
N SER C 345 32.34 12.13 -24.39
CA SER C 345 32.38 13.24 -23.43
C SER C 345 33.59 14.11 -23.71
N LYS C 346 33.69 15.26 -23.04
CA LYS C 346 34.71 16.26 -23.38
C LYS C 346 36.13 15.70 -23.46
N TYR C 347 36.53 14.88 -22.48
CA TYR C 347 37.88 14.31 -22.44
C TYR C 347 37.88 12.80 -22.71
N ASN C 348 36.96 12.36 -23.55
CA ASN C 348 36.87 10.96 -24.02
C ASN C 348 36.74 9.91 -22.92
N GLY C 349 35.89 10.21 -21.94
CA GLY C 349 35.60 9.27 -20.85
C GLY C 349 36.45 9.46 -19.60
N ILE C 350 37.32 10.48 -19.64
CA ILE C 350 38.20 10.83 -18.54
C ILE C 350 37.65 12.06 -17.81
N TRP C 351 37.77 12.08 -16.50
CA TRP C 351 37.36 13.20 -15.66
C TRP C 351 38.56 13.76 -14.89
N TYR C 352 38.45 15.02 -14.50
CA TYR C 352 39.42 15.65 -13.63
C TYR C 352 38.71 16.01 -12.35
N ALA C 353 39.19 15.48 -11.23
CA ALA C 353 38.57 15.74 -9.92
C ALA C 353 39.56 16.53 -9.07
N SER C 354 39.13 17.69 -8.56
CA SER C 354 40.03 18.50 -7.77
C SER C 354 40.38 17.78 -6.50
N LYS C 355 41.56 18.03 -5.98
CA LYS C 355 41.98 17.44 -4.73
C LYS C 355 41.01 17.76 -3.61
N ALA C 356 40.44 18.97 -3.63
CA ALA C 356 39.46 19.36 -2.63
C ALA C 356 38.19 18.51 -2.72
N PHE C 357 37.75 18.24 -3.94
CA PHE C 357 36.60 17.38 -4.13
C PHE C 357 36.87 15.98 -3.59
N VAL C 358 38.04 15.44 -3.93
CA VAL C 358 38.37 14.07 -3.56
C VAL C 358 38.46 13.93 -2.04
N ARG C 359 39.03 14.92 -1.39
CA ARG C 359 39.16 14.95 0.05
C ARG C 359 37.80 14.91 0.76
N TYR C 360 36.81 15.60 0.19
CA TYR C 360 35.50 15.74 0.84
C TYR C 360 34.57 14.58 0.51
N LYS C 361 34.61 14.12 -0.73
CA LYS C 361 33.59 13.21 -1.24
C LYS C 361 34.00 11.74 -1.37
N THR C 362 35.29 11.41 -1.14
CA THR C 362 35.73 10.02 -1.22
C THR C 362 35.14 9.22 -0.08
N ASN C 364 35.78 5.46 -0.07
CA ASN C 364 36.86 4.52 0.17
C ASN C 364 37.73 4.36 -1.06
N ILE C 365 38.94 3.87 -0.85
CA ILE C 365 39.82 3.52 -1.95
C ILE C 365 40.42 2.16 -1.74
N VAL C 366 40.84 1.53 -2.83
CA VAL C 366 41.66 0.35 -2.75
C VAL C 366 42.95 0.61 -3.52
N VAL C 367 44.08 0.23 -2.91
CA VAL C 367 45.39 0.28 -3.55
C VAL C 367 46.18 -0.95 -3.16
N HIS C 368 47.21 -1.23 -3.94
CA HIS C 368 48.19 -2.24 -3.56
C HIS C 368 48.91 -1.79 -2.30
N LYS C 369 49.18 -2.72 -1.41
CA LYS C 369 49.91 -2.41 -0.15
C LYS C 369 51.21 -1.61 -0.37
N ASP C 370 51.94 -1.89 -1.44
CA ASP C 370 53.22 -1.20 -1.69
C ASP C 370 53.06 0.23 -2.15
N ALA C 371 51.83 0.64 -2.42
CA ALA C 371 51.53 2.04 -2.73
C ALA C 371 51.51 2.90 -1.47
N LEU C 372 51.43 2.28 -0.29
CA LEU C 372 51.38 3.03 0.97
C LEU C 372 52.74 3.53 1.40
N PRO C 373 52.83 4.79 1.85
CA PRO C 373 54.08 5.25 2.45
C PRO C 373 54.47 4.41 3.66
N LYS C 374 55.77 4.18 3.84
CA LYS C 374 56.33 3.29 4.87
C LYS C 374 55.79 3.61 6.28
N ALA C 375 55.74 4.90 6.64
CA ALA C 375 55.27 5.30 7.98
C ALA C 375 53.78 4.98 8.20
N ILE C 376 52.98 5.15 7.16
CA ILE C 376 51.54 4.85 7.25
C ILE C 376 51.32 3.34 7.34
N LYS C 377 52.03 2.58 6.53
CA LYS C 377 52.02 1.13 6.61
C LYS C 377 52.28 0.66 8.04
N ALA C 378 53.28 1.26 8.69
CA ALA C 378 53.66 0.86 10.04
C ALA C 378 52.57 1.22 11.05
N LYS C 379 51.98 2.41 10.92
CA LYS C 379 50.86 2.79 11.82
C LYS C 379 49.64 1.86 11.69
N LEU C 380 49.42 1.30 10.50
CA LEU C 380 48.30 0.38 10.30
C LEU C 380 48.63 -1.06 10.65
N GLY C 381 49.91 -1.35 10.92
CA GLY C 381 50.32 -2.70 11.24
C GLY C 381 50.33 -3.63 10.04
N ILE C 382 50.54 -3.06 8.85
CA ILE C 382 50.60 -3.85 7.64
C ILE C 382 52.05 -4.22 7.38
N LYS C 383 52.36 -5.51 7.50
CA LYS C 383 53.73 -6.00 7.32
C LYS C 383 54.18 -5.85 5.85
N GLU D 10 -27.37 -43.60 12.67
CA GLU D 10 -28.25 -42.88 11.72
C GLU D 10 -27.39 -42.06 10.75
N GLY D 11 -26.93 -42.70 9.66
CA GLY D 11 -26.10 -42.06 8.62
C GLY D 11 -26.59 -42.33 7.21
N PHE D 12 -25.68 -42.37 6.25
CA PHE D 12 -26.04 -42.67 4.84
C PHE D 12 -25.67 -44.11 4.51
N VAL D 13 -26.54 -44.83 3.82
CA VAL D 13 -26.17 -46.11 3.21
C VAL D 13 -26.48 -46.02 1.72
N PHE D 14 -25.44 -46.14 0.89
CA PHE D 14 -25.59 -45.95 -0.57
C PHE D 14 -25.63 -47.27 -1.31
N THR D 15 -26.49 -47.37 -2.31
CA THR D 15 -26.53 -48.49 -3.22
C THR D 15 -26.31 -48.00 -4.65
N THR D 16 -25.30 -48.54 -5.33
CA THR D 16 -25.02 -48.18 -6.71
C THR D 16 -26.17 -48.63 -7.62
N VAL D 17 -26.69 -47.71 -8.43
CA VAL D 17 -27.67 -48.06 -9.44
C VAL D 17 -26.93 -48.39 -10.73
N LYS D 18 -26.01 -47.52 -11.13
CA LYS D 18 -25.14 -47.80 -12.27
C LYS D 18 -23.83 -47.02 -12.17
N GLU D 19 -22.73 -47.65 -12.56
CA GLU D 19 -21.43 -46.97 -12.62
C GLU D 19 -20.61 -47.46 -13.79
N ASN D 20 -19.82 -46.55 -14.34
CA ASN D 20 -19.00 -46.82 -15.49
C ASN D 20 -17.51 -46.85 -15.10
N PRO D 21 -16.67 -47.52 -15.89
CA PRO D 21 -15.28 -47.73 -15.46
C PRO D 21 -14.45 -46.46 -15.30
N ILE D 22 -13.68 -46.41 -14.20
CA ILE D 22 -12.77 -45.32 -13.92
C ILE D 22 -11.40 -45.89 -13.59
N THR D 23 -10.37 -45.05 -13.68
CA THR D 23 -9.03 -45.44 -13.24
C THR D 23 -8.90 -45.10 -11.76
N SER D 24 -7.72 -45.37 -11.20
CA SER D 24 -7.46 -45.20 -9.78
C SER D 24 -7.56 -43.73 -9.34
N VAL D 25 -7.86 -43.55 -8.06
CA VAL D 25 -7.98 -42.23 -7.46
C VAL D 25 -6.59 -41.62 -7.30
N LYS D 26 -6.43 -40.39 -7.77
CA LYS D 26 -5.17 -39.68 -7.73
C LYS D 26 -5.20 -38.62 -6.64
N ASN D 27 -4.06 -37.99 -6.39
CA ASN D 27 -3.95 -36.98 -5.36
C ASN D 27 -3.20 -35.75 -5.85
N GLN D 28 -3.92 -34.65 -6.06
CA GLN D 28 -3.32 -33.40 -6.53
C GLN D 28 -2.47 -32.73 -5.45
N ASN D 29 -2.70 -33.13 -4.19
CA ASN D 29 -1.99 -32.56 -3.01
C ASN D 29 -2.01 -31.03 -2.98
N ARG D 30 -0.85 -30.39 -2.84
CA ARG D 30 -0.82 -28.93 -2.55
C ARG D 30 -0.63 -28.07 -3.80
N ALA D 31 -1.63 -28.14 -4.66
CA ALA D 31 -1.67 -27.34 -5.88
C ALA D 31 -3.12 -27.30 -6.35
N GLY D 32 -3.50 -26.21 -7.02
CA GLY D 32 -4.88 -26.05 -7.52
C GLY D 32 -5.06 -26.64 -8.91
N THR D 33 -4.60 -27.88 -9.09
CA THR D 33 -4.53 -28.50 -10.41
C THR D 33 -5.67 -29.49 -10.67
N CYS D 34 -6.75 -29.38 -9.92
CA CYS D 34 -7.89 -30.27 -10.06
C CYS D 34 -8.50 -30.27 -11.47
N TRP D 35 -8.39 -29.14 -12.15
CA TRP D 35 -8.84 -29.05 -13.53
C TRP D 35 -8.16 -30.09 -14.42
N CYS D 36 -6.87 -30.32 -14.16
CA CYS D 36 -6.12 -31.26 -14.97
C CYS D 36 -6.32 -32.71 -14.50
N TYR D 37 -6.30 -32.93 -13.19
CA TYR D 37 -6.55 -34.28 -12.66
C TYR D 37 -7.93 -34.81 -13.04
N SER D 38 -8.96 -33.98 -12.89
CA SER D 38 -10.30 -34.39 -13.29
C SER D 38 -10.44 -34.58 -14.81
N SER D 39 -9.81 -33.69 -15.59
CA SER D 39 -9.81 -33.85 -17.04
C SER D 39 -9.21 -35.19 -17.42
N TYR D 40 -8.13 -35.56 -16.76
CA TYR D 40 -7.45 -36.81 -17.09
C TYR D 40 -8.15 -38.04 -16.54
N SER D 41 -8.83 -37.94 -15.40
CA SER D 41 -9.70 -39.02 -14.97
C SER D 41 -10.79 -39.28 -16.03
N PHE D 42 -11.35 -38.18 -16.54
CA PHE D 42 -12.37 -38.23 -17.59
C PHE D 42 -11.80 -38.84 -18.87
N LEU D 43 -10.69 -38.31 -19.35
CA LEU D 43 -10.10 -38.82 -20.59
C LEU D 43 -9.65 -40.27 -20.44
N GLU D 44 -9.16 -40.67 -19.27
CA GLU D 44 -8.80 -42.08 -19.05
C GLU D 44 -10.03 -42.99 -19.06
N SER D 45 -11.15 -42.52 -18.52
CA SER D 45 -12.42 -43.27 -18.65
C SER D 45 -12.87 -43.37 -20.10
N GLU D 46 -12.68 -42.29 -20.87
CA GLU D 46 -12.97 -42.31 -22.29
C GLU D 46 -12.13 -43.35 -23.03
N LEU D 47 -10.85 -43.40 -22.71
CA LEU D 47 -9.97 -44.37 -23.35
C LEU D 47 -10.40 -45.81 -23.02
N LEU D 48 -10.81 -46.05 -21.77
CA LEU D 48 -11.35 -47.37 -21.41
C LEU D 48 -12.62 -47.67 -22.21
N ARG D 49 -13.52 -46.69 -22.29
CA ARG D 49 -14.77 -46.83 -23.03
C ARG D 49 -14.53 -47.11 -24.50
N GLY D 51 -12.09 -48.72 -25.81
CA GLY D 51 -11.35 -49.96 -26.03
C GLY D 51 -9.85 -49.80 -26.17
N LYS D 52 -9.29 -48.71 -25.65
CA LYS D 52 -7.86 -48.45 -25.75
C LYS D 52 -7.10 -48.92 -24.51
N GLY D 53 -7.82 -49.39 -23.50
CA GLY D 53 -7.17 -49.83 -22.27
C GLY D 53 -6.88 -48.73 -21.26
N GLU D 54 -6.07 -49.08 -20.26
CA GLU D 54 -5.84 -48.23 -19.11
C GLU D 54 -4.59 -47.37 -19.28
N TYR D 55 -4.76 -46.05 -19.13
CA TYR D 55 -3.66 -45.10 -19.21
C TYR D 55 -3.52 -44.36 -17.90
N ASP D 56 -2.31 -43.89 -17.63
CA ASP D 56 -2.05 -42.94 -16.55
C ASP D 56 -1.30 -41.75 -17.18
N LEU D 57 -2.02 -40.68 -17.44
CA LEU D 57 -1.46 -39.56 -18.20
C LEU D 57 -0.80 -38.57 -17.23
N SER D 58 0.23 -37.87 -17.69
CA SER D 58 0.96 -36.91 -16.83
C SER D 58 0.26 -35.56 -16.73
N GLU D 59 -0.35 -35.29 -15.58
CA GLU D 59 -0.90 -33.96 -15.31
C GLU D 59 0.18 -32.91 -15.37
N PHE D 61 2.85 -32.52 -17.11
CA PHE D 61 3.24 -32.09 -18.44
C PHE D 61 2.28 -31.02 -18.97
N THR D 62 0.99 -31.25 -18.78
CA THR D 62 -0.04 -30.34 -19.25
C THR D 62 -0.15 -29.08 -18.36
N VAL D 63 0.02 -29.24 -17.06
CA VAL D 63 0.07 -28.09 -16.16
C VAL D 63 1.21 -27.15 -16.56
N TYR D 64 2.39 -27.71 -16.79
CA TYR D 64 3.55 -26.95 -17.21
C TYR D 64 3.22 -26.12 -18.44
N ASN D 65 2.77 -26.78 -19.51
CA ASN D 65 2.53 -26.05 -20.76
C ASN D 65 1.38 -25.03 -20.65
N THR D 66 0.35 -25.39 -19.90
CA THR D 66 -0.76 -24.47 -19.69
C THR D 66 -0.31 -23.21 -18.97
N TYR D 67 0.51 -23.35 -17.94
CA TYR D 67 0.98 -22.17 -17.22
C TYR D 67 1.79 -21.23 -18.10
N LEU D 68 2.58 -21.77 -19.03
CA LEU D 68 3.36 -20.89 -19.89
C LEU D 68 2.43 -20.09 -20.82
N ASP D 69 1.35 -20.71 -21.29
CA ASP D 69 0.35 -19.96 -22.07
C ASP D 69 -0.39 -18.96 -21.19
N ARG D 70 -0.68 -19.33 -19.95
CA ARG D 70 -1.40 -18.41 -19.06
C ARG D 70 -0.56 -17.19 -18.76
N ALA D 71 0.73 -17.38 -18.59
CA ALA D 71 1.65 -16.27 -18.36
C ALA D 71 1.67 -15.34 -19.55
N ASP D 72 1.73 -15.92 -20.75
CA ASP D 72 1.66 -15.13 -21.99
C ASP D 72 0.36 -14.32 -22.06
N ALA D 73 -0.76 -14.93 -21.72
CA ALA D 73 -2.05 -14.23 -21.72
C ALA D 73 -2.03 -13.07 -20.70
N ALA D 74 -1.43 -13.31 -19.53
CA ALA D 74 -1.30 -12.25 -18.51
C ALA D 74 -0.50 -11.09 -19.07
N VAL D 75 0.62 -11.41 -19.71
CA VAL D 75 1.47 -10.34 -20.21
C VAL D 75 0.81 -9.58 -21.37
N ARG D 76 0.19 -10.29 -22.30
CA ARG D 76 -0.44 -9.60 -23.43
C ARG D 76 -1.59 -8.68 -22.97
N THR D 77 -2.29 -9.06 -21.90
CA THR D 77 -3.38 -8.24 -21.37
C THR D 77 -2.95 -7.31 -20.21
N HIS D 78 -1.63 -7.12 -20.04
CA HIS D 78 -1.13 -6.22 -19.00
C HIS D 78 -1.74 -6.51 -17.65
N GLY D 79 -1.93 -7.80 -17.36
CA GLY D 79 -2.33 -8.23 -16.04
C GLY D 79 -3.80 -8.51 -15.84
N ASP D 80 -4.63 -8.23 -16.85
CA ASP D 80 -6.04 -8.52 -16.73
C ASP D 80 -6.29 -10.01 -16.55
N VAL D 81 -5.73 -10.83 -17.42
CA VAL D 81 -5.78 -12.29 -17.18
C VAL D 81 -4.96 -12.57 -15.93
N SER D 82 -5.61 -13.08 -14.88
CA SER D 82 -4.90 -13.42 -13.64
C SER D 82 -4.01 -14.60 -13.90
N PHE D 83 -2.87 -14.63 -13.21
CA PHE D 83 -1.94 -15.73 -13.31
C PHE D 83 -2.03 -16.51 -11.99
N SER D 84 -2.54 -17.73 -12.06
CA SER D 84 -2.75 -18.54 -10.88
C SER D 84 -2.79 -20.01 -11.30
N GLN D 85 -3.01 -20.90 -10.33
CA GLN D 85 -2.80 -22.34 -10.52
C GLN D 85 -3.95 -23.06 -11.23
N GLY D 86 -5.12 -22.45 -11.26
CA GLY D 86 -6.31 -23.08 -11.81
C GLY D 86 -6.33 -23.14 -13.32
N GLY D 87 -7.44 -23.62 -13.84
CA GLY D 87 -7.63 -23.83 -15.25
C GLY D 87 -8.98 -24.47 -15.52
N SER D 88 -9.13 -25.02 -16.72
CA SER D 88 -10.43 -25.51 -17.19
C SER D 88 -10.26 -26.81 -17.94
N PHE D 89 -11.39 -27.47 -18.17
CA PHE D 89 -11.40 -28.67 -18.97
C PHE D 89 -10.89 -28.36 -20.35
N TYR D 90 -11.22 -27.17 -20.85
CA TYR D 90 -10.76 -26.81 -22.18
C TYR D 90 -9.24 -26.68 -22.22
N ASP D 91 -8.61 -26.25 -21.15
CA ASP D 91 -7.14 -26.21 -21.11
C ASP D 91 -6.56 -27.60 -21.44
N ALA D 92 -7.17 -28.65 -20.88
CA ALA D 92 -6.70 -30.02 -21.11
C ALA D 92 -6.95 -30.47 -22.57
N LEU D 93 -8.11 -30.12 -23.10
CA LEU D 93 -8.47 -30.50 -24.46
C LEU D 93 -7.67 -29.73 -25.49
N TYR D 94 -7.52 -28.43 -25.30
CA TYR D 94 -6.62 -27.63 -26.12
C TYR D 94 -5.21 -28.21 -26.00
N GLY D 95 -4.80 -28.52 -24.78
CA GLY D 95 -3.43 -28.95 -24.50
C GLY D 95 -3.04 -30.23 -25.23
N GLU D 97 -4.13 -31.49 -27.97
CA GLU D 97 -4.03 -31.23 -29.41
C GLU D 97 -2.84 -30.34 -29.75
N THR D 98 -2.41 -29.50 -28.82
CA THR D 98 -1.37 -28.50 -29.10
C THR D 98 0.00 -28.98 -28.61
N PHE D 99 0.06 -29.48 -27.39
CA PHE D 99 1.33 -29.91 -26.79
C PHE D 99 1.54 -31.41 -26.87
N GLY D 100 0.45 -32.16 -26.94
CA GLY D 100 0.54 -33.63 -26.85
C GLY D 100 0.21 -34.18 -25.48
N LEU D 101 0.52 -35.45 -25.27
CA LEU D 101 0.32 -36.13 -23.99
C LEU D 101 1.56 -36.94 -23.66
N VAL D 102 1.83 -37.15 -22.37
CA VAL D 102 2.91 -38.04 -21.96
C VAL D 102 2.46 -38.90 -20.80
N PRO D 103 3.00 -40.10 -20.70
CA PRO D 103 2.69 -40.96 -19.56
C PRO D 103 3.18 -40.38 -18.25
N GLU D 104 2.46 -40.68 -17.17
CA GLU D 104 2.78 -40.22 -15.82
C GLU D 104 4.26 -40.32 -15.49
N GLU D 105 4.84 -41.47 -15.75
CA GLU D 105 6.20 -41.74 -15.36
C GLU D 105 7.24 -40.83 -16.01
N GLU D 106 6.89 -40.20 -17.12
CA GLU D 106 7.82 -39.28 -17.78
C GLU D 106 7.89 -37.90 -17.13
N ARG D 108 6.60 -36.76 -13.22
CA ARG D 108 5.84 -37.06 -12.02
CA ARG D 108 5.84 -37.06 -12.02
C ARG D 108 5.80 -35.84 -11.09
N PRO D 109 4.74 -35.72 -10.29
CA PRO D 109 4.69 -34.66 -9.31
C PRO D 109 5.77 -34.83 -8.25
N GLY D 110 6.33 -33.72 -7.79
CA GLY D 110 7.23 -33.74 -6.61
C GLY D 110 8.70 -34.06 -6.85
N TYR D 113 11.78 -31.72 -6.00
CA TYR D 113 12.03 -31.38 -4.59
C TYR D 113 11.88 -32.61 -3.67
N ALA D 114 12.27 -33.77 -4.19
CA ALA D 114 12.43 -34.99 -3.39
C ALA D 114 11.14 -35.48 -2.75
N ASP D 115 10.01 -35.26 -3.43
CA ASP D 115 8.70 -35.72 -2.98
C ASP D 115 8.07 -36.55 -4.09
N THR D 116 6.92 -37.16 -3.80
CA THR D 116 6.14 -37.88 -4.81
C THR D 116 4.75 -37.24 -5.02
N LEU D 117 4.47 -36.14 -4.34
CA LEU D 117 3.22 -35.40 -4.52
C LEU D 117 3.54 -33.92 -4.72
N SER D 118 2.65 -33.22 -5.42
CA SER D 118 2.84 -31.79 -5.69
C SER D 118 2.81 -30.90 -4.44
N ASN D 119 3.73 -29.96 -4.39
CA ASN D 119 3.60 -28.76 -3.57
C ASN D 119 4.10 -27.56 -4.37
N HIS D 120 3.18 -26.75 -4.87
CA HIS D 120 3.54 -25.69 -5.82
C HIS D 120 3.52 -24.29 -5.22
N THR D 121 3.55 -24.20 -3.90
CA THR D 121 3.47 -22.90 -3.25
C THR D 121 4.64 -22.01 -3.60
N GLU D 122 5.84 -22.58 -3.57
CA GLU D 122 7.04 -21.79 -3.84
C GLU D 122 7.11 -21.44 -5.33
N LEU D 123 6.86 -22.41 -6.19
CA LEU D 123 6.80 -22.15 -7.64
C LEU D 123 5.86 -21.00 -7.95
N SER D 124 4.67 -21.00 -7.34
CA SER D 124 3.73 -19.89 -7.54
C SER D 124 4.27 -18.58 -6.97
N ALA D 125 4.91 -18.62 -5.83
CA ALA D 125 5.46 -17.38 -5.25
C ALA D 125 6.43 -16.75 -6.23
N LEU D 126 7.31 -17.55 -6.82
CA LEU D 126 8.29 -17.04 -7.76
C LEU D 126 7.64 -16.64 -9.10
N THR D 127 6.81 -17.51 -9.67
CA THR D 127 6.27 -17.21 -11.02
C THR D 127 5.20 -16.12 -11.01
N ASP D 128 4.36 -16.07 -9.98
CA ASP D 128 3.42 -14.94 -9.83
C ASP D 128 4.18 -13.62 -9.78
N ALA D 129 5.28 -13.57 -9.04
CA ALA D 129 6.04 -12.33 -8.91
C ALA D 129 6.69 -11.96 -10.23
N VAL D 131 5.72 -12.87 -13.38
CA VAL D 131 4.69 -12.49 -14.36
C VAL D 131 4.19 -11.08 -14.04
N ALA D 132 3.97 -10.79 -12.75
CA ALA D 132 3.48 -9.47 -12.34
C ALA D 132 4.51 -8.39 -12.65
N ALA D 133 5.79 -8.72 -12.52
CA ALA D 133 6.83 -7.73 -12.77
C ALA D 133 6.85 -7.33 -14.23
N ILE D 134 6.43 -8.24 -15.11
CA ILE D 134 6.35 -7.91 -16.55
C ILE D 134 4.99 -7.29 -16.88
N ALA D 135 3.94 -7.99 -16.51
CA ALA D 135 2.57 -7.62 -16.91
C ALA D 135 2.06 -6.34 -16.26
N LYS D 136 2.46 -6.09 -15.01
CA LYS D 136 1.89 -4.95 -14.25
C LYS D 136 2.95 -3.96 -13.85
N GLY D 137 4.16 -4.11 -14.38
CA GLY D 137 5.24 -3.20 -14.05
C GLY D 137 5.34 -2.02 -15.01
N LYS D 138 6.49 -1.36 -14.97
CA LYS D 138 6.75 -0.16 -15.75
C LYS D 138 7.71 -0.39 -16.97
N LEU D 139 8.01 -1.64 -17.32
CA LEU D 139 8.86 -1.91 -18.49
C LEU D 139 8.14 -1.43 -19.76
N ARG D 140 8.83 -0.64 -20.57
CA ARG D 140 8.26 -0.04 -21.78
C ARG D 140 8.58 -0.85 -23.04
N LYS D 141 9.64 -1.66 -22.99
CA LYS D 141 10.05 -2.48 -24.12
C LYS D 141 10.70 -3.79 -23.65
N LEU D 142 10.02 -4.92 -23.85
CA LEU D 142 10.52 -6.19 -23.35
C LEU D 142 11.64 -6.68 -24.26
N GLN D 143 12.63 -7.34 -23.67
CA GLN D 143 13.82 -7.73 -24.42
C GLN D 143 13.63 -9.03 -25.20
N SER D 144 14.33 -9.12 -26.34
CA SER D 144 14.24 -10.27 -27.23
C SER D 144 15.60 -10.59 -27.82
N ASP D 145 15.76 -11.84 -28.26
CA ASP D 145 17.02 -12.27 -28.86
C ASP D 145 16.99 -12.02 -30.38
N GLU D 146 17.99 -12.53 -31.07
CA GLU D 146 18.19 -12.21 -32.48
CA GLU D 146 18.20 -12.22 -32.49
C GLU D 146 17.10 -12.85 -33.35
N ASN D 147 16.43 -13.87 -32.82
CA ASN D 147 15.29 -14.51 -33.50
C ASN D 147 13.95 -13.99 -33.02
N ASN D 148 13.94 -12.82 -32.36
CA ASN D 148 12.72 -12.24 -31.81
C ASN D 148 12.00 -13.08 -30.76
N ALA D 149 12.70 -14.04 -30.15
CA ALA D 149 12.12 -14.79 -29.05
C ALA D 149 12.30 -13.94 -27.77
N LEU D 151 12.88 -12.87 -23.97
CA LEU D 151 13.68 -13.38 -22.84
C LEU D 151 12.80 -13.72 -21.63
N TRP D 152 11.75 -12.94 -21.36
CA TRP D 152 10.98 -13.18 -20.14
C TRP D 152 10.31 -14.54 -20.24
N LYS D 153 9.96 -14.94 -21.46
CA LYS D 153 9.32 -16.26 -21.64
C LYS D 153 10.30 -17.37 -21.36
N LYS D 154 11.54 -17.18 -21.76
CA LYS D 154 12.59 -18.16 -21.45
C LYS D 154 12.78 -18.28 -19.93
N ALA D 155 12.75 -17.15 -19.24
CA ALA D 155 12.87 -17.11 -17.79
C ALA D 155 11.75 -17.87 -17.10
N VAL D 156 10.53 -17.59 -17.48
CA VAL D 156 9.39 -18.26 -16.85
C VAL D 156 9.39 -19.76 -17.16
N ALA D 157 9.77 -20.14 -18.38
CA ALA D 157 9.86 -21.57 -18.73
C ALA D 157 10.92 -22.25 -17.87
N ALA D 158 12.09 -21.64 -17.78
CA ALA D 158 13.18 -22.24 -17.03
C ALA D 158 12.81 -22.45 -15.56
N VAL D 159 12.11 -21.48 -14.94
CA VAL D 159 11.74 -21.59 -13.55
C VAL D 159 10.70 -22.69 -13.38
N HIS D 160 9.74 -22.77 -14.29
CA HIS D 160 8.78 -23.88 -14.21
C HIS D 160 9.45 -25.24 -14.33
N GLN D 161 10.47 -25.37 -15.17
CA GLN D 161 11.16 -26.65 -15.30
CA GLN D 161 11.16 -26.65 -15.30
C GLN D 161 11.91 -27.05 -14.03
N ILE D 162 12.47 -26.07 -13.34
CA ILE D 162 13.19 -26.32 -12.10
C ILE D 162 12.28 -26.92 -11.06
N TYR D 163 11.03 -26.51 -11.02
CA TYR D 163 10.10 -27.03 -10.00
C TYR D 163 9.25 -28.21 -10.48
N LEU D 164 8.93 -28.27 -11.77
CA LEU D 164 8.00 -29.28 -12.29
C LEU D 164 8.69 -30.42 -13.05
N GLY D 165 9.86 -30.15 -13.62
CA GLY D 165 10.60 -31.12 -14.43
C GLY D 165 10.77 -30.67 -15.87
N VAL D 166 11.66 -31.35 -16.58
CA VAL D 166 11.93 -31.08 -17.98
C VAL D 166 10.95 -31.92 -18.81
N PRO D 167 10.11 -31.28 -19.63
CA PRO D 167 9.24 -32.10 -20.48
C PRO D 167 10.04 -32.87 -21.53
N PRO D 168 9.73 -34.14 -21.74
CA PRO D 168 10.53 -34.95 -22.65
C PRO D 168 10.21 -34.63 -24.10
N GLU D 169 11.24 -34.67 -24.95
CA GLU D 169 11.04 -34.54 -26.39
C GLU D 169 10.74 -35.88 -27.02
N LYS D 170 11.37 -36.93 -26.50
CA LYS D 170 11.17 -38.31 -26.94
C LYS D 170 11.12 -39.17 -25.71
N PHE D 171 10.41 -40.27 -25.77
CA PHE D 171 10.44 -41.26 -24.70
C PHE D 171 9.99 -42.61 -25.21
N THR D 172 10.24 -43.64 -24.41
CA THR D 172 9.84 -44.99 -24.74
C THR D 172 8.73 -45.44 -23.79
N TYR D 173 7.67 -46.01 -24.36
CA TYR D 173 6.54 -46.48 -23.58
C TYR D 173 6.05 -47.79 -24.16
N LYS D 174 6.11 -48.84 -23.33
CA LYS D 174 5.73 -50.19 -23.72
C LYS D 174 6.40 -50.60 -25.03
N GLY D 175 7.71 -50.39 -25.08
CA GLY D 175 8.53 -50.85 -26.21
C GLY D 175 8.55 -49.98 -27.45
N LYS D 176 7.82 -48.85 -27.45
CA LYS D 176 7.76 -47.99 -28.62
C LYS D 176 8.22 -46.59 -28.30
N GLU D 177 8.91 -45.96 -29.24
CA GLU D 177 9.35 -44.57 -29.07
C GLU D 177 8.27 -43.58 -29.52
N TYR D 178 8.03 -42.55 -28.70
CA TYR D 178 7.06 -41.51 -29.02
C TYR D 178 7.61 -40.13 -28.79
N THR D 179 6.98 -39.15 -29.45
CA THR D 179 7.02 -37.75 -28.98
C THR D 179 5.69 -37.51 -28.28
N PRO D 180 5.57 -36.41 -27.53
CA PRO D 180 4.27 -36.16 -26.91
C PRO D 180 3.15 -36.06 -27.94
N LYS D 181 3.45 -35.50 -29.10
CA LYS D 181 2.48 -35.42 -30.18
C LYS D 181 2.09 -36.82 -30.70
N SER D 182 3.08 -37.67 -30.99
CA SER D 182 2.77 -39.00 -31.53
C SER D 182 2.11 -39.88 -30.47
N PHE D 183 2.41 -39.65 -29.20
CA PHE D 183 1.72 -40.38 -28.12
C PHE D 183 0.25 -39.99 -28.09
N PHE D 184 -0.02 -38.70 -28.20
CA PHE D 184 -1.39 -38.23 -28.25
C PHE D 184 -2.11 -38.86 -29.45
N GLU D 185 -1.46 -38.83 -30.60
CA GLU D 185 -2.04 -39.40 -31.82
C GLU D 185 -2.38 -40.88 -31.63
N SER D 186 -1.52 -41.62 -30.91
CA SER D 186 -1.77 -43.06 -30.68
C SER D 186 -3.02 -43.32 -29.84
N THR D 187 -3.48 -42.34 -29.05
CA THR D 187 -4.66 -42.54 -28.20
C THR D 187 -5.97 -42.51 -28.98
N GLY D 188 -5.98 -41.82 -30.12
CA GLY D 188 -7.21 -41.63 -30.89
C GLY D 188 -8.17 -40.59 -30.32
N LEU D 189 -7.80 -39.93 -29.22
CA LEU D 189 -8.66 -38.88 -28.67
C LEU D 189 -8.72 -37.69 -29.63
N LYS D 190 -9.87 -37.02 -29.69
CA LYS D 190 -10.02 -35.78 -30.45
C LYS D 190 -10.78 -34.73 -29.65
N ALA D 191 -10.24 -33.51 -29.57
CA ALA D 191 -10.91 -32.42 -28.87
C ALA D 191 -12.31 -32.18 -29.43
N SER D 192 -12.45 -32.31 -30.75
CA SER D 192 -13.73 -32.06 -31.39
C SER D 192 -14.84 -33.08 -31.03
N ASP D 193 -14.47 -34.20 -30.40
CA ASP D 193 -15.49 -35.13 -29.90
C ASP D 193 -16.22 -34.62 -28.65
N TYR D 194 -15.69 -33.59 -27.98
CA TYR D 194 -16.18 -33.20 -26.66
C TYR D 194 -16.84 -31.83 -26.68
N VAL D 195 -17.91 -31.69 -25.90
CA VAL D 195 -18.60 -30.42 -25.78
C VAL D 195 -18.72 -30.04 -24.31
N SER D 196 -18.64 -28.74 -24.08
CA SER D 196 -18.88 -28.16 -22.78
C SER D 196 -20.31 -27.66 -22.74
N LEU D 197 -21.00 -27.95 -21.65
CA LEU D 197 -22.37 -27.53 -21.47
C LEU D 197 -22.55 -26.76 -20.16
N THR D 198 -23.48 -25.81 -20.16
CA THR D 198 -23.84 -25.11 -18.95
C THR D 198 -25.33 -24.76 -19.00
N SER D 199 -25.81 -24.07 -17.98
CA SER D 199 -27.22 -23.66 -17.91
C SER D 199 -27.37 -22.36 -17.15
N TYR D 200 -27.48 -21.27 -17.89
CA TYR D 200 -27.68 -19.94 -17.30
C TYR D 200 -28.58 -19.10 -18.19
N THR D 201 -29.15 -18.04 -17.61
CA THR D 201 -30.13 -17.23 -18.33
C THR D 201 -29.61 -15.87 -18.75
N HIS D 202 -28.37 -15.55 -18.47
CA HIS D 202 -27.81 -14.25 -18.93
C HIS D 202 -27.34 -14.30 -20.39
N HIS D 203 -27.48 -15.47 -21.02
CA HIS D 203 -27.34 -15.63 -22.47
C HIS D 203 -28.49 -16.50 -22.95
N PRO D 204 -28.84 -16.43 -24.24
CA PRO D 204 -29.99 -17.23 -24.69
C PRO D 204 -29.70 -18.72 -24.66
N PHE D 205 -30.72 -19.51 -24.45
CA PHE D 205 -30.57 -20.95 -24.49
C PHE D 205 -30.26 -21.41 -25.91
N TYR D 206 -29.57 -22.54 -26.01
CA TYR D 206 -29.21 -23.17 -27.28
C TYR D 206 -28.18 -22.38 -28.08
N THR D 207 -27.45 -21.49 -27.41
CA THR D 207 -26.34 -20.78 -28.03
C THR D 207 -25.08 -21.11 -27.26
N GLN D 208 -23.94 -20.67 -27.79
CA GLN D 208 -22.65 -20.86 -27.16
C GLN D 208 -22.12 -19.55 -26.60
N PHE D 209 -21.50 -19.60 -25.44
CA PHE D 209 -20.79 -18.45 -24.91
C PHE D 209 -19.67 -18.89 -23.98
N PRO D 210 -18.70 -18.00 -23.77
CA PRO D 210 -17.62 -18.37 -22.85
C PRO D 210 -17.98 -17.99 -21.41
N LEU D 211 -18.02 -18.97 -20.52
CA LEU D 211 -18.25 -18.68 -19.12
C LEU D 211 -17.29 -17.61 -18.58
N GLU D 212 -17.86 -16.64 -17.86
CA GLU D 212 -17.12 -15.46 -17.41
C GLU D 212 -16.44 -15.72 -16.06
N ILE D 213 -15.47 -16.62 -16.05
CA ILE D 213 -14.75 -16.96 -14.85
C ILE D 213 -13.26 -16.90 -15.10
N GLN D 214 -12.50 -16.65 -14.05
CA GLN D 214 -11.09 -16.32 -14.18
C GLN D 214 -10.29 -17.44 -14.82
N ASP D 215 -10.66 -18.68 -14.55
CA ASP D 215 -9.87 -19.77 -15.07
C ASP D 215 -10.21 -20.12 -16.53
N ASN D 216 -11.22 -19.47 -17.10
CA ASN D 216 -11.53 -19.63 -18.52
C ASN D 216 -10.91 -18.49 -19.32
N TRP D 217 -9.64 -18.23 -19.07
CA TRP D 217 -8.90 -17.15 -19.73
C TRP D 217 -8.65 -17.45 -21.22
N ARG D 218 -8.75 -18.70 -21.63
CA ARG D 218 -8.73 -19.02 -23.07
C ARG D 218 -10.07 -18.68 -23.75
N HIS D 219 -11.09 -18.32 -22.98
CA HIS D 219 -12.41 -17.98 -23.51
C HIS D 219 -12.99 -19.14 -24.30
N GLY D 220 -12.87 -20.34 -23.76
CA GLY D 220 -13.54 -21.49 -24.34
C GLY D 220 -15.05 -21.40 -24.21
N SER D 222 -19.10 -22.70 -24.12
CA SER D 222 -20.01 -23.71 -23.61
C SER D 222 -21.36 -23.56 -24.29
N TYR D 223 -22.04 -24.67 -24.53
CA TYR D 223 -23.41 -24.63 -25.03
C TYR D 223 -24.35 -24.46 -23.85
N ASN D 224 -25.34 -23.61 -24.02
CA ASN D 224 -26.26 -23.26 -22.94
C ASN D 224 -27.58 -24.01 -23.08
N LEU D 225 -27.97 -24.74 -22.04
CA LEU D 225 -29.21 -25.51 -22.04
C LEU D 225 -30.12 -25.09 -20.88
N PRO D 226 -31.44 -25.17 -21.07
CA PRO D 226 -32.32 -25.00 -19.91
C PRO D 226 -32.07 -26.08 -18.89
N LEU D 227 -32.32 -25.75 -17.62
CA LEU D 227 -31.86 -26.57 -16.51
C LEU D 227 -32.33 -28.02 -16.59
N ASP D 228 -33.60 -28.26 -16.92
CA ASP D 228 -34.10 -29.63 -16.99
C ASP D 228 -33.43 -30.46 -18.11
N GLU D 229 -33.22 -29.85 -19.26
CA GLU D 229 -32.49 -30.53 -20.34
C GLU D 229 -31.03 -30.77 -19.97
N PHE D 230 -30.44 -29.81 -19.24
CA PHE D 230 -29.08 -29.94 -18.74
C PHE D 230 -28.99 -31.19 -17.87
N GLU D 232 -31.01 -33.77 -17.84
CA GLU D 232 -31.25 -34.92 -18.72
C GLU D 232 -29.95 -35.45 -19.33
N VAL D 233 -29.02 -34.55 -19.67
CA VAL D 233 -27.72 -34.96 -20.22
C VAL D 233 -26.93 -35.81 -19.22
N PHE D 234 -26.93 -35.42 -17.94
CA PHE D 234 -26.16 -36.17 -16.92
C PHE D 234 -26.61 -37.62 -16.89
N ASP D 235 -27.91 -37.82 -16.77
CA ASP D 235 -28.46 -39.15 -16.66
C ASP D 235 -28.26 -39.97 -17.93
N ASN D 236 -28.48 -39.35 -19.08
CA ASN D 236 -28.29 -40.06 -20.34
C ASN D 236 -26.84 -40.50 -20.51
N ALA D 237 -25.91 -39.64 -20.11
CA ALA D 237 -24.49 -39.96 -20.21
C ALA D 237 -24.20 -41.22 -19.40
N ILE D 238 -24.53 -41.19 -18.11
CA ILE D 238 -24.20 -42.32 -17.23
C ILE D 238 -24.91 -43.58 -17.69
N ASN D 239 -26.18 -43.46 -18.02
CA ASN D 239 -26.97 -44.61 -18.41
C ASN D 239 -26.59 -45.21 -19.74
N THR D 240 -25.91 -44.46 -20.61
CA THR D 240 -25.44 -45.04 -21.87
C THR D 240 -23.94 -45.33 -21.86
N GLY D 241 -23.31 -45.29 -20.69
CA GLY D 241 -21.92 -45.79 -20.53
C GLY D 241 -20.82 -44.75 -20.51
N TYR D 242 -21.20 -43.48 -20.49
CA TYR D 242 -20.25 -42.37 -20.52
C TYR D 242 -20.02 -41.81 -19.13
N THR D 243 -18.90 -41.11 -18.95
CA THR D 243 -18.68 -40.33 -17.71
C THR D 243 -18.68 -38.84 -18.05
N ILE D 244 -18.60 -38.01 -17.01
CA ILE D 244 -18.79 -36.57 -17.13
C ILE D 244 -17.68 -35.84 -16.39
N ALA D 245 -17.04 -34.88 -17.07
CA ALA D 245 -16.12 -33.95 -16.41
C ALA D 245 -17.01 -32.89 -15.79
N TRP D 246 -16.95 -32.78 -14.47
CA TRP D 246 -17.92 -32.00 -13.71
C TRP D 246 -17.22 -30.87 -12.99
N GLY D 247 -17.57 -29.66 -13.38
CA GLY D 247 -17.07 -28.46 -12.73
C GLY D 247 -18.13 -27.85 -11.84
N SER D 248 -17.83 -27.76 -10.55
CA SER D 248 -18.81 -27.37 -9.57
C SER D 248 -18.24 -26.49 -8.49
N ASP D 249 -19.11 -25.69 -7.88
CA ASP D 249 -18.76 -25.00 -6.66
C ASP D 249 -18.92 -25.98 -5.53
N VAL D 250 -17.90 -26.13 -4.69
CA VAL D 250 -17.97 -27.04 -3.55
C VAL D 250 -17.81 -26.30 -2.22
N SER D 251 -17.86 -24.97 -2.26
CA SER D 251 -17.77 -24.16 -1.04
C SER D 251 -19.17 -23.97 -0.48
N GLU D 252 -19.71 -25.03 0.11
CA GLU D 252 -21.05 -25.01 0.68
C GLU D 252 -20.96 -25.87 1.92
N SER D 253 -21.74 -25.52 2.93
CA SER D 253 -21.83 -26.33 4.15
C SER D 253 -22.28 -27.76 3.80
N GLY D 254 -23.07 -27.89 2.74
CA GLY D 254 -23.52 -29.17 2.22
C GLY D 254 -22.42 -30.06 1.63
N PHE D 255 -21.35 -29.48 1.12
CA PHE D 255 -20.22 -30.29 0.63
C PHE D 255 -19.30 -30.59 1.82
N THR D 256 -19.16 -31.87 2.15
CA THR D 256 -18.46 -32.23 3.39
C THR D 256 -17.15 -33.00 3.16
N ARG D 257 -16.34 -33.06 4.22
CA ARG D 257 -15.13 -33.87 4.24
C ARG D 257 -15.46 -35.38 4.32
N ASP D 258 -16.67 -35.71 4.78
CA ASP D 258 -17.13 -37.11 4.92
C ASP D 258 -17.79 -37.68 3.64
N GLY D 259 -17.51 -37.09 2.49
CA GLY D 259 -17.79 -37.73 1.21
C GLY D 259 -19.18 -37.57 0.65
N VAL D 260 -19.97 -36.64 1.15
CA VAL D 260 -21.30 -36.38 0.59
CA VAL D 260 -21.30 -36.39 0.60
C VAL D 260 -21.47 -34.91 0.32
N ALA D 261 -22.18 -34.59 -0.77
CA ALA D 261 -22.55 -33.23 -1.11
C ALA D 261 -24.07 -33.16 -1.24
N VAL D 262 -24.71 -32.49 -0.29
CA VAL D 262 -26.17 -32.41 -0.25
C VAL D 262 -26.66 -30.97 -0.24
N PRO D 264 -29.80 -29.78 1.47
CA PRO D 264 -31.00 -29.98 2.30
C PRO D 264 -31.90 -28.73 2.37
N ASP D 265 -33.20 -28.96 2.51
CA ASP D 265 -34.19 -27.89 2.70
C ASP D 265 -34.32 -27.50 4.18
N ASP D 266 -33.72 -26.37 4.56
CA ASP D 266 -33.79 -25.82 5.93
C ASP D 266 -35.19 -25.28 6.21
N LYS D 288 -28.81 -30.43 14.54
CA LYS D 288 -29.79 -30.37 13.45
C LYS D 288 -29.75 -31.59 12.49
N LYS D 289 -28.56 -32.18 12.27
CA LYS D 289 -28.39 -33.36 11.41
C LYS D 289 -28.65 -33.05 9.91
N LEU D 290 -28.34 -31.82 9.47
CA LEU D 290 -28.64 -31.37 8.10
C LEU D 290 -27.83 -32.12 7.01
N ASN D 291 -26.56 -32.38 7.29
CA ASN D 291 -25.62 -32.97 6.31
C ASN D 291 -25.14 -34.40 6.63
N THR D 292 -25.68 -35.02 7.68
CA THR D 292 -25.18 -36.31 8.21
C THR D 292 -26.12 -37.52 8.00
N LYS D 293 -27.36 -37.25 7.57
CA LYS D 293 -28.32 -38.30 7.22
C LYS D 293 -29.20 -37.81 6.07
N PRO D 294 -29.97 -38.72 5.45
CA PRO D 294 -30.84 -38.28 4.36
C PRO D 294 -31.90 -37.28 4.78
N GLN D 295 -32.04 -36.22 3.98
CA GLN D 295 -33.01 -35.18 4.23
C GLN D 295 -33.70 -34.84 2.91
N PRO D 296 -34.91 -34.27 2.99
CA PRO D 296 -35.53 -33.72 1.79
C PRO D 296 -34.70 -32.58 1.19
N GLN D 297 -34.52 -32.60 -0.13
CA GLN D 297 -33.63 -31.66 -0.82
C GLN D 297 -34.38 -30.44 -1.35
N LYS D 298 -33.72 -29.29 -1.36
CA LYS D 298 -34.22 -28.11 -2.09
C LYS D 298 -33.91 -28.31 -3.57
N TRP D 299 -34.96 -28.31 -4.39
CA TRP D 299 -34.84 -28.45 -5.84
CA TRP D 299 -34.86 -28.47 -5.85
C TRP D 299 -34.98 -27.09 -6.51
N CYS D 300 -33.85 -26.54 -6.95
CA CYS D 300 -33.82 -25.13 -7.35
C CYS D 300 -34.51 -24.88 -8.69
N THR D 301 -35.02 -23.67 -8.86
CA THR D 301 -35.48 -23.20 -10.14
C THR D 301 -34.31 -22.62 -10.94
N GLN D 302 -34.55 -22.38 -12.23
CA GLN D 302 -33.55 -21.75 -13.07
C GLN D 302 -33.14 -20.38 -12.46
N ALA D 303 -34.11 -19.64 -11.96
CA ALA D 303 -33.86 -18.30 -11.42
C ALA D 303 -33.02 -18.36 -10.16
N GLU D 304 -33.30 -19.32 -9.28
CA GLU D 304 -32.51 -19.48 -8.05
C GLU D 304 -31.06 -19.86 -8.36
N ARG D 305 -30.89 -20.72 -9.35
CA ARG D 305 -29.57 -21.12 -9.80
C ARG D 305 -28.83 -19.91 -10.36
N GLN D 306 -29.54 -19.07 -11.12
CA GLN D 306 -28.95 -17.87 -11.71
C GLN D 306 -28.51 -16.90 -10.63
N LEU D 307 -29.36 -16.69 -9.63
CA LEU D 307 -29.07 -15.71 -8.59
C LEU D 307 -27.74 -16.08 -7.93
N ALA D 308 -27.55 -17.36 -7.65
CA ALA D 308 -26.33 -17.80 -6.97
C ALA D 308 -25.07 -17.59 -7.80
N TYR D 309 -25.19 -17.68 -9.12
CA TYR D 309 -24.07 -17.35 -10.00
C TYR D 309 -23.83 -15.86 -10.06
N ASP D 310 -24.90 -15.07 -10.09
CA ASP D 310 -24.79 -13.62 -10.19
C ASP D 310 -24.27 -13.03 -8.88
N ASN D 311 -24.59 -13.65 -7.74
CA ASN D 311 -24.34 -13.01 -6.45
C ASN D 311 -23.12 -13.54 -5.67
N TYR D 312 -22.32 -14.37 -6.33
CA TYR D 312 -21.06 -14.90 -5.78
C TYR D 312 -21.26 -16.12 -4.86
N GLU D 313 -22.48 -16.60 -4.67
CA GLU D 313 -22.67 -17.84 -3.88
C GLU D 313 -22.21 -19.08 -4.65
N THR D 314 -22.27 -19.08 -5.97
CA THR D 314 -21.69 -20.15 -6.79
C THR D 314 -20.54 -19.59 -7.61
N THR D 315 -19.31 -19.83 -7.20
CA THR D 315 -18.12 -19.21 -7.83
C THR D 315 -16.98 -20.16 -8.12
N ASP D 316 -16.45 -20.82 -7.09
CA ASP D 316 -15.15 -21.45 -7.22
C ASP D 316 -15.18 -22.83 -7.89
N ASP D 317 -14.97 -22.82 -9.20
CA ASP D 317 -15.10 -24.02 -10.02
CA ASP D 317 -15.10 -24.02 -10.02
C ASP D 317 -14.02 -25.08 -9.71
N HIS D 318 -14.35 -26.08 -8.88
CA HIS D 318 -13.46 -27.25 -8.61
C HIS D 318 -13.88 -28.38 -9.60
N GLY D 319 -12.91 -29.00 -10.23
CA GLY D 319 -13.16 -30.03 -11.24
C GLY D 319 -13.10 -31.43 -10.66
N GLN D 321 -14.94 -35.78 -11.54
CA GLN D 321 -15.54 -36.67 -12.54
C GLN D 321 -16.75 -37.36 -11.96
N ILE D 322 -17.90 -37.25 -12.63
CA ILE D 322 -19.07 -38.04 -12.27
C ILE D 322 -19.06 -39.30 -13.13
N TYR D 323 -19.16 -40.47 -12.52
CA TYR D 323 -19.05 -41.73 -13.24
C TYR D 323 -20.17 -42.72 -12.93
N GLY D 324 -21.12 -42.33 -12.08
CA GLY D 324 -22.20 -43.24 -11.73
C GLY D 324 -23.35 -42.57 -11.01
N ILE D 325 -24.37 -43.37 -10.72
CA ILE D 325 -25.57 -42.95 -10.03
C ILE D 325 -25.81 -43.92 -8.89
N ALA D 326 -26.20 -43.40 -7.74
CA ALA D 326 -26.47 -44.21 -6.56
C ALA D 326 -27.71 -43.70 -5.86
N LYS D 327 -28.25 -44.53 -4.96
CA LYS D 327 -29.39 -44.18 -4.12
C LYS D 327 -29.03 -44.34 -2.66
N ASP D 328 -29.57 -43.47 -1.81
CA ASP D 328 -29.48 -43.71 -0.36
C ASP D 328 -30.63 -44.63 0.07
N GLN D 329 -30.68 -44.95 1.36
CA GLN D 329 -31.67 -45.89 1.89
C GLN D 329 -33.12 -45.36 1.80
N GLU D 330 -33.31 -44.04 1.67
CA GLU D 330 -34.67 -43.49 1.43
C GLU D 330 -35.03 -43.32 -0.03
N GLY D 331 -34.17 -43.78 -0.93
CA GLY D 331 -34.45 -43.65 -2.36
C GLY D 331 -34.06 -42.32 -3.01
N ASN D 332 -33.48 -41.39 -2.27
CA ASN D 332 -32.91 -40.17 -2.89
C ASN D 332 -31.75 -40.51 -3.82
N GLU D 333 -31.61 -39.74 -4.89
CA GLU D 333 -30.64 -40.04 -5.93
C GLU D 333 -29.37 -39.18 -5.82
N TYR D 334 -28.23 -39.79 -6.13
CA TYR D 334 -26.94 -39.15 -6.03
C TYR D 334 -26.10 -39.50 -7.24
N TYR D 335 -25.23 -38.58 -7.64
CA TYR D 335 -24.18 -38.92 -8.60
C TYR D 335 -22.94 -39.36 -7.83
N VAL D 337 -18.98 -39.58 -7.56
CA VAL D 337 -17.98 -38.62 -7.97
C VAL D 337 -16.57 -39.11 -7.64
N LYS D 338 -15.70 -39.12 -8.64
CA LYS D 338 -14.27 -39.38 -8.41
C LYS D 338 -13.55 -38.06 -8.19
N ASN D 339 -13.04 -37.88 -6.97
CA ASN D 339 -12.29 -36.70 -6.56
C ASN D 339 -10.78 -36.98 -6.72
N SER D 340 -9.97 -35.94 -6.56
CA SER D 340 -8.52 -36.03 -6.75
C SER D 340 -7.78 -35.59 -5.46
N TRP D 341 -8.32 -35.96 -4.30
CA TRP D 341 -7.68 -35.69 -3.01
C TRP D 341 -7.13 -36.95 -2.37
N GLY D 342 -6.79 -37.94 -3.18
CA GLY D 342 -6.30 -39.21 -2.65
C GLY D 342 -7.41 -40.04 -2.04
N THR D 343 -7.02 -41.15 -1.41
CA THR D 343 -7.98 -42.18 -0.97
C THR D 343 -8.20 -42.20 0.55
N ASN D 344 -7.61 -41.26 1.29
CA ASN D 344 -7.78 -41.19 2.74
C ASN D 344 -9.07 -40.46 3.14
N SER D 345 -10.22 -41.09 2.89
CA SER D 345 -11.54 -40.51 3.20
C SER D 345 -12.57 -41.63 3.30
N LYS D 346 -13.79 -41.31 3.74
CA LYS D 346 -14.78 -42.33 4.08
C LYS D 346 -15.00 -43.36 2.97
N TYR D 347 -15.12 -42.90 1.72
CA TYR D 347 -15.36 -43.80 0.58
C TYR D 347 -14.17 -43.88 -0.36
N ASN D 348 -12.96 -43.80 0.21
CA ASN D 348 -11.70 -43.96 -0.52
C ASN D 348 -11.49 -43.01 -1.71
N GLY D 349 -11.84 -41.74 -1.50
CA GLY D 349 -11.62 -40.69 -2.52
C GLY D 349 -12.81 -40.43 -3.42
N ILE D 350 -13.91 -41.16 -3.15
CA ILE D 350 -15.16 -41.03 -3.88
C ILE D 350 -16.16 -40.24 -3.05
N TRP D 351 -16.94 -39.39 -3.73
CA TRP D 351 -17.98 -38.60 -3.11
C TRP D 351 -19.33 -38.96 -3.71
N TYR D 352 -20.38 -38.72 -2.95
CA TYR D 352 -21.74 -38.83 -3.44
C TYR D 352 -22.37 -37.45 -3.42
N ALA D 353 -22.81 -36.97 -4.58
CA ALA D 353 -23.40 -35.65 -4.68
C ALA D 353 -24.87 -35.81 -5.05
N SER D 354 -25.76 -35.23 -4.26
CA SER D 354 -27.17 -35.39 -4.54
C SER D 354 -27.50 -34.70 -5.85
N LYS D 355 -28.51 -35.22 -6.55
CA LYS D 355 -28.95 -34.59 -7.79
C LYS D 355 -29.35 -33.14 -7.56
N ALA D 356 -29.94 -32.84 -6.41
CA ALA D 356 -30.32 -31.50 -6.09
C ALA D 356 -29.08 -30.59 -5.96
N PHE D 357 -28.03 -31.09 -5.34
CA PHE D 357 -26.80 -30.33 -5.23
C PHE D 357 -26.26 -30.04 -6.62
N VAL D 358 -26.20 -31.06 -7.46
CA VAL D 358 -25.58 -30.94 -8.76
C VAL D 358 -26.35 -29.92 -9.61
N ARG D 359 -27.66 -29.97 -9.53
CA ARG D 359 -28.55 -29.06 -10.27
C ARG D 359 -28.30 -27.59 -9.90
N TYR D 360 -28.04 -27.33 -8.63
CA TYR D 360 -27.86 -25.97 -8.14
C TYR D 360 -26.43 -25.45 -8.29
N LYS D 361 -25.45 -26.31 -8.05
CA LYS D 361 -24.06 -25.88 -7.91
C LYS D 361 -23.14 -26.15 -9.10
N THR D 362 -23.61 -26.86 -10.12
CA THR D 362 -22.78 -27.12 -11.28
C THR D 362 -22.54 -25.83 -12.04
N ASN D 364 -20.18 -26.04 -15.04
CA ASN D 364 -20.14 -26.58 -16.40
C ASN D 364 -19.76 -28.03 -16.39
N ILE D 365 -20.08 -28.73 -17.49
CA ILE D 365 -19.63 -30.09 -17.68
C ILE D 365 -19.07 -30.28 -19.07
N VAL D 366 -18.24 -31.30 -19.21
CA VAL D 366 -17.80 -31.75 -20.52
C VAL D 366 -18.20 -33.22 -20.63
N VAL D 367 -18.79 -33.57 -21.78
CA VAL D 367 -19.07 -34.94 -22.13
C VAL D 367 -18.75 -35.16 -23.61
N HIS D 368 -18.60 -36.42 -23.99
CA HIS D 368 -18.50 -36.78 -25.39
C HIS D 368 -19.82 -36.45 -26.06
N LYS D 369 -19.76 -35.95 -27.30
CA LYS D 369 -20.97 -35.60 -28.05
C LYS D 369 -22.02 -36.72 -28.08
N ASP D 370 -21.58 -37.98 -28.16
CA ASP D 370 -22.51 -39.12 -28.23
C ASP D 370 -23.21 -39.43 -26.92
N ALA D 371 -22.79 -38.77 -25.84
CA ALA D 371 -23.48 -38.87 -24.55
C ALA D 371 -24.75 -38.03 -24.53
N LEU D 372 -24.91 -37.12 -25.50
CA LEU D 372 -26.09 -36.25 -25.55
C LEU D 372 -27.30 -36.99 -26.12
N PRO D 373 -28.48 -36.83 -25.49
CA PRO D 373 -29.71 -37.32 -26.14
C PRO D 373 -29.94 -36.68 -27.51
N LYS D 374 -30.47 -37.46 -28.44
CA LYS D 374 -30.63 -37.06 -29.84
C LYS D 374 -31.35 -35.72 -29.99
N ALA D 375 -32.45 -35.53 -29.25
CA ALA D 375 -33.25 -34.31 -29.39
C ALA D 375 -32.47 -33.07 -28.92
N ILE D 376 -31.67 -33.23 -27.86
CA ILE D 376 -30.86 -32.11 -27.34
C ILE D 376 -29.74 -31.77 -28.30
N LYS D 377 -29.07 -32.81 -28.82
CA LYS D 377 -28.08 -32.64 -29.88
C LYS D 377 -28.64 -31.77 -31.02
N ALA D 378 -29.87 -32.07 -31.45
CA ALA D 378 -30.47 -31.39 -32.58
C ALA D 378 -30.76 -29.95 -32.22
N LYS D 379 -31.28 -29.70 -31.02
CA LYS D 379 -31.54 -28.32 -30.60
C LYS D 379 -30.26 -27.47 -30.54
N LEU D 380 -29.12 -28.09 -30.24
CA LEU D 380 -27.84 -27.37 -30.19
C LEU D 380 -27.16 -27.26 -31.54
N GLY D 381 -27.68 -27.96 -32.54
CA GLY D 381 -27.10 -27.94 -33.88
C GLY D 381 -25.80 -28.73 -33.97
N ILE D 382 -25.65 -29.74 -33.11
CA ILE D 382 -24.45 -30.56 -33.11
C ILE D 382 -24.70 -31.75 -34.02
N LYS D 383 -23.99 -31.80 -35.14
CA LYS D 383 -24.18 -32.87 -36.14
C LYS D 383 -23.69 -34.21 -35.58
N GLU E 10 9.77 24.55 -46.14
CA GLU E 10 10.12 23.10 -46.22
C GLU E 10 9.28 22.31 -45.21
N GLY E 11 8.01 22.08 -45.57
CA GLY E 11 7.07 21.27 -44.78
C GLY E 11 6.38 20.20 -45.62
N PHE E 12 5.15 19.86 -45.27
CA PHE E 12 4.36 18.89 -46.05
C PHE E 12 3.31 19.62 -46.89
N VAL E 13 3.16 19.24 -48.16
CA VAL E 13 2.04 19.72 -48.96
C VAL E 13 1.30 18.50 -49.51
N PHE E 14 0.04 18.34 -49.13
CA PHE E 14 -0.72 17.15 -49.46
C PHE E 14 -1.70 17.39 -50.58
N THR E 15 -1.83 16.40 -51.48
CA THR E 15 -2.82 16.40 -52.53
C THR E 15 -3.70 15.17 -52.41
N THR E 16 -5.01 15.37 -52.31
CA THR E 16 -5.95 14.27 -52.22
C THR E 16 -5.97 13.48 -53.52
N VAL E 17 -5.81 12.16 -53.42
CA VAL E 17 -5.94 11.28 -54.58
C VAL E 17 -7.38 10.82 -54.64
N LYS E 18 -7.90 10.33 -53.52
CA LYS E 18 -9.31 9.98 -53.43
CA LYS E 18 -9.31 9.98 -53.43
C LYS E 18 -9.80 10.06 -51.99
N GLU E 19 -11.01 10.56 -51.82
CA GLU E 19 -11.64 10.58 -50.50
C GLU E 19 -13.13 10.31 -50.59
N ASN E 20 -13.65 9.67 -49.56
CA ASN E 20 -15.05 9.31 -49.50
C ASN E 20 -15.79 10.14 -48.43
N PRO E 21 -17.13 10.26 -48.54
CA PRO E 21 -17.85 11.20 -47.68
C PRO E 21 -17.84 10.85 -46.20
N ILE E 22 -17.60 11.88 -45.39
CA ILE E 22 -17.58 11.74 -43.91
C ILE E 22 -18.53 12.79 -43.32
N THR E 23 -18.91 12.61 -42.06
CA THR E 23 -19.62 13.64 -41.33
C THR E 23 -18.61 14.55 -40.65
N SER E 24 -19.13 15.57 -39.97
CA SER E 24 -18.29 16.62 -39.33
C SER E 24 -17.39 16.04 -38.24
N VAL E 25 -16.30 16.74 -38.00
CA VAL E 25 -15.32 16.34 -36.99
C VAL E 25 -15.91 16.59 -35.60
N LYS E 26 -15.85 15.56 -34.76
CA LYS E 26 -16.37 15.62 -33.39
C LYS E 26 -15.23 15.77 -32.39
N ASN E 27 -15.57 16.00 -31.13
CA ASN E 27 -14.57 16.20 -30.07
C ASN E 27 -14.91 15.39 -28.81
N GLN E 28 -14.13 14.32 -28.57
CA GLN E 28 -14.34 13.45 -27.41
C GLN E 28 -13.95 14.15 -26.11
N ASN E 29 -13.14 15.20 -26.22
CA ASN E 29 -12.60 15.94 -25.09
C ASN E 29 -11.97 15.05 -24.00
N ARG E 30 -12.37 15.19 -22.74
CA ARG E 30 -11.65 14.56 -21.63
C ARG E 30 -12.26 13.22 -21.20
N ALA E 31 -12.17 12.26 -22.12
CA ALA E 31 -12.63 10.91 -21.89
C ALA E 31 -11.96 10.02 -22.93
N GLY E 32 -11.70 8.77 -22.56
CA GLY E 32 -11.07 7.82 -23.49
C GLY E 32 -12.08 7.11 -24.39
N THR E 33 -12.99 7.87 -25.00
CA THR E 33 -14.14 7.33 -25.71
C THR E 33 -13.96 7.32 -27.25
N CYS E 34 -12.71 7.38 -27.70
CA CYS E 34 -12.42 7.42 -29.13
C CYS E 34 -12.95 6.19 -29.85
N TRP E 35 -13.02 5.07 -29.15
CA TRP E 35 -13.55 3.86 -29.73
C TRP E 35 -14.98 4.09 -30.23
N CYS E 36 -15.75 4.90 -29.50
CA CYS E 36 -17.14 5.13 -29.88
C CYS E 36 -17.27 6.24 -30.91
N TYR E 37 -16.51 7.33 -30.73
CA TYR E 37 -16.53 8.42 -31.71
C TYR E 37 -16.08 7.94 -33.09
N SER E 38 -14.99 7.17 -33.15
CA SER E 38 -14.51 6.65 -34.43
C SER E 38 -15.47 5.61 -35.02
N SER E 39 -16.06 4.76 -34.18
CA SER E 39 -17.05 3.81 -34.65
C SER E 39 -18.22 4.54 -35.29
N TYR E 40 -18.63 5.65 -34.69
CA TYR E 40 -19.78 6.38 -35.19
C TYR E 40 -19.45 7.25 -36.41
N SER E 41 -18.23 7.78 -36.49
CA SER E 41 -17.79 8.40 -37.72
C SER E 41 -17.85 7.40 -38.86
N PHE E 42 -17.41 6.18 -38.58
CA PHE E 42 -17.44 5.08 -39.56
C PHE E 42 -18.87 4.72 -39.93
N LEU E 43 -19.71 4.46 -38.95
CA LEU E 43 -21.08 4.09 -39.22
C LEU E 43 -21.87 5.22 -39.91
N GLU E 44 -21.58 6.47 -39.58
CA GLU E 44 -22.22 7.59 -40.28
C GLU E 44 -21.78 7.66 -41.75
N SER E 45 -20.51 7.38 -42.04
CA SER E 45 -20.05 7.28 -43.42
C SER E 45 -20.74 6.14 -44.15
N GLU E 46 -20.96 5.03 -43.44
CA GLU E 46 -21.68 3.89 -44.01
C GLU E 46 -23.10 4.28 -44.38
N LEU E 47 -23.76 5.01 -43.50
CA LEU E 47 -25.11 5.45 -43.76
C LEU E 47 -25.16 6.38 -44.99
N LEU E 48 -24.18 7.26 -45.12
CA LEU E 48 -24.10 8.12 -46.32
C LEU E 48 -23.92 7.25 -47.56
N ARG E 49 -23.02 6.28 -47.47
CA ARG E 49 -22.71 5.39 -48.59
C ARG E 49 -23.94 4.58 -49.01
N GLY E 51 -27.00 5.51 -48.81
CA GLY E 51 -28.10 6.38 -49.27
C GLY E 51 -29.11 6.77 -48.20
N LYS E 52 -28.71 6.65 -46.95
CA LYS E 52 -29.63 6.91 -45.83
C LYS E 52 -29.49 8.34 -45.33
N GLY E 53 -28.53 9.10 -45.87
CA GLY E 53 -28.36 10.47 -45.48
C GLY E 53 -27.47 10.63 -44.26
N GLU E 54 -27.48 11.84 -43.73
CA GLU E 54 -26.53 12.26 -42.74
C GLU E 54 -27.11 12.12 -41.34
N TYR E 55 -26.40 11.39 -40.48
CA TYR E 55 -26.82 11.16 -39.11
C TYR E 55 -25.77 11.70 -38.16
N ASP E 56 -26.22 12.06 -36.97
CA ASP E 56 -25.32 12.37 -35.85
C ASP E 56 -25.78 11.49 -34.68
N LEU E 57 -25.08 10.39 -34.46
CA LEU E 57 -25.52 9.38 -33.51
C LEU E 57 -24.96 9.74 -32.12
N SER E 58 -25.66 9.38 -31.06
CA SER E 58 -25.20 9.68 -29.69
C SER E 58 -24.16 8.71 -29.17
N GLU E 59 -22.91 9.16 -29.12
CA GLU E 59 -21.87 8.38 -28.47
C GLU E 59 -22.22 8.11 -27.01
N PHE E 61 -24.94 7.60 -25.39
CA PHE E 61 -25.90 6.52 -25.17
C PHE E 61 -25.18 5.18 -25.17
N THR E 62 -24.29 5.01 -26.12
CA THR E 62 -23.56 3.74 -26.26
C THR E 62 -22.43 3.59 -25.22
N VAL E 63 -21.75 4.67 -24.91
CA VAL E 63 -20.75 4.67 -23.86
C VAL E 63 -21.42 4.25 -22.52
N TYR E 64 -22.57 4.83 -22.22
CA TYR E 64 -23.32 4.48 -21.03
C TYR E 64 -23.60 3.00 -20.96
N ASN E 65 -24.24 2.44 -21.99
CA ASN E 65 -24.60 1.04 -21.94
C ASN E 65 -23.38 0.12 -21.91
N THR E 66 -22.34 0.48 -22.66
CA THR E 66 -21.12 -0.33 -22.72
C THR E 66 -20.47 -0.38 -21.34
N TYR E 67 -20.42 0.74 -20.63
CA TYR E 67 -19.81 0.73 -19.29
C TYR E 67 -20.57 -0.14 -18.30
N LEU E 68 -21.90 -0.22 -18.41
CA LEU E 68 -22.64 -1.09 -17.52
C LEU E 68 -22.30 -2.56 -17.80
N ASP E 69 -22.12 -2.91 -19.07
CA ASP E 69 -21.72 -4.28 -19.40
C ASP E 69 -20.29 -4.53 -18.95
N ARG E 70 -19.43 -3.55 -19.11
CA ARG E 70 -18.04 -3.70 -18.69
C ARG E 70 -17.94 -3.91 -17.18
N ALA E 71 -18.76 -3.20 -16.43
CA ALA E 71 -18.79 -3.37 -14.98
C ALA E 71 -19.21 -4.80 -14.65
N ASP E 72 -20.25 -5.28 -15.33
CA ASP E 72 -20.72 -6.65 -15.13
C ASP E 72 -19.62 -7.66 -15.41
N ALA E 73 -18.87 -7.45 -16.49
CA ALA E 73 -17.77 -8.34 -16.85
C ALA E 73 -16.67 -8.30 -15.78
N ALA E 74 -16.38 -7.11 -15.26
CA ALA E 74 -15.42 -6.96 -14.14
C ALA E 74 -15.89 -7.75 -12.93
N VAL E 75 -17.17 -7.60 -12.57
CA VAL E 75 -17.69 -8.29 -11.39
C VAL E 75 -17.74 -9.81 -11.56
N ARG E 76 -18.18 -10.27 -12.71
CA ARG E 76 -18.24 -11.73 -12.93
C ARG E 76 -16.85 -12.37 -12.90
N THR E 77 -15.83 -11.66 -13.35
CA THR E 77 -14.48 -12.18 -13.36
C THR E 77 -13.67 -11.76 -12.13
N HIS E 78 -14.34 -11.26 -11.11
CA HIS E 78 -13.66 -10.85 -9.87
C HIS E 78 -12.45 -9.96 -10.12
N GLY E 79 -12.60 -9.04 -11.07
CA GLY E 79 -11.62 -8.01 -11.29
C GLY E 79 -10.62 -8.26 -12.40
N ASP E 80 -10.65 -9.45 -13.00
CA ASP E 80 -9.75 -9.71 -14.13
C ASP E 80 -10.05 -8.75 -15.29
N VAL E 81 -11.29 -8.66 -15.74
CA VAL E 81 -11.64 -7.64 -16.72
C VAL E 81 -11.48 -6.28 -16.07
N SER E 82 -10.55 -5.47 -16.56
CA SER E 82 -10.34 -4.15 -16.01
C SER E 82 -11.57 -3.29 -16.33
N PHE E 83 -11.85 -2.33 -15.47
CA PHE E 83 -12.92 -1.38 -15.68
C PHE E 83 -12.27 -0.02 -15.94
N SER E 84 -12.44 0.48 -17.17
CA SER E 84 -11.84 1.75 -17.59
C SER E 84 -12.62 2.29 -18.76
N GLN E 85 -12.18 3.40 -19.33
CA GLN E 85 -13.00 4.21 -20.22
C GLN E 85 -12.98 3.72 -21.66
N GLY E 86 -12.01 2.89 -21.99
CA GLY E 86 -11.82 2.48 -23.37
C GLY E 86 -12.82 1.43 -23.81
N GLY E 87 -12.60 0.94 -25.02
CA GLY E 87 -13.48 -0.03 -25.64
C GLY E 87 -13.00 -0.36 -27.05
N SER E 88 -13.90 -0.93 -27.84
CA SER E 88 -13.54 -1.43 -29.15
C SER E 88 -14.61 -1.12 -30.16
N PHE E 89 -14.28 -1.31 -31.43
CA PHE E 89 -15.25 -1.21 -32.49
C PHE E 89 -16.38 -2.19 -32.26
N TYR E 90 -16.04 -3.38 -31.80
CA TYR E 90 -17.06 -4.38 -31.57
C TYR E 90 -18.05 -3.92 -30.49
N ASP E 91 -17.59 -3.17 -29.49
CA ASP E 91 -18.53 -2.61 -28.50
C ASP E 91 -19.65 -1.80 -29.16
N ALA E 92 -19.30 -1.02 -30.17
CA ALA E 92 -20.30 -0.23 -30.89
C ALA E 92 -21.24 -1.12 -31.73
N LEU E 93 -20.69 -2.11 -32.39
CA LEU E 93 -21.47 -2.98 -33.25
C LEU E 93 -22.38 -3.89 -32.43
N TYR E 94 -21.84 -4.44 -31.35
CA TYR E 94 -22.67 -5.18 -30.41
C TYR E 94 -23.73 -4.28 -29.85
N GLY E 95 -23.32 -3.07 -29.50
CA GLY E 95 -24.23 -2.12 -28.88
C GLY E 95 -25.44 -1.77 -29.69
N GLU E 97 -26.96 -3.37 -31.95
CA GLU E 97 -27.86 -4.52 -32.05
C GLU E 97 -28.54 -4.84 -30.74
N THR E 98 -27.91 -4.50 -29.61
CA THR E 98 -28.40 -4.91 -28.32
C THR E 98 -29.17 -3.79 -27.65
N PHE E 99 -28.61 -2.59 -27.66
CA PHE E 99 -29.23 -1.44 -26.97
C PHE E 99 -29.97 -0.52 -27.90
N GLY E 100 -29.59 -0.53 -29.18
CA GLY E 100 -30.16 0.40 -30.14
C GLY E 100 -29.27 1.59 -30.41
N LEU E 101 -29.85 2.60 -31.04
CA LEU E 101 -29.15 3.85 -31.34
C LEU E 101 -30.06 5.00 -30.99
N VAL E 102 -29.48 6.14 -30.64
CA VAL E 102 -30.27 7.36 -30.48
C VAL E 102 -29.53 8.55 -31.09
N PRO E 103 -30.28 9.55 -31.54
CA PRO E 103 -29.66 10.74 -32.11
C PRO E 103 -28.91 11.53 -31.05
N GLU E 104 -27.85 12.21 -31.46
CA GLU E 104 -27.02 13.03 -30.59
C GLU E 104 -27.82 13.88 -29.61
N GLU E 105 -28.82 14.58 -30.11
CA GLU E 105 -29.57 15.54 -29.31
C GLU E 105 -30.34 14.91 -28.15
N GLU E 106 -30.60 13.61 -28.22
CA GLU E 106 -31.28 12.94 -27.12
C GLU E 106 -30.35 12.61 -25.92
N ARG E 108 -26.49 14.26 -24.99
CA ARG E 108 -25.32 15.01 -25.40
C ARG E 108 -24.23 14.95 -24.33
N PRO E 109 -22.97 15.07 -24.74
CA PRO E 109 -21.89 15.14 -23.76
C PRO E 109 -21.97 16.40 -22.91
N GLY E 110 -21.63 16.29 -21.63
CA GLY E 110 -21.46 17.46 -20.77
C GLY E 110 -22.70 18.03 -20.12
N TYR E 113 -23.29 18.35 -16.22
CA TYR E 113 -22.42 19.26 -15.47
C TYR E 113 -22.20 20.60 -16.18
N ALA E 114 -23.23 21.07 -16.88
CA ALA E 114 -23.27 22.42 -17.45
C ALA E 114 -22.18 22.69 -18.50
N ASP E 115 -21.79 21.65 -19.24
CA ASP E 115 -20.79 21.76 -20.30
C ASP E 115 -21.40 21.23 -21.59
N THR E 116 -20.68 21.37 -22.68
CA THR E 116 -21.09 20.79 -23.96
C THR E 116 -20.09 19.74 -24.48
N LEU E 117 -19.03 19.48 -23.71
CA LEU E 117 -18.05 18.43 -24.05
C LEU E 117 -17.83 17.53 -22.83
N SER E 118 -17.45 16.29 -23.09
CA SER E 118 -17.23 15.32 -22.03
C SER E 118 -16.07 15.67 -21.12
N ASN E 119 -16.28 15.45 -19.82
CA ASN E 119 -15.18 15.30 -18.85
C ASN E 119 -15.55 14.22 -17.85
N HIS E 120 -14.96 13.04 -18.00
CA HIS E 120 -15.40 11.86 -17.28
C HIS E 120 -14.45 11.47 -16.15
N THR E 121 -13.60 12.37 -15.71
CA THR E 121 -12.65 12.05 -14.68
C THR E 121 -13.32 11.71 -13.34
N GLU E 122 -14.30 12.51 -12.94
CA GLU E 122 -14.99 12.31 -11.68
C GLU E 122 -15.89 11.07 -11.75
N LEU E 123 -16.64 10.91 -12.84
CA LEU E 123 -17.39 9.72 -13.07
C LEU E 123 -16.54 8.45 -12.92
N SER E 124 -15.38 8.46 -13.54
CA SER E 124 -14.46 7.31 -13.42
C SER E 124 -13.93 7.13 -11.99
N ALA E 125 -13.63 8.22 -11.30
CA ALA E 125 -13.16 8.11 -9.91
C ALA E 125 -14.21 7.39 -9.05
N LEU E 126 -15.48 7.75 -9.24
CA LEU E 126 -16.55 7.11 -8.49
C LEU E 126 -16.81 5.68 -8.97
N THR E 127 -16.98 5.48 -10.26
CA THR E 127 -17.42 4.16 -10.76
C THR E 127 -16.29 3.12 -10.68
N ASP E 128 -15.04 3.53 -10.91
CA ASP E 128 -13.90 2.61 -10.70
C ASP E 128 -13.90 2.12 -9.25
N ALA E 129 -14.10 3.04 -8.31
CA ALA E 129 -14.05 2.70 -6.90
C ALA E 129 -15.21 1.76 -6.54
N VAL E 131 -16.94 -0.34 -8.65
CA VAL E 131 -16.74 -1.62 -9.28
C VAL E 131 -15.68 -2.42 -8.54
N ALA E 132 -14.58 -1.79 -8.15
CA ALA E 132 -13.51 -2.46 -7.42
C ALA E 132 -14.00 -2.96 -6.07
N ALA E 133 -14.85 -2.19 -5.41
CA ALA E 133 -15.34 -2.59 -4.11
C ALA E 133 -16.19 -3.87 -4.20
N ILE E 134 -16.85 -4.10 -5.35
CA ILE E 134 -17.61 -5.33 -5.55
C ILE E 134 -16.68 -6.42 -6.09
N ALA E 135 -15.98 -6.11 -7.18
CA ALA E 135 -15.20 -7.12 -7.93
C ALA E 135 -13.97 -7.63 -7.20
N LYS E 136 -13.32 -6.76 -6.43
CA LYS E 136 -12.04 -7.12 -5.79
CA LYS E 136 -12.04 -7.10 -5.79
C LYS E 136 -12.14 -7.06 -4.28
N GLY E 137 -13.33 -6.90 -3.74
CA GLY E 137 -13.50 -6.82 -2.28
C GLY E 137 -13.79 -8.16 -1.67
N LYS E 138 -14.30 -8.12 -0.46
CA LYS E 138 -14.51 -9.29 0.37
C LYS E 138 -15.99 -9.70 0.52
N LEU E 139 -16.89 -9.08 -0.25
CA LEU E 139 -18.29 -9.45 -0.18
C LEU E 139 -18.47 -10.90 -0.67
N ARG E 140 -19.17 -11.71 0.12
CA ARG E 140 -19.34 -13.13 -0.18
C ARG E 140 -20.69 -13.43 -0.84
N LYS E 141 -21.65 -12.52 -0.67
CA LYS E 141 -22.97 -12.66 -1.25
C LYS E 141 -23.55 -11.30 -1.62
N LEU E 142 -23.66 -10.99 -2.91
CA LEU E 142 -24.16 -9.69 -3.34
C LEU E 142 -25.68 -9.61 -3.18
N GLN E 143 -26.20 -8.44 -2.88
CA GLN E 143 -27.61 -8.29 -2.56
C GLN E 143 -28.49 -8.16 -3.80
N SER E 144 -29.71 -8.66 -3.68
CA SER E 144 -30.68 -8.62 -4.77
C SER E 144 -32.08 -8.33 -4.26
N ASP E 145 -32.94 -7.84 -5.14
CA ASP E 145 -34.33 -7.55 -4.78
C ASP E 145 -35.20 -8.79 -4.99
N GLU E 146 -36.51 -8.62 -4.87
CA GLU E 146 -37.44 -9.75 -4.87
CA GLU E 146 -37.43 -9.77 -4.86
C GLU E 146 -37.56 -10.35 -6.27
N ASN E 147 -37.16 -9.60 -7.30
CA ASN E 147 -37.10 -10.11 -8.67
C ASN E 147 -35.71 -10.57 -9.09
N ASN E 148 -34.83 -10.82 -8.11
CA ASN E 148 -33.44 -11.21 -8.38
C ASN E 148 -32.59 -10.21 -9.17
N ALA E 149 -33.00 -8.94 -9.20
CA ALA E 149 -32.18 -7.89 -9.78
C ALA E 149 -31.14 -7.46 -8.76
N LEU E 151 -28.66 -5.24 -6.65
CA LEU E 151 -28.61 -3.83 -6.19
C LEU E 151 -27.35 -3.09 -6.69
N TRP E 152 -26.21 -3.75 -6.76
CA TRP E 152 -24.99 -3.03 -7.14
C TRP E 152 -25.12 -2.54 -8.59
N LYS E 153 -25.80 -3.30 -9.43
CA LYS E 153 -26.01 -2.89 -10.82
C LYS E 153 -26.90 -1.67 -10.90
N LYS E 154 -27.90 -1.61 -10.06
CA LYS E 154 -28.75 -0.42 -10.00
C LYS E 154 -27.91 0.78 -9.59
N ALA E 155 -26.99 0.58 -8.64
CA ALA E 155 -26.15 1.67 -8.12
C ALA E 155 -25.25 2.21 -9.21
N VAL E 156 -24.58 1.32 -9.93
CA VAL E 156 -23.66 1.73 -11.00
C VAL E 156 -24.43 2.40 -12.15
N ALA E 157 -25.62 1.88 -12.48
CA ALA E 157 -26.47 2.53 -13.51
C ALA E 157 -26.88 3.92 -13.06
N ALA E 158 -27.33 4.05 -11.82
CA ALA E 158 -27.81 5.35 -11.34
C ALA E 158 -26.69 6.40 -11.34
N VAL E 159 -25.47 6.00 -10.98
CA VAL E 159 -24.36 6.95 -10.95
C VAL E 159 -24.00 7.33 -12.37
N HIS E 160 -23.97 6.38 -13.29
CA HIS E 160 -23.68 6.73 -14.69
C HIS E 160 -24.72 7.69 -15.25
N GLN E 161 -25.98 7.52 -14.90
CA GLN E 161 -27.02 8.45 -15.35
C GLN E 161 -26.83 9.86 -14.84
N ILE E 162 -26.39 9.99 -13.60
CA ILE E 162 -26.16 11.31 -12.99
C ILE E 162 -25.11 12.07 -13.77
N TYR E 163 -24.09 11.38 -14.28
CA TYR E 163 -23.01 12.07 -15.00
C TYR E 163 -23.18 12.11 -16.52
N LEU E 164 -23.85 11.11 -17.11
CA LEU E 164 -23.97 10.98 -18.56
C LEU E 164 -25.37 11.37 -19.11
N GLY E 165 -26.40 11.26 -18.28
CA GLY E 165 -27.78 11.53 -18.67
C GLY E 165 -28.67 10.29 -18.60
N VAL E 166 -29.97 10.51 -18.70
CA VAL E 166 -30.96 9.44 -18.67
C VAL E 166 -31.19 8.98 -20.10
N PRO E 167 -30.90 7.72 -20.41
CA PRO E 167 -31.20 7.27 -21.76
C PRO E 167 -32.72 7.27 -22.04
N PRO E 168 -33.13 7.81 -23.19
CA PRO E 168 -34.55 7.89 -23.49
C PRO E 168 -35.18 6.54 -23.84
N GLU E 169 -36.41 6.34 -23.39
CA GLU E 169 -37.16 5.15 -23.77
C GLU E 169 -37.88 5.38 -25.08
N LYS E 170 -38.35 6.62 -25.31
CA LYS E 170 -39.01 7.03 -26.52
C LYS E 170 -38.52 8.41 -26.86
N PHE E 171 -38.51 8.74 -28.14
CA PHE E 171 -38.20 10.09 -28.56
C PHE E 171 -38.72 10.33 -29.96
N THR E 172 -38.76 11.60 -30.35
CA THR E 172 -39.22 11.98 -31.65
C THR E 172 -38.07 12.51 -32.46
N TYR E 173 -37.96 12.05 -33.69
CA TYR E 173 -36.90 12.47 -34.59
C TYR E 173 -37.46 12.64 -35.99
N LYS E 174 -37.35 13.86 -36.52
CA LYS E 174 -37.87 14.23 -37.83
C LYS E 174 -39.31 13.75 -38.03
N GLY E 175 -40.16 14.08 -37.06
CA GLY E 175 -41.58 13.84 -37.17
C GLY E 175 -42.07 12.45 -36.81
N LYS E 176 -41.19 11.53 -36.41
CA LYS E 176 -41.66 10.19 -36.00
C LYS E 176 -41.12 9.75 -34.66
N GLU E 177 -41.94 8.97 -33.98
CA GLU E 177 -41.61 8.45 -32.68
C GLU E 177 -40.80 7.14 -32.79
N TYR E 178 -39.72 7.03 -32.02
CA TYR E 178 -38.91 5.83 -31.99
C TYR E 178 -38.59 5.39 -30.57
N THR E 179 -38.25 4.11 -30.44
CA THR E 179 -37.44 3.65 -29.32
C THR E 179 -36.00 3.55 -29.85
N PRO E 180 -35.01 3.40 -28.96
CA PRO E 180 -33.64 3.19 -29.48
C PRO E 180 -33.53 1.98 -30.40
N LYS E 181 -34.27 0.93 -30.08
CA LYS E 181 -34.30 -0.25 -30.95
C LYS E 181 -34.92 0.08 -32.32
N SER E 182 -36.08 0.75 -32.33
CA SER E 182 -36.75 0.99 -33.62
C SER E 182 -35.97 2.02 -34.43
N PHE E 183 -35.27 2.93 -33.75
CA PHE E 183 -34.40 3.87 -34.47
C PHE E 183 -33.25 3.13 -35.14
N PHE E 184 -32.65 2.19 -34.42
CA PHE E 184 -31.61 1.38 -35.01
C PHE E 184 -32.16 0.62 -36.24
N GLU E 185 -33.32 0.00 -36.07
CA GLU E 185 -33.95 -0.75 -37.16
C GLU E 185 -34.19 0.12 -38.40
N SER E 186 -34.56 1.39 -38.19
CA SER E 186 -34.79 2.31 -39.31
C SER E 186 -33.53 2.63 -40.10
N THR E 187 -32.36 2.48 -39.49
CA THR E 187 -31.10 2.78 -40.19
C THR E 187 -30.74 1.73 -41.25
N GLY E 188 -31.22 0.50 -41.07
CA GLY E 188 -30.81 -0.62 -41.91
C GLY E 188 -29.42 -1.19 -41.65
N LEU E 189 -28.70 -0.66 -40.65
CA LEU E 189 -27.38 -1.18 -40.35
C LEU E 189 -27.51 -2.59 -39.78
N LYS E 190 -26.54 -3.45 -40.09
CA LYS E 190 -26.43 -4.79 -39.50
C LYS E 190 -25.01 -5.08 -39.06
N ALA E 191 -24.84 -5.54 -37.83
CA ALA E 191 -23.52 -5.90 -37.32
C ALA E 191 -22.86 -6.97 -38.19
N SER E 192 -23.64 -7.90 -38.67
CA SER E 192 -23.12 -8.96 -39.52
C SER E 192 -22.57 -8.49 -40.88
N ASP E 193 -22.84 -7.25 -41.30
CA ASP E 193 -22.21 -6.70 -42.50
C ASP E 193 -20.72 -6.37 -42.30
N TYR E 194 -20.25 -6.31 -41.06
CA TYR E 194 -18.91 -5.76 -40.76
C TYR E 194 -17.97 -6.83 -40.24
N VAL E 195 -16.71 -6.71 -40.63
CA VAL E 195 -15.69 -7.63 -40.16
C VAL E 195 -14.50 -6.87 -39.60
N SER E 196 -13.91 -7.45 -38.56
CA SER E 196 -12.69 -6.96 -37.98
C SER E 196 -11.54 -7.76 -38.57
N LEU E 197 -10.46 -7.06 -38.94
CA LEU E 197 -9.28 -7.68 -39.52
C LEU E 197 -8.02 -7.27 -38.76
N THR E 198 -7.07 -8.16 -38.69
CA THR E 198 -5.77 -7.84 -38.15
C THR E 198 -4.69 -8.62 -38.88
N SER E 199 -3.44 -8.46 -38.45
CA SER E 199 -2.33 -9.17 -39.08
C SER E 199 -1.23 -9.46 -38.05
N TYR E 200 -1.23 -10.68 -37.54
CA TYR E 200 -0.21 -11.12 -36.57
C TYR E 200 0.14 -12.60 -36.80
N THR E 201 1.30 -13.02 -36.30
CA THR E 201 1.78 -14.37 -36.55
C THR E 201 1.69 -15.29 -35.36
N HIS E 202 1.18 -14.83 -34.22
CA HIS E 202 1.03 -15.74 -33.08
C HIS E 202 -0.27 -16.58 -33.18
N HIS E 203 -1.05 -16.37 -34.24
CA HIS E 203 -2.13 -17.27 -34.61
C HIS E 203 -2.02 -17.51 -36.12
N PRO E 204 -2.60 -18.61 -36.62
CA PRO E 204 -2.44 -18.86 -38.06
C PRO E 204 -3.19 -17.85 -38.91
N PHE E 205 -2.68 -17.59 -40.11
CA PHE E 205 -3.36 -16.72 -41.03
C PHE E 205 -4.66 -17.36 -41.50
N TYR E 206 -5.61 -16.51 -41.86
CA TYR E 206 -6.91 -16.91 -42.40
C TYR E 206 -7.80 -17.61 -41.37
N THR E 207 -7.49 -17.40 -40.10
CA THR E 207 -8.36 -17.87 -39.03
C THR E 207 -8.84 -16.64 -38.24
N GLN E 208 -9.75 -16.86 -37.30
CA GLN E 208 -10.25 -15.81 -36.43
C GLN E 208 -9.72 -16.00 -35.01
N PHE E 209 -9.39 -14.89 -34.35
CA PHE E 209 -9.08 -14.93 -32.92
C PHE E 209 -9.41 -13.61 -32.28
N PRO E 210 -9.58 -13.61 -30.95
CA PRO E 210 -9.81 -12.34 -30.26
C PRO E 210 -8.49 -11.66 -29.87
N LEU E 211 -8.25 -10.46 -30.36
CA LEU E 211 -7.05 -9.72 -29.97
C LEU E 211 -6.95 -9.61 -28.44
N GLU E 212 -5.74 -9.88 -27.94
CA GLU E 212 -5.47 -10.02 -26.51
C GLU E 212 -5.13 -8.66 -25.92
N ILE E 213 -6.10 -7.76 -25.93
CA ILE E 213 -5.93 -6.44 -25.37
C ILE E 213 -7.06 -6.14 -24.39
N GLN E 214 -6.77 -5.29 -23.44
CA GLN E 214 -7.67 -5.04 -22.34
C GLN E 214 -9.05 -4.56 -22.78
N ASP E 215 -9.10 -3.74 -23.81
CA ASP E 215 -10.37 -3.16 -24.21
C ASP E 215 -11.23 -4.11 -25.03
N ASN E 216 -10.69 -5.28 -25.39
CA ASN E 216 -11.47 -6.30 -26.07
C ASN E 216 -12.01 -7.32 -25.08
N TRP E 217 -12.60 -6.82 -24.00
CA TRP E 217 -13.09 -7.67 -22.90
C TRP E 217 -14.33 -8.46 -23.31
N ARG E 218 -15.01 -8.05 -24.37
CA ARG E 218 -16.06 -8.88 -24.97
C ARG E 218 -15.50 -10.06 -25.76
N HIS E 219 -14.18 -10.07 -26.00
CA HIS E 219 -13.53 -11.15 -26.76
C HIS E 219 -14.09 -11.25 -28.17
N GLY E 220 -14.25 -10.10 -28.81
CA GLY E 220 -14.65 -10.06 -30.21
C GLY E 220 -13.53 -10.55 -31.11
N SER E 222 -11.32 -11.23 -34.63
CA SER E 222 -10.76 -10.59 -35.81
C SER E 222 -10.26 -11.69 -36.76
N TYR E 223 -10.40 -11.46 -38.06
CA TYR E 223 -9.82 -12.34 -39.06
C TYR E 223 -8.38 -11.92 -39.28
N ASN E 224 -7.50 -12.90 -39.38
CA ASN E 224 -6.07 -12.67 -39.44
C ASN E 224 -5.57 -12.81 -40.87
N LEU E 225 -4.89 -11.77 -41.37
CA LEU E 225 -4.39 -11.76 -42.73
C LEU E 225 -2.90 -11.50 -42.74
N PRO E 226 -2.18 -12.08 -43.71
CA PRO E 226 -0.78 -11.66 -43.89
C PRO E 226 -0.70 -10.17 -44.23
N LEU E 227 0.40 -9.55 -43.85
CA LEU E 227 0.51 -8.11 -43.83
C LEU E 227 0.23 -7.47 -45.18
N ASP E 228 0.78 -8.02 -46.26
CA ASP E 228 0.53 -7.43 -47.59
C ASP E 228 -0.96 -7.49 -48.02
N GLU E 229 -1.63 -8.61 -47.75
CA GLU E 229 -3.07 -8.71 -48.02
C GLU E 229 -3.87 -7.78 -47.14
N PHE E 230 -3.42 -7.63 -45.90
CA PHE E 230 -4.03 -6.69 -44.96
C PHE E 230 -4.01 -5.28 -45.54
N GLU E 232 -3.66 -4.47 -48.69
CA GLU E 232 -4.51 -4.50 -49.88
CA GLU E 232 -4.48 -4.49 -49.91
C GLU E 232 -5.94 -4.12 -49.56
N VAL E 233 -6.43 -4.56 -48.40
CA VAL E 233 -7.80 -4.26 -48.00
C VAL E 233 -8.00 -2.75 -47.82
N PHE E 234 -7.02 -2.07 -47.25
CA PHE E 234 -7.15 -0.62 -47.01
C PHE E 234 -7.41 0.08 -48.33
N ASP E 235 -6.54 -0.19 -49.31
CA ASP E 235 -6.61 0.50 -50.59
C ASP E 235 -7.87 0.14 -51.35
N ASN E 236 -8.24 -1.13 -51.34
CA ASN E 236 -9.46 -1.55 -52.02
C ASN E 236 -10.70 -0.87 -51.42
N ALA E 237 -10.72 -0.74 -50.09
CA ALA E 237 -11.84 -0.11 -49.43
C ALA E 237 -12.00 1.31 -49.91
N ILE E 238 -10.93 2.09 -49.80
CA ILE E 238 -11.00 3.50 -50.17
C ILE E 238 -11.32 3.66 -51.65
N ASN E 239 -10.66 2.87 -52.49
CA ASN E 239 -10.84 3.00 -53.92
C ASN E 239 -12.20 2.56 -54.42
N THR E 240 -12.93 1.74 -53.65
CA THR E 240 -14.27 1.34 -54.08
C THR E 240 -15.36 2.08 -53.30
N GLY E 241 -14.99 3.12 -52.56
CA GLY E 241 -15.99 4.02 -51.98
C GLY E 241 -16.30 3.83 -50.50
N TYR E 242 -15.54 2.96 -49.83
CA TYR E 242 -15.76 2.62 -48.42
C TYR E 242 -14.80 3.37 -47.52
N THR E 243 -15.12 3.48 -46.24
CA THR E 243 -14.17 3.98 -45.26
C THR E 243 -13.81 2.86 -44.28
N ILE E 244 -12.88 3.14 -43.36
CA ILE E 244 -12.27 2.12 -42.51
C ILE E 244 -12.24 2.63 -41.07
N ALA E 245 -12.73 1.81 -40.14
CA ALA E 245 -12.55 2.07 -38.71
C ALA E 245 -11.16 1.55 -38.37
N TRP E 246 -10.30 2.44 -37.93
CA TRP E 246 -8.85 2.17 -37.84
C TRP E 246 -8.38 2.27 -36.42
N GLY E 247 -7.94 1.14 -35.88
CA GLY E 247 -7.42 1.06 -34.53
C GLY E 247 -5.92 0.96 -34.59
N SER E 248 -5.25 1.92 -33.98
CA SER E 248 -3.81 2.03 -34.08
C SER E 248 -3.16 2.47 -32.78
N ASP E 249 -1.91 2.11 -32.62
CA ASP E 249 -1.06 2.74 -31.59
C ASP E 249 -0.60 4.09 -32.13
N VAL E 250 -0.82 5.16 -31.39
CA VAL E 250 -0.41 6.49 -31.81
C VAL E 250 0.60 7.10 -30.82
N SER E 251 1.11 6.29 -29.88
CA SER E 251 2.13 6.74 -28.92
C SER E 251 3.51 6.54 -29.53
N GLU E 252 3.84 7.39 -30.50
CA GLU E 252 5.09 7.28 -31.23
C GLU E 252 5.51 8.71 -31.51
N SER E 253 6.81 8.95 -31.50
CA SER E 253 7.35 10.28 -31.84
C SER E 253 6.90 10.70 -33.24
N GLY E 254 6.70 9.71 -34.11
CA GLY E 254 6.18 9.92 -35.46
C GLY E 254 4.75 10.42 -35.54
N PHE E 255 3.91 10.11 -34.55
CA PHE E 255 2.55 10.64 -34.53
C PHE E 255 2.58 12.02 -33.85
N THR E 256 2.21 13.07 -34.57
CA THR E 256 2.39 14.43 -34.05
C THR E 256 1.08 15.17 -33.75
N ARG E 257 1.20 16.25 -32.98
CA ARG E 257 0.10 17.18 -32.76
C ARG E 257 -0.20 18.05 -34.02
N ASP E 258 0.78 18.14 -34.93
CA ASP E 258 0.65 18.92 -36.19
C ASP E 258 0.09 18.10 -37.39
N GLY E 259 -0.61 17.02 -37.10
CA GLY E 259 -1.48 16.38 -38.07
C GLY E 259 -0.87 15.38 -39.03
N VAL E 260 0.34 14.90 -38.74
CA VAL E 260 0.98 13.90 -39.59
C VAL E 260 1.54 12.76 -38.76
N ALA E 261 1.39 11.53 -39.25
CA ALA E 261 1.92 10.33 -38.59
C ALA E 261 2.85 9.65 -39.56
N VAL E 262 4.13 9.68 -39.27
CA VAL E 262 5.14 9.11 -40.14
C VAL E 262 6.00 8.07 -39.40
N PRO E 264 9.02 6.46 -37.61
CA PRO E 264 10.21 6.97 -36.93
C PRO E 264 11.53 6.37 -37.43
N GLY E 274 17.79 2.85 -17.68
CA GLY E 274 18.42 2.64 -16.37
C GLY E 274 19.92 2.97 -16.36
N SER E 275 20.26 4.08 -17.00
CA SER E 275 21.66 4.52 -17.15
C SER E 275 22.23 4.98 -15.80
N ASP E 276 23.45 4.51 -15.47
CA ASP E 276 24.22 5.03 -14.35
C ASP E 276 24.53 6.53 -14.62
N ALA E 278 23.03 8.79 -16.91
CA ALA E 278 21.83 9.63 -17.02
C ALA E 278 21.20 9.90 -15.64
N HIS E 279 21.33 8.95 -14.72
CA HIS E 279 20.89 9.07 -13.32
C HIS E 279 21.61 10.22 -12.58
N TRP E 280 22.93 10.31 -12.74
CA TRP E 280 23.73 11.33 -12.03
C TRP E 280 23.74 12.73 -12.67
N LEU E 281 23.33 12.84 -13.95
CA LEU E 281 23.28 14.11 -14.67
C LEU E 281 21.81 14.42 -15.08
N LYS E 282 21.51 14.76 -16.34
CA LYS E 282 20.11 15.10 -16.68
C LYS E 282 19.84 15.07 -18.18
N THR E 292 8.95 16.66 -39.72
CA THR E 292 8.48 17.97 -40.18
C THR E 292 8.52 18.16 -41.72
N LYS E 293 9.17 17.25 -42.45
CA LYS E 293 9.17 17.24 -43.92
C LYS E 293 9.17 15.79 -44.45
N PRO E 294 8.91 15.59 -45.74
CA PRO E 294 8.93 14.23 -46.26
C PRO E 294 10.28 13.55 -46.13
N GLN E 295 10.27 12.31 -45.64
CA GLN E 295 11.48 11.51 -45.47
C GLN E 295 11.21 10.11 -46.00
N PRO E 296 12.29 9.38 -46.37
CA PRO E 296 12.12 7.97 -46.74
C PRO E 296 11.64 7.15 -45.53
N GLN E 297 10.66 6.28 -45.76
CA GLN E 297 10.02 5.50 -44.69
C GLN E 297 10.65 4.11 -44.51
N LYS E 298 10.71 3.64 -43.29
CA LYS E 298 11.02 2.24 -43.01
C LYS E 298 9.73 1.42 -43.27
N TRP E 299 9.82 0.46 -44.18
CA TRP E 299 8.74 -0.43 -44.53
C TRP E 299 8.91 -1.77 -43.78
N CYS E 300 8.12 -2.00 -42.73
CA CYS E 300 8.37 -3.11 -41.81
C CYS E 300 8.03 -4.46 -42.42
N THR E 301 8.72 -5.49 -41.93
CA THR E 301 8.34 -6.87 -42.22
C THR E 301 7.27 -7.36 -41.24
N GLN E 302 6.67 -8.51 -41.55
CA GLN E 302 5.72 -9.12 -40.67
C GLN E 302 6.36 -9.37 -39.29
N ALA E 303 7.61 -9.83 -39.29
CA ALA E 303 8.32 -10.15 -38.05
C ALA E 303 8.60 -8.91 -37.21
N GLU E 304 8.99 -7.80 -37.84
CA GLU E 304 9.18 -6.54 -37.11
C GLU E 304 7.89 -6.03 -36.49
N ARG E 305 6.80 -6.14 -37.23
CA ARG E 305 5.49 -5.73 -36.75
C ARG E 305 5.11 -6.59 -35.54
N GLN E 306 5.39 -7.88 -35.63
CA GLN E 306 5.07 -8.80 -34.55
C GLN E 306 5.88 -8.48 -33.31
N LEU E 307 7.16 -8.18 -33.48
CA LEU E 307 8.02 -7.94 -32.33
C LEU E 307 7.46 -6.78 -31.52
N ALA E 308 7.03 -5.72 -32.20
CA ALA E 308 6.51 -4.55 -31.49
C ALA E 308 5.23 -4.87 -30.68
N TYR E 309 4.41 -5.78 -31.19
CA TYR E 309 3.20 -6.17 -30.48
C TYR E 309 3.59 -7.07 -29.28
N ASP E 310 4.57 -7.95 -29.48
CA ASP E 310 5.00 -8.85 -28.44
C ASP E 310 5.75 -8.10 -27.32
N ASN E 311 6.46 -7.02 -27.66
CA ASN E 311 7.39 -6.42 -26.70
C ASN E 311 6.90 -5.16 -26.02
N TYR E 312 5.63 -4.83 -26.22
CA TYR E 312 4.98 -3.66 -25.63
C TYR E 312 5.23 -2.31 -26.34
N GLU E 313 5.95 -2.31 -27.47
CA GLU E 313 6.11 -1.06 -28.21
C GLU E 313 4.83 -0.65 -28.93
N THR E 314 4.01 -1.60 -29.37
CA THR E 314 2.73 -1.29 -29.98
C THR E 314 1.66 -1.81 -29.03
N THR E 315 1.00 -0.91 -28.31
CA THR E 315 0.03 -1.31 -27.26
C THR E 315 -1.30 -0.55 -27.27
N ASP E 316 -1.24 0.77 -27.20
CA ASP E 316 -2.46 1.52 -26.84
C ASP E 316 -3.36 1.81 -28.03
N ASP E 317 -4.34 0.94 -28.24
CA ASP E 317 -5.24 1.00 -29.39
C ASP E 317 -6.21 2.21 -29.39
N HIS E 318 -5.86 3.29 -30.12
CA HIS E 318 -6.75 4.42 -30.27
CA HIS E 318 -6.72 4.50 -30.28
C HIS E 318 -7.49 4.33 -31.59
N GLY E 319 -8.77 4.64 -31.57
CA GLY E 319 -9.62 4.50 -32.73
C GLY E 319 -9.82 5.78 -33.52
N GLN E 321 -10.86 7.08 -38.02
CA GLN E 321 -11.49 6.66 -39.29
C GLN E 321 -10.59 7.06 -40.45
N ILE E 322 -10.22 6.09 -41.28
CA ILE E 322 -9.50 6.39 -42.52
C ILE E 322 -10.54 6.51 -43.64
N TYR E 323 -10.54 7.63 -44.37
CA TYR E 323 -11.57 7.89 -45.36
C TYR E 323 -11.02 8.29 -46.73
N GLY E 324 -9.70 8.31 -46.88
CA GLY E 324 -9.13 8.71 -48.13
C GLY E 324 -7.65 8.40 -48.25
N ILE E 325 -7.11 8.71 -49.43
CA ILE E 325 -5.70 8.52 -49.75
C ILE E 325 -5.17 9.83 -50.33
N ALA E 326 -3.97 10.20 -49.90
CA ALA E 326 -3.37 11.44 -50.35
C ALA E 326 -1.89 11.22 -50.63
N LYS E 327 -1.29 12.18 -51.32
CA LYS E 327 0.14 12.16 -51.62
C LYS E 327 0.78 13.44 -51.11
N ASP E 328 2.02 13.35 -50.66
CA ASP E 328 2.81 14.56 -50.40
C ASP E 328 3.48 15.02 -51.70
N GLN E 329 4.22 16.13 -51.63
CA GLN E 329 4.87 16.70 -52.82
C GLN E 329 5.95 15.80 -53.44
N GLU E 330 6.49 14.85 -52.67
CA GLU E 330 7.48 13.89 -53.19
C GLU E 330 6.82 12.59 -53.69
N GLY E 331 5.49 12.53 -53.70
CA GLY E 331 4.77 11.34 -54.17
C GLY E 331 4.59 10.21 -53.15
N ASN E 332 5.07 10.40 -51.92
CA ASN E 332 4.81 9.43 -50.84
C ASN E 332 3.32 9.36 -50.51
N GLU E 333 2.85 8.19 -50.14
CA GLU E 333 1.42 7.95 -49.95
C GLU E 333 1.01 7.98 -48.49
N TYR E 334 -0.19 8.50 -48.26
CA TYR E 334 -0.73 8.67 -46.92
C TYR E 334 -2.19 8.31 -46.93
N TYR E 335 -2.67 7.78 -45.80
CA TYR E 335 -4.10 7.70 -45.59
C TYR E 335 -4.59 8.95 -44.89
N VAL E 337 -7.11 10.74 -42.36
CA VAL E 337 -7.66 10.24 -41.11
C VAL E 337 -8.56 11.25 -40.44
N LYS E 338 -9.79 10.88 -40.16
CA LYS E 338 -10.67 11.72 -39.36
C LYS E 338 -10.48 11.36 -37.88
N ASN E 339 -10.01 12.32 -37.11
CA ASN E 339 -9.76 12.17 -35.68
C ASN E 339 -10.94 12.76 -34.91
N SER E 340 -10.98 12.53 -33.60
CA SER E 340 -12.09 12.99 -32.76
C SER E 340 -11.57 13.93 -31.66
N TRP E 341 -10.63 14.80 -31.99
CA TRP E 341 -10.11 15.81 -31.04
C TRP E 341 -10.56 17.22 -31.38
N GLY E 342 -11.70 17.33 -32.06
CA GLY E 342 -12.18 18.64 -32.50
C GLY E 342 -11.38 19.18 -33.68
N THR E 343 -11.69 20.41 -34.06
CA THR E 343 -11.16 21.01 -35.30
C THR E 343 -10.04 22.03 -35.09
N ASN E 344 -9.59 22.23 -33.84
CA ASN E 344 -8.51 23.19 -33.56
C ASN E 344 -7.11 22.56 -33.77
N SER E 345 -6.76 22.33 -35.04
CA SER E 345 -5.46 21.74 -35.40
C SER E 345 -5.15 22.09 -36.86
N LYS E 346 -3.94 21.78 -37.31
CA LYS E 346 -3.45 22.26 -38.60
C LYS E 346 -4.43 21.99 -39.75
N TYR E 347 -4.98 20.79 -39.82
CA TYR E 347 -5.88 20.41 -40.92
C TYR E 347 -7.32 20.21 -40.44
N ASN E 348 -7.71 21.01 -39.44
CA ASN E 348 -9.08 21.05 -38.91
C ASN E 348 -9.62 19.70 -38.39
N GLY E 349 -8.77 18.97 -37.65
CA GLY E 349 -9.17 17.70 -37.03
C GLY E 349 -8.89 16.46 -37.90
N ILE E 350 -8.26 16.68 -39.06
CA ILE E 350 -7.84 15.63 -39.98
C ILE E 350 -6.32 15.39 -39.85
N TRP E 351 -5.92 14.13 -39.95
CA TRP E 351 -4.54 13.72 -39.92
C TRP E 351 -4.16 13.03 -41.21
N TYR E 352 -2.88 13.01 -41.51
CA TYR E 352 -2.34 12.23 -42.60
C TYR E 352 -1.41 11.20 -41.99
N ALA E 353 -1.67 9.93 -42.25
CA ALA E 353 -0.83 8.85 -41.74
C ALA E 353 -0.16 8.15 -42.92
N SER E 354 1.16 8.03 -42.89
CA SER E 354 1.86 7.41 -44.01
C SER E 354 1.49 5.96 -44.06
N LYS E 355 1.55 5.39 -45.26
CA LYS E 355 1.26 3.99 -45.41
C LYS E 355 2.22 3.13 -44.58
N ALA E 356 3.47 3.57 -44.46
CA ALA E 356 4.44 2.83 -43.67
C ALA E 356 4.06 2.85 -42.18
N PHE E 357 3.57 3.98 -41.70
CA PHE E 357 3.12 4.05 -40.32
C PHE E 357 1.97 3.08 -40.10
N VAL E 358 1.01 3.10 -41.01
CA VAL E 358 -0.19 2.30 -40.85
C VAL E 358 0.14 0.83 -40.83
N ARG E 359 1.04 0.45 -41.72
CA ARG E 359 1.48 -0.93 -41.83
C ARG E 359 2.12 -1.47 -40.52
N TYR E 360 2.86 -0.62 -39.84
CA TYR E 360 3.60 -1.02 -38.65
C TYR E 360 2.77 -0.91 -37.37
N LYS E 361 1.95 0.12 -37.27
CA LYS E 361 1.30 0.45 -36.01
C LYS E 361 -0.21 0.10 -35.90
N THR E 362 -0.83 -0.35 -36.98
CA THR E 362 -2.24 -0.74 -36.95
C THR E 362 -2.41 -1.99 -36.08
N ASN E 364 -5.98 -3.15 -35.40
CA ASN E 364 -7.11 -3.79 -36.08
C ASN E 364 -7.91 -2.78 -36.87
N ILE E 365 -8.65 -3.27 -37.85
CA ILE E 365 -9.60 -2.42 -38.58
C ILE E 365 -10.94 -3.10 -38.70
N VAL E 366 -11.97 -2.31 -38.91
CA VAL E 366 -13.28 -2.82 -39.28
C VAL E 366 -13.69 -2.17 -40.58
N VAL E 367 -14.17 -3.01 -41.51
CA VAL E 367 -14.75 -2.53 -42.77
C VAL E 367 -16.00 -3.33 -43.06
N HIS E 368 -16.85 -2.80 -43.94
CA HIS E 368 -17.95 -3.57 -44.49
C HIS E 368 -17.37 -4.73 -45.29
N LYS E 369 -18.03 -5.88 -45.23
CA LYS E 369 -17.60 -7.06 -45.98
C LYS E 369 -17.35 -6.79 -47.46
N ASP E 370 -18.17 -5.95 -48.09
CA ASP E 370 -18.05 -5.69 -49.53
C ASP E 370 -16.85 -4.81 -49.88
N ALA E 371 -16.18 -4.28 -48.87
CA ALA E 371 -14.94 -3.54 -49.07
C ALA E 371 -13.75 -4.48 -49.31
N LEU E 372 -13.92 -5.77 -48.98
CA LEU E 372 -12.86 -6.76 -49.16
C LEU E 372 -12.71 -7.18 -50.62
N PRO E 373 -11.47 -7.27 -51.13
CA PRO E 373 -11.28 -7.86 -52.45
C PRO E 373 -11.80 -9.28 -52.48
N LYS E 374 -12.39 -9.66 -53.60
CA LYS E 374 -13.02 -10.97 -53.77
C LYS E 374 -12.12 -12.14 -53.34
N ALA E 375 -10.86 -12.13 -53.75
CA ALA E 375 -9.96 -13.25 -53.47
C ALA E 375 -9.67 -13.37 -51.95
N ILE E 376 -9.57 -12.23 -51.27
CA ILE E 376 -9.33 -12.21 -49.82
C ILE E 376 -10.59 -12.70 -49.08
N LYS E 377 -11.75 -12.22 -49.50
CA LYS E 377 -13.02 -12.73 -49.00
C LYS E 377 -13.07 -14.27 -49.05
N ALA E 378 -12.66 -14.82 -50.19
CA ALA E 378 -12.71 -16.28 -50.38
C ALA E 378 -11.74 -16.99 -49.44
N LYS E 379 -10.52 -16.45 -49.30
CA LYS E 379 -9.55 -17.07 -48.40
C LYS E 379 -10.01 -17.07 -46.95
N LEU E 380 -10.82 -16.08 -46.56
CA LEU E 380 -11.33 -16.01 -45.19
C LEU E 380 -12.61 -16.81 -45.00
N GLY E 381 -13.19 -17.30 -46.09
CA GLY E 381 -14.45 -18.04 -46.01
C GLY E 381 -15.66 -17.15 -45.75
N ILE E 382 -15.59 -15.89 -46.15
CA ILE E 382 -16.69 -14.95 -45.92
C ILE E 382 -17.57 -15.00 -47.16
N LYS E 383 -18.79 -15.51 -47.00
CA LYS E 383 -19.71 -15.67 -48.13
C LYS E 383 -20.18 -14.30 -48.66
N GLU F 10 -26.20 -20.89 41.45
CA GLU F 10 -25.50 -19.61 41.76
C GLU F 10 -25.38 -18.74 40.49
N GLY F 11 -26.45 -18.00 40.19
CA GLY F 11 -26.46 -16.98 39.10
C GLY F 11 -26.96 -15.63 39.60
N PHE F 12 -27.60 -14.86 38.72
CA PHE F 12 -28.20 -13.56 39.11
C PHE F 12 -29.71 -13.69 39.22
N VAL F 13 -30.31 -13.12 40.27
CA VAL F 13 -31.77 -12.98 40.33
C VAL F 13 -32.08 -11.51 40.57
N PHE F 14 -32.78 -10.89 39.61
CA PHE F 14 -33.01 -9.45 39.65
C PHE F 14 -34.41 -9.10 40.10
N THR F 15 -34.52 -8.04 40.88
CA THR F 15 -35.81 -7.49 41.28
C THR F 15 -35.88 -6.03 40.87
N THR F 16 -36.90 -5.68 40.10
CA THR F 16 -37.12 -4.30 39.68
C THR F 16 -37.45 -3.43 40.87
N VAL F 17 -36.72 -2.34 41.04
CA VAL F 17 -37.04 -1.35 42.07
C VAL F 17 -37.96 -0.30 41.45
N LYS F 18 -37.59 0.22 40.28
CA LYS F 18 -38.46 1.12 39.53
C LYS F 18 -38.14 1.07 38.04
N GLU F 19 -39.17 1.11 37.20
CA GLU F 19 -38.98 1.19 35.76
C GLU F 19 -40.05 2.06 35.13
N ASN F 20 -39.65 2.73 34.05
CA ASN F 20 -40.51 3.64 33.35
C ASN F 20 -40.89 3.07 31.96
N PRO F 21 -42.00 3.53 31.37
CA PRO F 21 -42.51 2.87 30.17
C PRO F 21 -41.60 2.97 28.95
N ILE F 22 -41.45 1.83 28.25
CA ILE F 22 -40.66 1.74 27.02
C ILE F 22 -41.50 1.07 25.94
N THR F 23 -41.12 1.26 24.69
CA THR F 23 -41.76 0.57 23.58
C THR F 23 -41.02 -0.76 23.38
N SER F 24 -41.47 -1.53 22.40
CA SER F 24 -40.95 -2.86 22.12
C SER F 24 -39.49 -2.84 21.73
N VAL F 25 -38.82 -3.96 21.99
CA VAL F 25 -37.40 -4.13 21.67
C VAL F 25 -37.24 -4.29 20.16
N LYS F 26 -36.35 -3.49 19.59
CA LYS F 26 -36.09 -3.51 18.14
C LYS F 26 -34.77 -4.24 17.85
N ASN F 27 -34.50 -4.45 16.57
CA ASN F 27 -33.30 -5.18 16.16
C ASN F 27 -32.59 -4.46 15.02
N GLN F 28 -31.43 -3.86 15.33
CA GLN F 28 -30.63 -3.15 14.32
C GLN F 28 -29.95 -4.09 13.32
N ASN F 29 -29.83 -5.35 13.72
CA ASN F 29 -29.19 -6.39 12.92
C ASN F 29 -27.79 -5.98 12.41
N ARG F 30 -27.54 -6.11 11.12
CA ARG F 30 -26.16 -5.99 10.61
C ARG F 30 -25.85 -4.58 10.10
N ALA F 31 -25.87 -3.62 11.02
CA ALA F 31 -25.53 -2.23 10.75
C ALA F 31 -25.19 -1.59 12.10
N GLY F 32 -24.26 -0.63 12.10
CA GLY F 32 -23.87 0.07 13.32
C GLY F 32 -24.77 1.26 13.65
N THR F 33 -26.07 1.04 13.62
CA THR F 33 -27.07 2.11 13.72
C THR F 33 -27.69 2.22 15.11
N CYS F 34 -27.01 1.70 16.13
CA CYS F 34 -27.52 1.71 17.49
C CYS F 34 -27.74 3.11 18.00
N TRP F 35 -26.97 4.06 17.50
CA TRP F 35 -27.17 5.45 17.85
C TRP F 35 -28.60 5.91 17.53
N CYS F 36 -29.14 5.41 16.43
CA CYS F 36 -30.49 5.84 16.01
C CYS F 36 -31.59 5.02 16.68
N TYR F 37 -31.39 3.71 16.79
CA TYR F 37 -32.35 2.84 17.47
C TYR F 37 -32.51 3.24 18.94
N SER F 38 -31.40 3.45 19.64
CA SER F 38 -31.47 3.90 21.02
C SER F 38 -32.07 5.29 21.14
N SER F 39 -31.70 6.21 20.24
CA SER F 39 -32.29 7.55 20.27
C SER F 39 -33.81 7.46 20.15
N TYR F 40 -34.27 6.57 19.29
CA TYR F 40 -35.70 6.46 19.05
C TYR F 40 -36.44 5.69 20.14
N SER F 41 -35.78 4.72 20.78
CA SER F 41 -36.36 4.12 21.98
C SER F 41 -36.56 5.22 23.03
N PHE F 42 -35.56 6.08 23.17
CA PHE F 42 -35.59 7.18 24.13
C PHE F 42 -36.70 8.16 23.77
N LEU F 43 -36.74 8.61 22.52
CA LEU F 43 -37.77 9.57 22.12
C LEU F 43 -39.18 8.97 22.21
N GLU F 44 -39.34 7.68 21.91
CA GLU F 44 -40.63 7.02 22.04
C GLU F 44 -41.06 6.94 23.52
N SER F 45 -40.11 6.70 24.43
CA SER F 45 -40.41 6.79 25.86
C SER F 45 -40.82 8.21 26.28
N GLU F 46 -40.17 9.20 25.70
CA GLU F 46 -40.52 10.58 25.95
C GLU F 46 -41.94 10.88 25.50
N LEU F 47 -42.30 10.39 24.32
CA LEU F 47 -43.63 10.61 23.80
C LEU F 47 -44.70 9.95 24.72
N LEU F 48 -44.40 8.75 25.22
CA LEU F 48 -45.28 8.09 26.19
C LEU F 48 -45.41 8.94 27.45
N ARG F 49 -44.28 9.41 27.95
CA ARG F 49 -44.24 10.23 29.17
C ARG F 49 -45.04 11.53 28.98
N GLY F 51 -47.62 12.00 27.19
CA GLY F 51 -49.05 11.77 26.93
C GLY F 51 -49.43 11.76 25.45
N LYS F 52 -48.47 11.49 24.58
CA LYS F 52 -48.71 11.48 23.15
CA LYS F 52 -48.74 11.49 23.15
C LYS F 52 -48.97 10.07 22.62
N GLY F 53 -48.85 9.06 23.49
CA GLY F 53 -49.09 7.69 23.07
C GLY F 53 -47.88 7.01 22.45
N GLU F 54 -48.13 5.85 21.85
CA GLU F 54 -47.09 4.96 21.38
C GLU F 54 -46.77 5.21 19.90
N TYR F 55 -45.50 5.44 19.60
CA TYR F 55 -45.03 5.65 18.24
C TYR F 55 -44.00 4.59 17.89
N ASP F 56 -43.87 4.32 16.60
CA ASP F 56 -42.77 3.53 16.06
C ASP F 56 -42.14 4.36 14.94
N LEU F 57 -41.03 5.02 15.25
CA LEU F 57 -40.43 5.99 14.34
C LEU F 57 -39.45 5.26 13.40
N SER F 58 -39.30 5.75 12.18
CA SER F 58 -38.38 5.12 11.21
C SER F 58 -36.92 5.49 11.41
N GLU F 59 -36.15 4.58 11.95
CA GLU F 59 -34.70 4.75 12.01
C GLU F 59 -34.09 4.94 10.62
N PHE F 61 -35.10 6.36 7.92
CA PHE F 61 -35.26 7.70 7.37
C PHE F 61 -34.13 8.60 7.89
N THR F 62 -33.87 8.51 9.18
CA THR F 62 -32.88 9.36 9.81
C THR F 62 -31.46 8.89 9.49
N VAL F 63 -31.26 7.57 9.45
CA VAL F 63 -29.96 7.01 9.08
C VAL F 63 -29.59 7.50 7.65
N TYR F 64 -30.54 7.42 6.74
CA TYR F 64 -30.36 7.91 5.38
C TYR F 64 -29.91 9.36 5.36
N ASN F 65 -30.67 10.25 5.98
CA ASN F 65 -30.31 11.66 5.92
C ASN F 65 -29.00 11.98 6.65
N THR F 66 -28.76 11.30 7.77
CA THR F 66 -27.55 11.52 8.51
C THR F 66 -26.33 11.15 7.67
N TYR F 67 -26.39 10.01 6.98
CA TYR F 67 -25.26 9.60 6.18
C TYR F 67 -24.94 10.60 5.08
N LEU F 68 -25.96 11.22 4.48
CA LEU F 68 -25.68 12.20 3.45
C LEU F 68 -24.94 13.41 4.03
N ASP F 69 -25.33 13.84 5.23
CA ASP F 69 -24.60 14.92 5.89
C ASP F 69 -23.18 14.46 6.27
N ARG F 70 -23.05 13.24 6.72
CA ARG F 70 -21.73 12.74 7.10
C ARG F 70 -20.80 12.69 5.89
N ALA F 71 -21.33 12.29 4.74
CA ALA F 71 -20.54 12.29 3.52
C ALA F 71 -20.07 13.70 3.21
N ASP F 72 -20.98 14.66 3.32
CA ASP F 72 -20.65 16.06 3.08
C ASP F 72 -19.54 16.54 4.00
N ALA F 73 -19.62 16.17 5.28
CA ALA F 73 -18.58 16.54 6.26
C ALA F 73 -17.23 15.90 5.87
N ALA F 74 -17.26 14.66 5.41
CA ALA F 74 -16.04 14.00 4.96
C ALA F 74 -15.44 14.76 3.78
N VAL F 75 -16.28 15.11 2.81
CA VAL F 75 -15.76 15.81 1.61
C VAL F 75 -15.23 17.20 1.95
N ARG F 76 -15.97 17.95 2.77
CA ARG F 76 -15.51 19.30 3.09
C ARG F 76 -14.17 19.27 3.83
N THR F 77 -13.94 18.25 4.67
CA THR F 77 -12.70 18.15 5.43
C THR F 77 -11.66 17.28 4.78
N HIS F 78 -11.83 17.01 3.49
CA HIS F 78 -10.87 16.22 2.74
C HIS F 78 -10.51 14.93 3.44
N GLY F 79 -11.51 14.28 4.03
CA GLY F 79 -11.33 12.97 4.61
C GLY F 79 -11.06 12.92 6.09
N ASP F 80 -10.88 14.07 6.74
CA ASP F 80 -10.65 14.06 8.18
C ASP F 80 -11.85 13.47 8.92
N VAL F 81 -13.04 13.99 8.65
CA VAL F 81 -14.22 13.33 9.17
C VAL F 81 -14.37 11.95 8.54
N SER F 82 -14.27 10.90 9.36
CA SER F 82 -14.42 9.54 8.83
C SER F 82 -15.86 9.30 8.38
N PHE F 83 -16.03 8.46 7.37
CA PHE F 83 -17.33 8.11 6.87
C PHE F 83 -17.56 6.66 7.26
N SER F 84 -18.53 6.44 8.14
CA SER F 84 -18.83 5.11 8.66
C SER F 84 -20.26 5.09 9.15
N GLN F 85 -20.68 3.95 9.71
CA GLN F 85 -22.11 3.70 9.99
C GLN F 85 -22.62 4.33 11.30
N GLY F 86 -21.69 4.68 12.19
CA GLY F 86 -22.07 5.16 13.50
C GLY F 86 -22.60 6.59 13.48
N GLY F 87 -22.85 7.09 14.68
CA GLY F 87 -23.41 8.40 14.88
C GLY F 87 -23.64 8.66 16.35
N SER F 88 -24.45 9.66 16.64
CA SER F 88 -24.64 10.14 18.03
C SER F 88 -26.10 10.45 18.30
N PHE F 89 -26.40 10.64 19.57
CA PHE F 89 -27.73 11.08 19.98
C PHE F 89 -28.04 12.41 19.37
N TYR F 90 -27.04 13.27 19.27
CA TYR F 90 -27.25 14.57 18.64
C TYR F 90 -27.64 14.44 17.16
N ASP F 91 -27.11 13.45 16.45
CA ASP F 91 -27.55 13.23 15.08
C ASP F 91 -29.07 13.08 14.99
N ALA F 92 -29.67 12.35 15.93
CA ALA F 92 -31.11 12.12 15.94
C ALA F 92 -31.86 13.40 16.29
N LEU F 93 -31.35 14.16 17.25
CA LEU F 93 -32.01 15.40 17.68
C LEU F 93 -31.88 16.49 16.65
N TYR F 94 -30.71 16.62 16.05
CA TYR F 94 -30.54 17.52 14.92
C TYR F 94 -31.47 17.06 13.79
N GLY F 95 -31.48 15.77 13.55
CA GLY F 95 -32.22 15.20 12.43
C GLY F 95 -33.71 15.49 12.48
N GLU F 97 -35.34 17.87 13.82
CA GLU F 97 -35.59 19.30 13.61
C GLU F 97 -35.29 19.70 12.19
N THR F 98 -34.37 18.99 11.53
CA THR F 98 -33.89 19.42 10.21
C THR F 98 -34.60 18.65 9.10
N PHE F 99 -34.70 17.33 9.23
CA PHE F 99 -35.31 16.48 8.20
C PHE F 99 -36.74 16.10 8.51
N GLY F 100 -37.10 16.09 9.79
CA GLY F 100 -38.41 15.61 10.20
C GLY F 100 -38.38 14.21 10.74
N LEU F 101 -39.57 13.61 10.88
CA LEU F 101 -39.73 12.23 11.34
C LEU F 101 -40.74 11.52 10.46
N VAL F 102 -40.61 10.21 10.30
CA VAL F 102 -41.61 9.44 9.61
C VAL F 102 -41.88 8.14 10.37
N PRO F 103 -43.11 7.61 10.25
CA PRO F 103 -43.44 6.32 10.87
C PRO F 103 -42.67 5.17 10.23
N GLU F 104 -42.38 4.15 11.03
CA GLU F 104 -41.62 2.99 10.62
C GLU F 104 -42.06 2.44 9.27
N GLU F 105 -43.37 2.29 9.10
CA GLU F 105 -43.92 1.66 7.91
C GLU F 105 -43.64 2.41 6.62
N GLU F 106 -43.32 3.69 6.70
CA GLU F 106 -42.97 4.45 5.52
C GLU F 106 -41.53 4.22 5.01
N ARG F 108 -38.86 0.98 5.95
CA ARG F 108 -38.52 -0.14 6.79
C ARG F 108 -37.15 -0.68 6.45
N PRO F 109 -36.45 -1.27 7.43
CA PRO F 109 -35.17 -1.90 7.14
C PRO F 109 -35.33 -3.11 6.24
N GLY F 110 -34.36 -3.32 5.35
CA GLY F 110 -34.29 -4.55 4.55
C GLY F 110 -35.13 -4.61 3.28
N TYR F 113 -33.71 -5.16 -0.40
CA TYR F 113 -33.04 -6.43 -0.70
C TYR F 113 -33.81 -7.63 -0.12
N ALA F 114 -35.14 -7.52 -0.13
CA ALA F 114 -36.05 -8.65 0.17
C ALA F 114 -35.86 -9.24 1.59
N ASP F 115 -35.53 -8.38 2.55
CA ASP F 115 -35.39 -8.76 3.96
C ASP F 115 -36.30 -7.86 4.79
N THR F 116 -36.38 -8.14 6.09
CA THR F 116 -37.09 -7.28 7.03
C THR F 116 -36.17 -6.72 8.13
N LEU F 117 -34.86 -7.03 8.04
CA LEU F 117 -33.86 -6.47 8.97
C LEU F 117 -32.69 -5.90 8.15
N SER F 118 -31.99 -4.92 8.73
CA SER F 118 -30.87 -4.26 8.05
C SER F 118 -29.67 -5.18 7.81
N ASN F 119 -29.08 -5.06 6.62
CA ASN F 119 -27.70 -5.51 6.37
C ASN F 119 -27.02 -4.49 5.44
N HIS F 120 -26.14 -3.66 6.02
CA HIS F 120 -25.60 -2.51 5.32
C HIS F 120 -24.17 -2.70 4.87
N THR F 121 -23.69 -3.93 4.84
CA THR F 121 -22.28 -4.16 4.53
C THR F 121 -21.97 -3.74 3.09
N GLU F 122 -22.85 -4.07 2.15
CA GLU F 122 -22.61 -3.77 0.75
C GLU F 122 -22.79 -2.27 0.51
N LEU F 123 -23.83 -1.70 1.08
CA LEU F 123 -24.04 -0.26 1.02
C LEU F 123 -22.79 0.50 1.48
N SER F 124 -22.24 0.08 2.61
CA SER F 124 -21.01 0.71 3.11
C SER F 124 -19.81 0.47 2.16
N ALA F 125 -19.68 -0.72 1.63
CA ALA F 125 -18.55 -0.99 0.74
C ALA F 125 -18.59 0.00 -0.45
N LEU F 126 -19.78 0.24 -0.99
CA LEU F 126 -19.93 1.16 -2.12
C LEU F 126 -19.76 2.60 -1.68
N THR F 127 -20.47 3.01 -0.64
CA THR F 127 -20.48 4.43 -0.29
C THR F 127 -19.16 4.87 0.34
N ASP F 128 -18.53 4.02 1.14
CA ASP F 128 -17.19 4.32 1.66
C ASP F 128 -16.21 4.56 0.51
N ALA F 129 -16.28 3.73 -0.51
CA ALA F 129 -15.37 3.84 -1.64
C ALA F 129 -15.66 5.11 -2.42
N VAL F 131 -17.15 8.00 -1.26
CA VAL F 131 -16.79 9.16 -0.47
C VAL F 131 -15.27 9.34 -0.44
N ALA F 132 -14.52 8.25 -0.28
CA ALA F 132 -13.05 8.31 -0.30
C ALA F 132 -12.52 8.79 -1.65
N ALA F 133 -13.16 8.40 -2.73
CA ALA F 133 -12.72 8.78 -4.07
C ALA F 133 -12.85 10.31 -4.27
N ILE F 134 -13.81 10.92 -3.60
CA ILE F 134 -13.95 12.39 -3.66
C ILE F 134 -13.06 13.04 -2.59
N ALA F 135 -13.23 12.62 -1.34
CA ALA F 135 -12.61 13.30 -0.19
C ALA F 135 -11.10 13.14 -0.10
N LYS F 136 -10.57 11.98 -0.52
CA LYS F 136 -9.15 11.69 -0.38
CA LYS F 136 -9.16 11.68 -0.37
C LYS F 136 -8.45 11.48 -1.71
N GLY F 137 -9.12 11.77 -2.80
CA GLY F 137 -8.53 11.59 -4.12
C GLY F 137 -7.83 12.84 -4.59
N LYS F 138 -7.61 12.88 -5.91
CA LYS F 138 -6.89 13.98 -6.55
C LYS F 138 -7.76 14.96 -7.33
N LEU F 139 -9.08 14.86 -7.23
CA LEU F 139 -9.95 15.77 -7.97
C LEU F 139 -9.74 17.19 -7.46
N ARG F 140 -9.49 18.12 -8.37
CA ARG F 140 -9.20 19.51 -8.02
C ARG F 140 -10.45 20.41 -8.11
N LYS F 141 -11.44 19.98 -8.87
CA LYS F 141 -12.67 20.74 -9.04
C LYS F 141 -13.88 19.82 -9.21
N LEU F 142 -14.73 19.74 -8.21
CA LEU F 142 -15.85 18.81 -8.26
C LEU F 142 -16.93 19.35 -9.21
N GLN F 143 -17.64 18.45 -9.88
CA GLN F 143 -18.61 18.85 -10.89
C GLN F 143 -19.97 19.24 -10.32
N SER F 144 -20.62 20.21 -10.97
CA SER F 144 -21.91 20.73 -10.55
C SER F 144 -22.79 21.01 -11.74
N ASP F 145 -24.10 21.01 -11.51
CA ASP F 145 -25.07 21.30 -12.57
C ASP F 145 -25.33 22.81 -12.67
N GLU F 146 -26.32 23.18 -13.47
CA GLU F 146 -26.56 24.58 -13.81
C GLU F 146 -27.15 25.34 -12.61
N ASN F 147 -27.70 24.62 -11.63
CA ASN F 147 -28.11 25.22 -10.36
C ASN F 147 -27.06 25.13 -9.24
N ASN F 148 -25.81 24.86 -9.59
CA ASN F 148 -24.73 24.66 -8.61
C ASN F 148 -24.92 23.52 -7.63
N ALA F 149 -25.77 22.55 -7.96
CA ALA F 149 -25.90 21.35 -7.13
C ALA F 149 -24.78 20.39 -7.52
N LEU F 151 -22.77 17.04 -8.33
CA LEU F 151 -23.10 15.73 -8.87
C LEU F 151 -22.74 14.59 -7.90
N TRP F 152 -21.63 14.71 -7.16
CA TRP F 152 -21.22 13.61 -6.29
C TRP F 152 -22.28 13.40 -5.20
N LYS F 153 -22.88 14.48 -4.73
CA LYS F 153 -23.93 14.36 -3.74
C LYS F 153 -25.15 13.62 -4.29
N LYS F 154 -25.52 13.91 -5.53
CA LYS F 154 -26.63 13.20 -6.17
C LYS F 154 -26.31 11.72 -6.26
N ALA F 155 -25.06 11.39 -6.59
CA ALA F 155 -24.61 9.99 -6.69
C ALA F 155 -24.73 9.28 -5.36
N VAL F 156 -24.22 9.87 -4.30
CA VAL F 156 -24.27 9.25 -2.97
C VAL F 156 -25.71 9.12 -2.46
N ALA F 157 -26.56 10.12 -2.73
CA ALA F 157 -27.97 10.02 -2.38
C ALA F 157 -28.63 8.88 -3.15
N ALA F 158 -28.41 8.79 -4.45
CA ALA F 158 -29.05 7.75 -5.26
C ALA F 158 -28.68 6.37 -4.79
N VAL F 159 -27.42 6.17 -4.41
CA VAL F 159 -26.96 4.85 -3.99
C VAL F 159 -27.57 4.52 -2.64
N HIS F 160 -27.63 5.48 -1.74
CA HIS F 160 -28.31 5.24 -0.48
C HIS F 160 -29.77 4.87 -0.65
N GLN F 161 -30.46 5.53 -1.58
CA GLN F 161 -31.87 5.19 -1.82
C GLN F 161 -32.06 3.77 -2.35
N ILE F 162 -31.14 3.31 -3.19
CA ILE F 162 -31.19 1.97 -3.74
C ILE F 162 -31.09 0.92 -2.65
N TYR F 163 -30.33 1.18 -1.59
CA TYR F 163 -30.19 0.22 -0.48
C TYR F 163 -31.13 0.43 0.70
N LEU F 164 -31.54 1.68 0.95
CA LEU F 164 -32.31 2.01 2.16
C LEU F 164 -33.78 2.32 1.88
N GLY F 165 -34.08 2.77 0.66
CA GLY F 165 -35.41 3.18 0.26
C GLY F 165 -35.52 4.66 -0.08
N VAL F 166 -36.64 5.02 -0.69
CA VAL F 166 -36.91 6.41 -1.09
C VAL F 166 -37.62 7.10 0.07
N PRO F 167 -37.05 8.16 0.61
CA PRO F 167 -37.78 8.85 1.67
C PRO F 167 -39.06 9.52 1.15
N PRO F 168 -40.17 9.39 1.87
CA PRO F 168 -41.42 9.95 1.39
C PRO F 168 -41.49 11.46 1.55
N GLU F 169 -42.10 12.12 0.58
CA GLU F 169 -42.37 13.54 0.69
C GLU F 169 -43.68 13.80 1.40
N LYS F 170 -44.67 12.94 1.16
CA LYS F 170 -45.98 12.99 1.80
C LYS F 170 -46.37 11.57 2.16
N PHE F 171 -47.17 11.42 3.19
CA PHE F 171 -47.71 10.12 3.54
C PHE F 171 -48.93 10.27 4.43
N THR F 172 -49.68 9.19 4.55
CA THR F 172 -50.88 9.16 5.38
C THR F 172 -50.65 8.30 6.59
N TYR F 173 -51.02 8.81 7.75
CA TYR F 173 -50.85 8.10 9.00
C TYR F 173 -52.05 8.33 9.87
N LYS F 174 -52.74 7.24 10.19
CA LYS F 174 -53.98 7.28 10.99
C LYS F 174 -54.96 8.31 10.47
N GLY F 175 -55.22 8.25 9.17
CA GLY F 175 -56.22 9.10 8.53
C GLY F 175 -55.83 10.54 8.19
N LYS F 176 -54.60 10.94 8.49
CA LYS F 176 -54.15 12.30 8.22
C LYS F 176 -52.93 12.31 7.30
N GLU F 177 -52.86 13.29 6.41
CA GLU F 177 -51.72 13.47 5.53
C GLU F 177 -50.63 14.32 6.21
N TYR F 178 -49.38 13.88 6.11
CA TYR F 178 -48.24 14.62 6.67
C TYR F 178 -47.08 14.70 5.69
N THR F 179 -46.20 15.69 5.94
CA THR F 179 -44.84 15.65 5.45
C THR F 179 -43.98 15.20 6.65
N PRO F 180 -42.70 14.87 6.42
CA PRO F 180 -41.89 14.50 7.57
C PRO F 180 -41.78 15.65 8.56
N LYS F 181 -41.71 16.87 8.06
CA LYS F 181 -41.69 18.02 8.91
C LYS F 181 -42.98 18.16 9.73
N SER F 182 -44.15 18.05 9.07
CA SER F 182 -45.40 18.23 9.80
C SER F 182 -45.65 17.07 10.75
N PHE F 183 -45.16 15.88 10.42
CA PHE F 183 -45.27 14.76 11.35
C PHE F 183 -44.43 15.02 12.59
N PHE F 184 -43.22 15.54 12.40
CA PHE F 184 -42.39 15.92 13.53
C PHE F 184 -43.11 16.97 14.39
N GLU F 185 -43.67 17.97 13.74
CA GLU F 185 -44.37 19.04 14.45
C GLU F 185 -45.53 18.49 15.27
N SER F 186 -46.23 17.49 14.75
CA SER F 186 -47.36 16.89 15.46
C SER F 186 -46.93 16.16 16.75
N THR F 187 -45.67 15.74 16.85
CA THR F 187 -45.21 15.04 18.04
C THR F 187 -45.02 15.97 19.24
N GLY F 188 -44.78 17.26 18.99
CA GLY F 188 -44.44 18.21 20.05
C GLY F 188 -43.02 18.12 20.60
N LEU F 189 -42.19 17.21 20.08
CA LEU F 189 -40.80 17.09 20.54
C LEU F 189 -40.00 18.33 20.16
N LYS F 190 -39.06 18.71 21.03
CA LYS F 190 -38.13 19.81 20.74
C LYS F 190 -36.72 19.42 21.12
N ALA F 191 -35.77 19.61 20.20
CA ALA F 191 -34.35 19.34 20.47
C ALA F 191 -33.86 20.11 21.69
N SER F 192 -34.32 21.36 21.83
CA SER F 192 -33.89 22.20 22.94
C SER F 192 -34.35 21.73 24.33
N ASP F 193 -35.27 20.78 24.40
CA ASP F 193 -35.64 20.17 25.68
C ASP F 193 -34.57 19.19 26.22
N TYR F 194 -33.61 18.80 25.40
CA TYR F 194 -32.69 17.71 25.74
C TYR F 194 -31.27 18.21 25.91
N VAL F 195 -30.56 17.65 26.88
CA VAL F 195 -29.16 17.97 27.10
C VAL F 195 -28.32 16.74 27.12
N SER F 196 -27.10 16.90 26.59
CA SER F 196 -26.08 15.86 26.64
C SER F 196 -25.14 16.16 27.80
N LEU F 197 -24.82 15.11 28.56
CA LEU F 197 -23.97 15.23 29.74
C LEU F 197 -22.83 14.24 29.67
N THR F 198 -21.68 14.63 30.22
CA THR F 198 -20.57 13.74 30.35
C THR F 198 -19.79 14.06 31.62
N SER F 199 -18.70 13.34 31.86
CA SER F 199 -17.86 13.57 33.06
C SER F 199 -16.41 13.25 32.79
N TYR F 200 -15.62 14.27 32.51
CA TYR F 200 -14.19 14.12 32.24
C TYR F 200 -13.42 15.33 32.76
N THR F 201 -12.12 15.15 32.96
CA THR F 201 -11.31 16.20 33.58
C THR F 201 -10.39 16.93 32.63
N HIS F 202 -10.41 16.59 31.35
CA HIS F 202 -9.56 17.30 30.40
C HIS F 202 -10.20 18.61 29.95
N HIS F 203 -11.40 18.91 30.45
CA HIS F 203 -12.03 20.23 30.34
C HIS F 203 -12.60 20.60 31.71
N PRO F 204 -12.82 21.88 31.99
CA PRO F 204 -13.35 22.22 33.32
C PRO F 204 -14.77 21.74 33.53
N PHE F 205 -15.11 21.45 34.78
CA PHE F 205 -16.46 21.06 35.11
C PHE F 205 -17.41 22.23 34.94
N TYR F 206 -18.67 21.90 34.66
CA TYR F 206 -19.76 22.87 34.50
C TYR F 206 -19.61 23.72 33.26
N THR F 207 -18.81 23.28 32.30
CA THR F 207 -18.72 23.93 31.00
C THR F 207 -19.19 22.94 29.95
N GLN F 208 -19.30 23.41 28.71
CA GLN F 208 -19.69 22.58 27.58
C GLN F 208 -18.50 22.36 26.66
N PHE F 209 -18.39 21.15 26.13
CA PHE F 209 -17.42 20.88 25.08
C PHE F 209 -17.91 19.73 24.20
N PRO F 210 -17.37 19.65 22.98
CA PRO F 210 -17.73 18.51 22.14
C PRO F 210 -16.80 17.31 22.37
N LEU F 211 -17.38 16.20 22.78
CA LEU F 211 -16.60 14.98 22.95
C LEU F 211 -15.79 14.63 21.69
N GLU F 212 -14.52 14.29 21.91
CA GLU F 212 -13.56 14.11 20.84
C GLU F 212 -13.59 12.66 20.35
N ILE F 213 -14.69 12.27 19.76
CA ILE F 213 -14.86 10.91 19.24
C ILE F 213 -15.36 10.99 17.80
N GLN F 214 -15.03 9.96 17.04
CA GLN F 214 -15.23 10.00 15.61
C GLN F 214 -16.69 10.18 15.21
N ASP F 215 -17.60 9.60 15.98
CA ASP F 215 -19.00 9.69 15.62
C ASP F 215 -19.66 11.03 16.00
N ASN F 216 -18.95 11.88 16.73
CA ASN F 216 -19.44 13.25 17.01
C ASN F 216 -18.90 14.25 16.02
N TRP F 217 -18.98 13.90 14.74
CA TRP F 217 -18.47 14.73 13.65
C TRP F 217 -19.26 16.02 13.48
N ARG F 218 -20.48 16.07 14.01
CA ARG F 218 -21.23 17.35 14.04
C ARG F 218 -20.71 18.26 15.14
N HIS F 219 -19.83 17.76 16.02
CA HIS F 219 -19.27 18.56 17.11
C HIS F 219 -20.35 19.07 18.04
N GLY F 220 -21.29 18.20 18.36
CA GLY F 220 -22.28 18.51 19.35
C GLY F 220 -21.67 18.61 20.73
N SER F 222 -21.55 18.73 24.97
CA SER F 222 -22.00 18.05 26.18
C SER F 222 -21.62 18.93 27.37
N TYR F 223 -22.48 18.95 28.38
CA TYR F 223 -22.17 19.61 29.64
C TYR F 223 -21.35 18.64 30.49
N ASN F 224 -20.32 19.15 31.12
CA ASN F 224 -19.37 18.35 31.88
C ASN F 224 -19.65 18.43 33.39
N LEU F 225 -19.85 17.28 34.02
CA LEU F 225 -20.16 17.21 35.45
C LEU F 225 -19.15 16.33 36.20
N PRO F 226 -18.84 16.67 37.46
CA PRO F 226 -18.05 15.75 38.26
C PRO F 226 -18.79 14.42 38.41
N LEU F 227 -18.02 13.36 38.54
CA LEU F 227 -18.55 12.02 38.42
C LEU F 227 -19.73 11.73 39.35
N ASP F 228 -19.63 12.13 40.62
CA ASP F 228 -20.73 11.87 41.57
C ASP F 228 -22.02 12.60 41.20
N GLU F 229 -21.92 13.84 40.76
CA GLU F 229 -23.09 14.57 40.28
C GLU F 229 -23.64 13.96 39.00
N PHE F 230 -22.75 13.48 38.15
CA PHE F 230 -23.13 12.78 36.93
C PHE F 230 -24.02 11.58 37.27
N GLU F 232 -25.69 11.09 40.04
CA GLU F 232 -26.91 11.63 40.63
CA GLU F 232 -26.93 11.54 40.67
C GLU F 232 -28.00 11.85 39.59
N VAL F 233 -27.59 12.31 38.40
CA VAL F 233 -28.54 12.57 37.31
C VAL F 233 -29.24 11.28 36.88
N PHE F 234 -28.50 10.19 36.79
CA PHE F 234 -29.10 8.91 36.37
C PHE F 234 -30.25 8.57 37.29
N ASP F 235 -29.98 8.58 38.59
CA ASP F 235 -30.97 8.15 39.57
C ASP F 235 -32.17 9.09 39.61
N ASN F 236 -31.90 10.38 39.57
CA ASN F 236 -32.98 11.35 39.60
C ASN F 236 -33.89 11.19 38.40
N ALA F 237 -33.30 10.94 37.23
CA ALA F 237 -34.06 10.75 36.01
C ALA F 237 -35.03 9.60 36.18
N ILE F 238 -34.50 8.42 36.51
CA ILE F 238 -35.34 7.24 36.64
C ILE F 238 -36.38 7.42 37.73
N ASN F 239 -35.98 7.93 38.87
CA ASN F 239 -36.89 8.07 40.01
C ASN F 239 -37.97 9.12 39.81
N THR F 240 -37.78 10.08 38.90
CA THR F 240 -38.84 11.05 38.62
C THR F 240 -39.58 10.75 37.30
N GLY F 241 -39.38 9.55 36.74
CA GLY F 241 -40.22 9.08 35.63
C GLY F 241 -39.64 9.22 34.21
N TYR F 242 -38.37 9.63 34.13
CA TYR F 242 -37.68 9.85 32.85
C TYR F 242 -36.82 8.64 32.49
N THR F 243 -36.49 8.50 31.21
CA THR F 243 -35.51 7.53 30.77
C THR F 243 -34.26 8.27 30.26
N ILE F 244 -33.23 7.51 29.92
CA ILE F 244 -31.91 8.05 29.62
C ILE F 244 -31.35 7.42 28.34
N ALA F 245 -30.91 8.25 27.41
CA ALA F 245 -30.18 7.78 26.22
C ALA F 245 -28.75 7.61 26.71
N TRP F 246 -28.26 6.38 26.65
CA TRP F 246 -27.02 6.00 27.33
C TRP F 246 -26.00 5.55 26.32
N GLY F 247 -24.92 6.30 26.23
CA GLY F 247 -23.79 5.98 25.37
C GLY F 247 -22.64 5.44 26.20
N SER F 248 -22.25 4.21 25.91
CA SER F 248 -21.25 3.54 26.70
C SER F 248 -20.30 2.68 25.87
N ASP F 249 -19.12 2.44 26.41
CA ASP F 249 -18.23 1.41 25.89
C ASP F 249 -18.73 0.08 26.42
N VAL F 250 -18.94 -0.89 25.54
CA VAL F 250 -19.39 -2.21 25.95
C VAL F 250 -18.36 -3.30 25.59
N SER F 251 -17.17 -2.89 25.16
CA SER F 251 -16.09 -3.84 24.83
C SER F 251 -15.30 -4.14 26.10
N GLU F 252 -15.90 -4.92 26.98
CA GLU F 252 -15.28 -5.29 28.24
C GLU F 252 -15.70 -6.72 28.48
N SER F 253 -14.83 -7.49 29.12
CA SER F 253 -15.16 -8.87 29.51
C SER F 253 -16.38 -8.89 30.43
N GLY F 254 -16.56 -7.81 31.20
CA GLY F 254 -17.73 -7.62 32.04
C GLY F 254 -19.06 -7.45 31.31
N PHE F 255 -19.05 -6.92 30.08
CA PHE F 255 -20.29 -6.84 29.30
C PHE F 255 -20.49 -8.16 28.57
N THR F 256 -21.57 -8.88 28.89
CA THR F 256 -21.73 -10.24 28.37
C THR F 256 -22.90 -10.40 27.38
N ARG F 257 -22.87 -11.51 26.65
CA ARG F 257 -23.98 -11.93 25.79
C ARG F 257 -25.20 -12.40 26.63
N ASP F 258 -24.97 -12.78 27.89
CA ASP F 258 -26.04 -13.24 28.82
C ASP F 258 -26.74 -12.13 29.62
N GLY F 259 -26.67 -10.90 29.14
CA GLY F 259 -27.54 -9.84 29.59
C GLY F 259 -27.14 -9.08 30.84
N VAL F 260 -25.89 -9.20 31.26
CA VAL F 260 -25.42 -8.44 32.42
C VAL F 260 -24.09 -7.74 32.10
N ALA F 261 -23.93 -6.52 32.62
CA ALA F 261 -22.70 -5.76 32.47
C ALA F 261 -22.20 -5.42 33.87
N VAL F 262 -21.10 -6.03 34.26
CA VAL F 262 -20.54 -5.84 35.59
C VAL F 262 -19.08 -5.36 35.54
N PRO F 264 -16.46 -6.24 38.13
CA PRO F 264 -16.02 -6.92 39.35
C PRO F 264 -14.60 -6.55 39.77
N ASP F 265 -14.37 -6.55 41.09
CA ASP F 265 -13.04 -6.31 41.64
C ASP F 265 -12.26 -7.64 41.73
N ASP F 266 -11.34 -7.86 40.78
CA ASP F 266 -10.59 -9.14 40.71
C ASP F 266 -9.76 -9.50 41.97
N GLU F 267 -9.19 -8.47 42.59
CA GLU F 267 -8.42 -8.63 43.83
C GLU F 267 -9.32 -9.08 45.00
N LYS F 268 -10.45 -8.38 45.18
CA LYS F 268 -11.41 -8.72 46.25
C LYS F 268 -12.10 -10.10 46.06
N VAL F 269 -12.52 -10.42 44.83
CA VAL F 269 -13.17 -11.71 44.53
C VAL F 269 -12.26 -12.92 44.78
N GLN F 270 -10.96 -12.75 44.49
CA GLN F 270 -9.91 -13.78 44.75
C GLN F 270 -9.71 -14.07 46.26
N GLU F 271 -9.74 -13.04 47.10
CA GLU F 271 -9.52 -13.18 48.54
C GLU F 271 -10.72 -13.71 49.34
N LEU F 272 -11.93 -13.67 48.77
CA LEU F 272 -13.12 -14.27 49.42
C LEU F 272 -13.28 -15.77 49.11
N LYS F 288 -13.35 -18.93 37.76
CA LYS F 288 -13.31 -17.78 38.67
C LYS F 288 -14.71 -17.24 39.05
N LYS F 289 -15.69 -17.35 38.15
CA LYS F 289 -17.06 -16.88 38.38
C LYS F 289 -17.16 -15.35 38.47
N LEU F 290 -16.31 -14.63 37.75
CA LEU F 290 -16.24 -13.16 37.82
C LEU F 290 -17.50 -12.44 37.29
N ASN F 291 -18.05 -12.96 36.19
CA ASN F 291 -19.18 -12.32 35.49
C ASN F 291 -20.51 -13.08 35.53
N THR F 292 -20.57 -14.18 36.29
CA THR F 292 -21.71 -15.12 36.28
C THR F 292 -22.56 -15.12 37.57
N LYS F 293 -22.07 -14.48 38.62
CA LYS F 293 -22.82 -14.29 39.87
C LYS F 293 -22.47 -12.94 40.49
N PRO F 294 -23.23 -12.50 41.51
CA PRO F 294 -22.90 -11.22 42.13
C PRO F 294 -21.53 -11.20 42.80
N GLN F 295 -20.77 -10.14 42.54
CA GLN F 295 -19.44 -9.96 43.09
C GLN F 295 -19.31 -8.52 43.57
N PRO F 296 -18.40 -8.27 44.52
CA PRO F 296 -18.08 -6.89 44.89
C PRO F 296 -17.48 -6.12 43.69
N GLN F 297 -17.97 -4.89 43.49
CA GLN F 297 -17.63 -4.11 42.30
C GLN F 297 -16.45 -3.17 42.58
N LYS F 298 -15.63 -2.92 41.55
CA LYS F 298 -14.67 -1.84 41.60
C LYS F 298 -15.42 -0.52 41.33
N TRP F 299 -15.34 0.41 42.30
CA TRP F 299 -15.94 1.73 42.18
CA TRP F 299 -15.97 1.74 42.21
C TRP F 299 -14.88 2.76 41.82
N CYS F 300 -14.88 3.19 40.55
CA CYS F 300 -13.77 3.96 40.03
C CYS F 300 -13.74 5.39 40.55
N THR F 301 -12.54 5.98 40.59
CA THR F 301 -12.39 7.40 40.85
C THR F 301 -12.49 8.17 39.54
N GLN F 302 -12.61 9.49 39.63
CA GLN F 302 -12.61 10.34 38.47
C GLN F 302 -11.33 10.11 37.64
N ALA F 303 -10.19 9.99 38.32
CA ALA F 303 -8.91 9.83 37.66
C ALA F 303 -8.83 8.48 36.92
N GLU F 304 -9.33 7.42 37.53
CA GLU F 304 -9.35 6.10 36.86
C GLU F 304 -10.23 6.10 35.61
N ARG F 305 -11.36 6.76 35.72
CA ARG F 305 -12.27 6.92 34.60
C ARG F 305 -11.60 7.70 33.48
N GLN F 306 -10.89 8.76 33.85
CA GLN F 306 -10.17 9.56 32.88
C GLN F 306 -9.08 8.77 32.18
N LEU F 307 -8.32 7.99 32.94
CA LEU F 307 -7.20 7.23 32.36
C LEU F 307 -7.74 6.32 31.26
N ALA F 308 -8.87 5.66 31.51
CA ALA F 308 -9.44 4.73 30.53
C ALA F 308 -9.88 5.43 29.24
N TYR F 309 -10.36 6.66 29.35
CA TYR F 309 -10.70 7.45 28.17
C TYR F 309 -9.44 7.91 27.44
N ASP F 310 -8.43 8.31 28.19
CA ASP F 310 -7.18 8.79 27.60
C ASP F 310 -6.38 7.64 26.95
N ASN F 311 -6.47 6.42 27.50
CA ASN F 311 -5.58 5.35 27.08
C ASN F 311 -6.17 4.32 26.13
N TYR F 312 -7.38 4.60 25.64
CA TYR F 312 -8.07 3.76 24.67
C TYR F 312 -8.83 2.57 25.27
N GLU F 313 -8.85 2.41 26.59
CA GLU F 313 -9.64 1.32 27.18
C GLU F 313 -11.12 1.62 27.11
N THR F 314 -11.53 2.88 27.16
CA THR F 314 -12.93 3.27 26.98
C THR F 314 -13.05 4.06 25.68
N THR F 315 -13.53 3.42 24.61
CA THR F 315 -13.55 4.05 23.28
C THR F 315 -14.87 3.92 22.51
N ASP F 316 -15.33 2.71 22.30
CA ASP F 316 -16.37 2.50 21.28
C ASP F 316 -17.80 2.76 21.79
N ASP F 317 -18.27 3.99 21.57
CA ASP F 317 -19.56 4.46 22.08
CA ASP F 317 -19.56 4.44 22.10
C ASP F 317 -20.77 3.73 21.44
N HIS F 318 -21.33 2.71 22.12
CA HIS F 318 -22.57 2.00 21.68
CA HIS F 318 -22.55 2.09 21.64
C HIS F 318 -23.73 2.66 22.43
N GLY F 319 -24.82 2.93 21.73
CA GLY F 319 -25.97 3.59 22.31
C GLY F 319 -27.07 2.62 22.73
N GLN F 321 -30.69 2.46 25.88
CA GLN F 321 -31.61 3.26 26.70
C GLN F 321 -31.65 2.66 28.11
N ILE F 322 -31.40 3.48 29.12
CA ILE F 322 -31.62 3.07 30.50
C ILE F 322 -33.01 3.52 30.89
N TYR F 323 -33.82 2.61 31.42
CA TYR F 323 -35.23 2.93 31.73
C TYR F 323 -35.66 2.53 33.12
N GLY F 324 -34.75 1.98 33.91
CA GLY F 324 -35.10 1.52 35.24
C GLY F 324 -33.92 1.19 36.11
N ILE F 325 -34.23 0.81 37.35
CA ILE F 325 -33.25 0.42 38.36
C ILE F 325 -33.70 -0.91 38.96
N ALA F 326 -32.77 -1.82 39.16
CA ALA F 326 -33.05 -3.12 39.73
C ALA F 326 -31.96 -3.48 40.73
N LYS F 327 -32.26 -4.50 41.53
CA LYS F 327 -31.33 -5.05 42.51
C LYS F 327 -31.13 -6.53 42.26
N ASP F 328 -29.92 -7.03 42.51
CA ASP F 328 -29.72 -8.47 42.54
C ASP F 328 -30.06 -9.00 43.94
N GLN F 329 -29.92 -10.31 44.13
CA GLN F 329 -30.27 -10.95 45.41
C GLN F 329 -29.39 -10.50 46.59
N GLU F 330 -28.18 -9.98 46.31
CA GLU F 330 -27.31 -9.47 47.36
C GLU F 330 -27.49 -7.96 47.59
N GLY F 331 -28.47 -7.36 46.93
CA GLY F 331 -28.75 -5.92 47.12
C GLY F 331 -27.90 -4.96 46.29
N ASN F 332 -27.01 -5.49 45.45
CA ASN F 332 -26.26 -4.63 44.51
C ASN F 332 -27.21 -3.99 43.49
N GLU F 333 -26.87 -2.79 43.06
CA GLU F 333 -27.76 -2.01 42.22
C GLU F 333 -27.35 -2.05 40.75
N TYR F 334 -28.35 -2.06 39.89
CA TYR F 334 -28.17 -2.15 38.45
C TYR F 334 -29.13 -1.19 37.76
N TYR F 335 -28.70 -0.66 36.61
CA TYR F 335 -29.63 0.01 35.72
C TYR F 335 -30.16 -1.00 34.70
N VAL F 337 -31.56 -1.85 31.08
CA VAL F 337 -31.15 -1.33 29.80
C VAL F 337 -31.93 -1.96 28.65
N LYS F 338 -32.55 -1.13 27.81
CA LYS F 338 -33.16 -1.61 26.59
C LYS F 338 -32.12 -1.56 25.46
N ASN F 339 -31.78 -2.72 24.94
CA ASN F 339 -30.81 -2.87 23.86
C ASN F 339 -31.56 -2.99 22.53
N SER F 340 -30.83 -2.95 21.41
CA SER F 340 -31.43 -3.01 20.08
C SER F 340 -30.89 -4.19 19.29
N TRP F 341 -30.71 -5.33 19.96
CA TRP F 341 -30.25 -6.57 19.30
C TRP F 341 -31.35 -7.61 19.19
N GLY F 342 -32.61 -7.17 19.15
CA GLY F 342 -33.73 -8.09 19.15
C GLY F 342 -33.92 -8.77 20.51
N THR F 343 -34.84 -9.73 20.53
CA THR F 343 -35.31 -10.33 21.78
C THR F 343 -34.79 -11.74 22.06
N ASN F 344 -33.89 -12.25 21.20
CA ASN F 344 -33.32 -13.59 21.40
C ASN F 344 -32.13 -13.58 22.37
N SER F 345 -32.41 -13.37 23.65
CA SER F 345 -31.38 -13.33 24.70
C SER F 345 -32.04 -13.61 26.05
N LYS F 346 -31.23 -13.78 27.09
CA LYS F 346 -31.73 -14.25 28.39
C LYS F 346 -32.94 -13.46 28.89
N TYR F 347 -32.87 -12.12 28.81
CA TYR F 347 -33.95 -11.26 29.33
C TYR F 347 -34.71 -10.56 28.22
N ASN F 348 -34.83 -11.24 27.07
CA ASN F 348 -35.60 -10.78 25.90
C ASN F 348 -35.19 -9.40 25.34
N GLY F 349 -33.88 -9.18 25.24
CA GLY F 349 -33.33 -7.94 24.67
C GLY F 349 -33.02 -6.84 25.70
N ILE F 350 -33.24 -7.16 26.97
CA ILE F 350 -32.95 -6.26 28.09
C ILE F 350 -31.65 -6.69 28.78
N TRP F 351 -30.86 -5.71 29.21
CA TRP F 351 -29.63 -5.93 29.94
C TRP F 351 -29.70 -5.29 31.32
N TYR F 352 -28.91 -5.80 32.24
CA TYR F 352 -28.73 -5.20 33.55
C TYR F 352 -27.27 -4.75 33.66
N ALA F 353 -27.05 -3.45 33.89
CA ALA F 353 -25.71 -2.91 33.98
C ALA F 353 -25.50 -2.40 35.39
N SER F 354 -24.45 -2.85 36.05
CA SER F 354 -24.23 -2.45 37.42
C SER F 354 -23.91 -0.98 37.46
N LYS F 355 -24.24 -0.34 38.58
CA LYS F 355 -23.93 1.06 38.73
C LYS F 355 -22.43 1.30 38.60
N ALA F 356 -21.62 0.37 39.07
CA ALA F 356 -20.16 0.51 38.98
C ALA F 356 -19.71 0.48 37.52
N PHE F 357 -20.30 -0.41 36.72
CA PHE F 357 -20.02 -0.46 35.30
C PHE F 357 -20.37 0.86 34.63
N VAL F 358 -21.57 1.36 34.91
CA VAL F 358 -22.05 2.57 34.26
C VAL F 358 -21.16 3.77 34.61
N ARG F 359 -20.76 3.86 35.87
CA ARG F 359 -19.89 4.94 36.34
C ARG F 359 -18.54 4.99 35.61
N TYR F 360 -17.99 3.83 35.30
CA TYR F 360 -16.68 3.73 34.71
C TYR F 360 -16.72 3.84 33.19
N LYS F 361 -17.71 3.22 32.56
CA LYS F 361 -17.72 3.04 31.12
C LYS F 361 -18.62 3.99 30.31
N THR F 362 -19.43 4.80 30.97
CA THR F 362 -20.30 5.73 30.25
C THR F 362 -19.47 6.79 29.58
N ASN F 364 -21.36 9.27 27.36
CA ASN F 364 -22.27 10.40 27.46
C ASN F 364 -23.70 9.93 27.60
N ILE F 365 -24.56 10.81 28.11
CA ILE F 365 -25.99 10.55 28.16
C ILE F 365 -26.77 11.74 27.68
N VAL F 366 -28.01 11.47 27.24
CA VAL F 366 -28.95 12.54 26.95
C VAL F 366 -30.18 12.29 27.78
N VAL F 367 -30.67 13.34 28.42
CA VAL F 367 -31.93 13.31 29.16
C VAL F 367 -32.69 14.61 28.88
N HIS F 368 -33.98 14.59 29.17
CA HIS F 368 -34.77 15.81 29.17
C HIS F 368 -34.22 16.72 30.27
N LYS F 369 -34.18 18.02 30.02
CA LYS F 369 -33.74 19.00 31.04
C LYS F 369 -34.42 18.84 32.40
N ASP F 370 -35.70 18.50 32.42
CA ASP F 370 -36.45 18.37 33.68
C ASP F 370 -36.10 17.12 34.48
N ALA F 371 -35.30 16.22 33.88
CA ALA F 371 -34.76 15.07 34.59
C ALA F 371 -33.58 15.46 35.51
N LEU F 372 -33.00 16.64 35.30
CA LEU F 372 -31.88 17.11 36.09
C LEU F 372 -32.31 17.60 37.49
N PRO F 373 -31.56 17.24 38.54
CA PRO F 373 -31.85 17.81 39.85
C PRO F 373 -31.62 19.32 39.85
N LYS F 374 -32.45 20.03 40.60
CA LYS F 374 -32.46 21.49 40.62
C LYS F 374 -31.05 22.09 40.80
N ALA F 375 -30.28 21.57 41.74
CA ALA F 375 -28.96 22.13 42.05
C ALA F 375 -28.02 21.99 40.87
N ILE F 376 -28.10 20.85 40.19
CA ILE F 376 -27.23 20.59 39.05
C ILE F 376 -27.62 21.48 37.88
N LYS F 377 -28.91 21.61 37.65
CA LYS F 377 -29.44 22.55 36.66
C LYS F 377 -28.85 23.96 36.88
N ALA F 378 -28.84 24.41 38.13
CA ALA F 378 -28.34 25.74 38.47
C ALA F 378 -26.84 25.86 38.22
N LYS F 379 -26.08 24.84 38.61
CA LYS F 379 -24.63 24.84 38.36
C LYS F 379 -24.28 24.87 36.86
N LEU F 380 -25.13 24.30 36.02
CA LEU F 380 -24.88 24.30 34.58
C LEU F 380 -25.45 25.53 33.88
N GLY F 381 -26.22 26.34 34.60
CA GLY F 381 -26.82 27.54 34.03
C GLY F 381 -28.01 27.27 33.13
N ILE F 382 -28.69 26.16 33.37
CA ILE F 382 -29.82 25.78 32.54
C ILE F 382 -31.07 26.31 33.20
N LYS F 383 -31.72 27.30 32.58
CA LYS F 383 -32.93 27.92 33.17
C LYS F 383 -34.09 26.93 33.16
#